data_7PF2
#
_entry.id   7PF2
#
_cell.length_a   1.00
_cell.length_b   1.00
_cell.length_c   1.00
_cell.angle_alpha   90.00
_cell.angle_beta   90.00
_cell.angle_gamma   90.00
#
_symmetry.space_group_name_H-M   'P 1'
#
loop_
_entity.id
_entity.type
_entity.pdbx_description
1 polymer 'Histone H3.2'
2 polymer 'Histone H4'
3 polymer 'Histone H2A type 1-B/E'
4 polymer 'Histone H2B type 1-K'
5 polymer 'Histone H1.4'
6 polymer 'DNA (541-MER)'
7 polymer 'DNA (541-MER)'
#
loop_
_entity_poly.entity_id
_entity_poly.type
_entity_poly.pdbx_seq_one_letter_code
_entity_poly.pdbx_strand_id
1 'polypeptide(L)'
;MARTKQTARKSTGGKAPRKQLATKAARKSAPATGGVKKPHRYRPGTVALREIRRYQKSTELLIRKLPFQRLVREIAQDFK
TDLRFQSSAVMALQEASEAYLVGLFEDTNLAAIHAKRVTIMPKDIQLARRIRGERA
;
K,O,A,E
2 'polypeptide(L)'
;MSGRGKGGKGLGKGGAKRHRKVLRDNIQGITKPAIRRLARRGGVKRISGLIYEETRGVLKVFLENVIRDAVTYTEHAKRK
TVTAMDVVYALKRQGRTLYGFGG
;
L,P,B,F
3 'polypeptide(L)'
;HHHHHHENLYFQSNAPWMSGRGKQGGKARAKAKTRSSRAGLQFPVGRVHRLLRKGNYSERVGAGAPVYLAAVLEYLTAEI
LELAGNAARDNKKTRIIPRHLQLAIRNDEELNKLLGRVTIAQGGVLPNIQAVLLPKKTESHHKAKGK
;
M,Q,C,G
4 'polypeptide(L)'
;MPEPAKSAPAPKKGSKKAVTKAQKKDGKKRKRSRKESYSVYVYKVLKQVHPDTGISSKAMGIMNSFVNDIFERIAGEASR
LAHYNKRSTITSREIQTAVRLLLPGELAKHAVSEGTKAVTKYTSAK
;
N,R,D,H
5 'polypeptide(L)'
;SETAPAAPAAPAPAEKTPVKKKARKSAGAAKRKASGPPVSELITKAVAASKERSGVSLAALKKALAAAGYDVEKNNSRIK
LGLKSLVSKGTLVQTKGTGASGSFKLNKKAASGEAKPKAKKAGAAKAKKPAGAAKKPKKATGAATPKKSAKKTPKKAKKP
AAAAGAKKAKSPKKAKAAKPKKAPKSPAKAKAVKPKAAKPKTAKPKAAKPKKAAAKKK
;
U
6 'polydeoxyribonucleotide'
;(DA)(DT)(DC)(DT)(DC)(DT)(DC)(DG)(DC)(DG)(DC)(DA)(DC)(DT)(DG)(DG)(DC)(DC)(DG)(DC)
(DC)(DT)(DG)(DG)(DA)(DG)(DA)(DA)(DT)(DC)(DC)(DC)(DG)(DG)(DT)(DG)(DC)(DC)(DG)(DA)
(DG)(DG)(DC)(DC)(DG)(DC)(DT)(DC)(DA)(DA)(DT)(DT)(DG)(DG)(DT)(DC)(DG)(DT)(DA)(DG)
(DA)(DC)(DA)(DG)(DC)(DT)(DC)(DT)(DA)(DG)(DC)(DA)(DC)(DC)(DG)(DC)(DT)(DT)(DA)(DA)
(DA)(DC)(DG)(DC)(DA)(DC)(DG)(DT)(DA)(DC)(DG)(DC)(DG)(DC)(DT)(DG)(DT)(DC)(DC)(DC)
(DC)(DC)(DG)(DC)(DG)(DT)(DT)(DT)(DT)(DA)(DA)(DC)(DC)(DG)(DC)(DC)(DA)(DA)(DG)(DG)
(DG)(DG)(DA)(DT)(DT)(DA)(DC)(DT)(DC)(DC)(DC)(DT)(DA)(DG)(DT)(DC)(DT)(DC)(DC)(DA)
(DG)(DG)(DC)(DA)(DC)(DG)(DT)(DG)(DT)(DC)(DA)(DG)(DA)(DT)(DA)(DT)(DA)(DT)(DA)(DC)
(DA)(DT)(DC)(DC)(DT)(DG)(DT)(DC)(DA)(DT)(DG)(DT)(DA)(DA)(DG)(DT)(DA)(DT)(DT)(DA)
(DA)(DG)(DG)(DT)(DA)(DA)(DC)(DC)(DC)(DG)(DT)(DC)(DT)(DC)(DG)(DC)(DG)(DC)(DA)(DC)
(DT)(DG)(DG)(DC)(DC)(DG)(DC)(DC)(DT)(DG)(DG)(DA)(DG)(DA)(DA)(DT)(DC)(DC)(DC)(DG)
(DG)(DT)(DG)(DC)(DC)(DG)(DA)(DG)(DG)(DC)(DC)(DG)(DC)(DT)(DC)(DA)(DA)(DT)(DT)(DG)
(DG)(DT)(DC)(DG)(DT)(DA)(DG)(DA)(DC)(DA)(DG)(DC)(DT)(DC)(DT)(DA)(DG)(DC)(DA)(DC)
(DC)(DG)(DC)(DT)(DT)(DA)(DA)(DA)(DC)(DG)(DC)(DA)(DC)(DG)(DT)(DA)(DC)(DG)(DC)(DG)
(DC)(DT)(DG)(DT)(DC)(DC)(DC)(DC)(DC)(DG)(DC)(DG)(DT)(DT)(DT)(DT)(DA)(DA)(DC)(DC)
(DG)(DC)(DC)(DA)(DA)(DG)(DG)(DG)(DG)(DA)(DT)(DT)(DA)(DC)(DT)(DC)(DC)(DC)(DT)(DA)
(DG)(DT)(DC)(DT)(DC)(DC)(DA)(DG)(DG)(DC)(DA)(DC)(DG)(DT)(DG)(DT)(DC)(DA)(DG)(DA)
(DT)(DA)(DT)(DA)(DT)(DA)(DC)(DA)(DT)(DC)(DC)(DT)(DG)(DT)(DC)(DA)(DT)(DG)(DT)(DA)
(DA)(DG)(DT)(DA)(DT)(DT)(DA)(DA)(DG)(DG)(DT)(DA)(DA)(DC)(DC)(DC)(DG)(DT)(DC)(DT)
(DC)(DG)(DC)(DG)(DC)(DA)(DC)(DT)(DG)(DG)(DC)(DC)(DG)(DC)(DC)(DT)(DG)(DG)(DA)(DG)
(DA)(DA)(DT)(DC)(DC)(DC)(DG)(DG)(DT)(DG)(DC)(DC)(DG)(DA)(DG)(DG)(DC)(DC)(DG)(DC)
(DT)(DC)(DA)(DA)(DT)(DT)(DG)(DG)(DT)(DC)(DG)(DT)(DA)(DG)(DA)(DC)(DA)(DG)(DC)(DT)
(DC)(DT)(DA)(DG)(DC)(DA)(DC)(DC)(DG)(DC)(DT)(DT)(DA)(DA)(DA)(DC)(DG)(DC)(DA)(DC)
(DG)(DT)(DA)(DC)(DG)(DC)(DG)(DC)(DT)(DG)(DT)(DC)(DC)(DC)(DC)(DC)(DG)(DC)(DG)(DT)
(DT)(DT)(DT)(DA)(DA)(DC)(DC)(DG)(DC)(DC)(DA)(DA)(DG)(DG)(DG)(DG)(DA)(DT)(DT)(DA)
(DC)(DT)(DC)(DC)(DC)(DT)(DA)(DG)(DT)(DC)(DT)(DC)(DC)(DA)(DG)(DG)(DC)(DA)(DC)(DG)
(DT)(DG)(DT)(DC)(DA)(DG)(DA)(DT)(DA)(DT)(DA)(DT)(DA)(DC)(DA)(DT)(DC)(DC)(DT)(DG)
(DT)(DC)(DA)(DT)(DG)(DT)(DA)(DA)(DG)(DT)(DA)(DT)(DT)(DA)(DA)(DG)(DG)(DT)(DA)(DA)
(DC)(DC)(DC)(DG)(DT)(DC)(DT)(DC)(DG)(DC)(DG)(DC)(DA)(DC)(DT)(DG)(DG)(DC)(DC)(DG)
(DC)(DC)(DT)(DG)(DG)(DA)(DG)(DA)(DA)(DT)(DC)(DC)(DC)(DG)(DG)(DT)(DG)(DC)(DC)(DG)
(DA)(DG)(DG)(DC)(DC)(DG)(DC)(DT)(DC)(DA)(DA)(DT)(DT)(DG)(DG)(DT)(DC)(DG)(DT)(DA)
(DG)(DA)(DC)(DA)(DG)(DC)(DT)(DC)(DT)(DA)(DG)(DC)(DA)(DC)(DC)(DG)(DC)(DT)(DT)(DA)
(DA)(DA)(DC)(DG)(DC)(DA)(DC)(DG)(DT)(DA)(DC)(DG)(DC)(DG)(DC)(DT)(DG)(DT)(DC)(DC)
(DC)(DC)(DC)(DG)(DC)(DG)(DT)(DT)(DT)(DT)(DA)(DA)(DC)(DC)(DG)(DC)(DC)(DA)(DA)(DG)
(DG)(DG)(DG)(DA)(DT)(DT)(DA)(DC)(DT)(DC)(DC)(DC)(DT)(DA)(DG)(DT)(DC)(DT)(DC)(DC)
(DA)(DG)(DG)(DC)(DA)(DC)(DG)(DT)(DG)(DT)(DC)(DA)(DG)(DA)(DT)(DA)(DT)(DA)(DT)(DA)
(DC)(DA)(DT)(DC)(DC)(DT)(DG)(DT)(DC)(DA)(DT)(DG)(DT)(DA)(DA)(DG)(DT)(DA)(DT)(DT)
(DA)(DA)(DG)(DG)(DT)(DG)(DA)(DT)
;
I
7 'polydeoxyribonucleotide'
;(DA)(DT)(DC)(DA)(DC)(DC)(DT)(DT)(DA)(DA)(DT)(DA)(DC)(DT)(DT)(DA)(DC)(DA)(DT)(DG)
(DA)(DC)(DA)(DG)(DG)(DA)(DT)(DG)(DT)(DA)(DT)(DA)(DT)(DA)(DT)(DC)(DT)(DG)(DA)(DC)
(DA)(DC)(DG)(DT)(DG)(DC)(DC)(DT)(DG)(DG)(DA)(DG)(DA)(DC)(DT)(DA)(DG)(DG)(DG)(DA)
(DG)(DT)(DA)(DA)(DT)(DC)(DC)(DC)(DC)(DT)(DT)(DG)(DG)(DC)(DG)(DG)(DT)(DT)(DA)(DA)
(DA)(DA)(DC)(DG)(DC)(DG)(DG)(DG)(DG)(DG)(DA)(DC)(DA)(DG)(DC)(DG)(DC)(DG)(DT)(DA)
(DC)(DG)(DT)(DG)(DC)(DG)(DT)(DT)(DT)(DA)(DA)(DG)(DC)(DG)(DG)(DT)(DG)(DC)(DT)(DA)
(DG)(DA)(DG)(DC)(DT)(DG)(DT)(DC)(DT)(DA)(DC)(DG)(DA)(DC)(DC)(DA)(DA)(DT)(DT)(DG)
(DA)(DG)(DC)(DG)(DG)(DC)(DC)(DT)(DC)(DG)(DG)(DC)(DA)(DC)(DC)(DG)(DG)(DG)(DA)(DT)
(DT)(DC)(DT)(DC)(DC)(DA)(DG)(DG)(DC)(DG)(DG)(DC)(DC)(DA)(DG)(DT)(DG)(DC)(DG)(DC)
(DG)(DA)(DG)(DA)(DC)(DG)(DG)(DG)(DT)(DT)(DA)(DC)(DC)(DT)(DT)(DA)(DA)(DT)(DA)(DC)
(DT)(DT)(DA)(DC)(DA)(DT)(DG)(DA)(DC)(DA)(DG)(DG)(DA)(DT)(DG)(DT)(DA)(DT)(DA)(DT)
(DA)(DT)(DC)(DT)(DG)(DA)(DC)(DA)(DC)(DG)(DT)(DG)(DC)(DC)(DT)(DG)(DG)(DA)(DG)(DA)
(DC)(DT)(DA)(DG)(DG)(DG)(DA)(DG)(DT)(DA)(DA)(DT)(DC)(DC)(DC)(DC)(DT)(DT)(DG)(DG)
(DC)(DG)(DG)(DT)(DT)(DA)(DA)(DA)(DA)(DC)(DG)(DC)(DG)(DG)(DG)(DG)(DG)(DA)(DC)(DA)
(DG)(DC)(DG)(DC)(DG)(DT)(DA)(DC)(DG)(DT)(DG)(DC)(DG)(DT)(DT)(DT)(DA)(DA)(DG)(DC)
(DG)(DG)(DT)(DG)(DC)(DT)(DA)(DG)(DA)(DG)(DC)(DT)(DG)(DT)(DC)(DT)(DA)(DC)(DG)(DA)
(DC)(DC)(DA)(DA)(DT)(DT)(DG)(DA)(DG)(DC)(DG)(DG)(DC)(DC)(DT)(DC)(DG)(DG)(DC)(DA)
(DC)(DC)(DG)(DG)(DG)(DA)(DT)(DT)(DC)(DT)(DC)(DC)(DA)(DG)(DG)(DC)(DG)(DG)(DC)(DC)
(DA)(DG)(DT)(DG)(DC)(DG)(DC)(DG)(DA)(DG)(DA)(DC)(DG)(DG)(DG)(DT)(DT)(DA)(DC)(DC)
(DT)(DT)(DA)(DA)(DT)(DA)(DC)(DT)(DT)(DA)(DC)(DA)(DT)(DG)(DA)(DC)(DA)(DG)(DG)(DA)
(DT)(DG)(DT)(DA)(DT)(DA)(DT)(DA)(DT)(DC)(DT)(DG)(DA)(DC)(DA)(DC)(DG)(DT)(DG)(DC)
(DC)(DT)(DG)(DG)(DA)(DG)(DA)(DC)(DT)(DA)(DG)(DG)(DG)(DA)(DG)(DT)(DA)(DA)(DT)(DC)
(DC)(DC)(DC)(DT)(DT)(DG)(DG)(DC)(DG)(DG)(DT)(DT)(DA)(DA)(DA)(DA)(DC)(DG)(DC)(DG)
(DG)(DG)(DG)(DG)(DA)(DC)(DA)(DG)(DC)(DG)(DC)(DG)(DT)(DA)(DC)(DG)(DT)(DG)(DC)(DG)
(DT)(DT)(DT)(DA)(DA)(DG)(DC)(DG)(DG)(DT)(DG)(DC)(DT)(DA)(DG)(DA)(DG)(DC)(DT)(DG)
(DT)(DC)(DT)(DA)(DC)(DG)(DA)(DC)(DC)(DA)(DA)(DT)(DT)(DG)(DA)(DG)(DC)(DG)(DG)(DC)
(DC)(DT)(DC)(DG)(DG)(DC)(DA)(DC)(DC)(DG)(DG)(DG)(DA)(DT)(DT)(DC)(DT)(DC)(DC)(DA)
(DG)(DG)(DC)(DG)(DG)(DC)(DC)(DA)(DG)(DT)(DG)(DC)(DG)(DC)(DG)(DA)(DG)(DA)(DC)(DG)
(DG)(DG)(DT)(DT)(DA)(DC)(DC)(DT)(DT)(DA)(DA)(DT)(DA)(DC)(DT)(DT)(DA)(DC)(DA)(DT)
(DG)(DA)(DC)(DA)(DG)(DG)(DA)(DT)(DG)(DT)(DA)(DT)(DA)(DT)(DA)(DT)(DC)(DT)(DG)(DA)
(DC)(DA)(DC)(DG)(DT)(DG)(DC)(DC)(DT)(DG)(DG)(DA)(DG)(DA)(DC)(DT)(DA)(DG)(DG)(DG)
(DA)(DG)(DT)(DA)(DA)(DT)(DC)(DC)(DC)(DC)(DT)(DT)(DG)(DG)(DC)(DG)(DG)(DT)(DT)(DA)
(DA)(DA)(DA)(DC)(DG)(DC)(DG)(DG)(DG)(DG)(DG)(DA)(DC)(DA)(DG)(DC)(DG)(DC)(DG)(DT)
(DA)(DC)(DG)(DT)(DG)(DC)(DG)(DT)(DT)(DT)(DA)(DA)(DG)(DC)(DG)(DG)(DT)(DG)(DC)(DT)
(DA)(DG)(DA)(DG)(DC)(DT)(DG)(DT)(DC)(DT)(DA)(DC)(DG)(DA)(DC)(DC)(DA)(DA)(DT)(DT)
(DG)(DA)(DG)(DC)(DG)(DG)(DC)(DC)(DT)(DC)(DG)(DG)(DC)(DA)(DC)(DC)(DG)(DG)(DG)(DA)
(DT)(DT)(DC)(DT)(DC)(DC)(DA)(DG)(DG)(DC)(DG)(DG)(DC)(DC)(DA)(DG)(DT)(DG)(DC)(DG)
(DC)(DG)(DA)(DG)(DA)(DG)(DA)(DT)
;
J
#
# COMPACT_ATOMS: atom_id res chain seq x y z
N LYS A 38 -59.02 7.03 -35.45
CA LYS A 38 -57.66 6.94 -34.92
C LYS A 38 -56.68 7.69 -35.84
N PRO A 39 -55.67 8.33 -35.24
CA PRO A 39 -54.64 8.98 -36.06
C PRO A 39 -53.59 8.01 -36.59
N HIS A 40 -52.68 8.56 -37.40
CA HIS A 40 -51.68 7.72 -38.05
C HIS A 40 -50.60 7.34 -37.06
N ARG A 41 -50.27 6.05 -37.01
CA ARG A 41 -49.29 5.51 -36.07
C ARG A 41 -48.77 4.20 -36.61
N TYR A 42 -47.45 4.03 -36.62
CA TYR A 42 -46.82 2.83 -37.13
C TYR A 42 -46.61 1.80 -36.02
N ARG A 43 -46.36 0.55 -36.44
CA ARG A 43 -46.00 -0.49 -35.50
C ARG A 43 -44.59 -0.25 -34.96
N PRO A 44 -44.28 -0.75 -33.77
CA PRO A 44 -42.93 -0.55 -33.20
C PRO A 44 -41.86 -1.23 -34.05
N GLY A 45 -40.84 -0.45 -34.41
CA GLY A 45 -39.77 -0.90 -35.26
C GLY A 45 -39.79 -0.32 -36.66
N THR A 46 -40.97 -0.03 -37.22
CA THR A 46 -41.05 0.53 -38.56
C THR A 46 -40.43 1.93 -38.61
N VAL A 47 -40.80 2.78 -37.64
CA VAL A 47 -40.13 4.06 -37.51
C VAL A 47 -38.67 3.87 -37.10
N ALA A 48 -38.38 2.82 -36.33
CA ALA A 48 -36.99 2.52 -36.00
C ALA A 48 -36.20 2.12 -37.24
N LEU A 49 -36.80 1.32 -38.13
CA LEU A 49 -36.14 0.98 -39.39
C LEU A 49 -35.92 2.22 -40.26
N ARG A 50 -36.92 3.12 -40.28
CA ARG A 50 -36.74 4.37 -41.03
C ARG A 50 -35.62 5.20 -40.44
N GLU A 51 -35.51 5.23 -39.11
CA GLU A 51 -34.43 5.94 -38.45
C GLU A 51 -33.07 5.31 -38.79
N ILE A 52 -32.99 3.98 -38.75
CA ILE A 52 -31.74 3.30 -39.07
C ILE A 52 -31.33 3.58 -40.51
N ARG A 53 -32.28 3.50 -41.45
CA ARG A 53 -31.98 3.76 -42.85
C ARG A 53 -31.59 5.21 -43.08
N ARG A 54 -32.31 6.14 -42.45
CA ARG A 54 -32.06 7.55 -42.67
C ARG A 54 -30.69 7.97 -42.14
N TYR A 55 -30.31 7.48 -40.97
CA TYR A 55 -28.98 7.86 -40.46
C TYR A 55 -27.85 6.92 -40.85
N GLN A 56 -28.10 5.79 -41.50
CA GLN A 56 -26.99 5.20 -42.25
C GLN A 56 -26.77 5.96 -43.54
N LYS A 57 -27.86 6.46 -44.15
CA LYS A 57 -27.70 7.31 -45.32
C LYS A 57 -27.09 8.66 -44.94
N SER A 58 -27.40 9.15 -43.75
CA SER A 58 -27.02 10.50 -43.37
C SER A 58 -25.52 10.61 -43.19
N THR A 59 -24.98 11.77 -43.53
CA THR A 59 -23.58 12.07 -43.32
C THR A 59 -23.36 13.20 -42.34
N GLU A 60 -24.40 13.93 -41.95
CA GLU A 60 -24.26 15.06 -41.05
C GLU A 60 -24.13 14.60 -39.61
N LEU A 61 -23.94 15.57 -38.72
CA LEU A 61 -23.52 15.29 -37.37
C LEU A 61 -24.71 14.83 -36.53
N LEU A 62 -24.47 13.86 -35.65
CA LEU A 62 -25.55 13.31 -34.84
C LEU A 62 -25.73 14.00 -33.50
N ILE A 63 -24.68 14.56 -32.93
CA ILE A 63 -24.75 15.15 -31.60
C ILE A 63 -24.68 16.67 -31.69
N ARG A 64 -25.15 17.32 -30.62
CA ARG A 64 -25.15 18.76 -30.52
C ARG A 64 -23.73 19.30 -30.34
N LYS A 65 -23.50 20.51 -30.85
CA LYS A 65 -22.16 21.10 -30.83
C LYS A 65 -21.81 21.71 -29.47
N LEU A 66 -22.66 22.64 -28.99
CA LEU A 66 -22.31 23.43 -27.81
C LEU A 66 -22.15 22.61 -26.53
N PRO A 67 -23.06 21.68 -26.17
CA PRO A 67 -22.79 20.88 -24.96
C PRO A 67 -21.60 19.96 -25.12
N PHE A 68 -21.28 19.53 -26.34
CA PHE A 68 -20.07 18.74 -26.54
C PHE A 68 -18.83 19.58 -26.27
N GLN A 69 -18.78 20.80 -26.80
CA GLN A 69 -17.63 21.66 -26.55
C GLN A 69 -17.50 22.00 -25.07
N ARG A 70 -18.63 22.24 -24.41
CA ARG A 70 -18.59 22.56 -22.99
C ARG A 70 -18.19 21.35 -22.15
N LEU A 71 -18.56 20.14 -22.59
CA LEU A 71 -18.12 18.92 -21.91
C LEU A 71 -16.62 18.69 -22.09
N VAL A 72 -16.11 18.98 -23.28
CA VAL A 72 -14.66 18.95 -23.50
C VAL A 72 -13.95 19.91 -22.58
N ARG A 73 -14.53 21.10 -22.40
CA ARG A 73 -13.96 22.08 -21.48
C ARG A 73 -14.05 21.59 -20.04
N GLU A 74 -15.15 20.88 -19.71
CA GLU A 74 -15.35 20.32 -18.37
C GLU A 74 -14.27 19.30 -18.03
N ILE A 75 -13.95 18.42 -18.98
CA ILE A 75 -12.85 17.48 -18.79
C ILE A 75 -11.50 18.19 -18.82
N ALA A 76 -11.40 19.27 -19.59
CA ALA A 76 -10.14 19.99 -19.69
C ALA A 76 -9.74 20.63 -18.36
N GLN A 77 -10.65 21.40 -17.77
CA GLN A 77 -10.37 21.99 -16.47
C GLN A 77 -10.43 20.97 -15.35
N ASP A 78 -10.97 19.78 -15.62
CA ASP A 78 -10.76 18.67 -14.69
C ASP A 78 -9.30 18.25 -14.65
N PHE A 79 -8.55 18.48 -15.73
CA PHE A 79 -7.14 18.11 -15.76
C PHE A 79 -6.20 19.30 -15.60
N LYS A 80 -6.28 20.30 -16.48
CA LYS A 80 -5.49 21.52 -16.36
C LYS A 80 -6.40 22.69 -16.68
N THR A 81 -6.41 23.68 -15.80
CA THR A 81 -7.29 24.82 -15.96
C THR A 81 -6.83 25.71 -17.11
N ASP A 82 -7.76 26.57 -17.57
CA ASP A 82 -7.52 27.58 -18.61
C ASP A 82 -7.04 26.94 -19.91
N LEU A 83 -7.72 25.88 -20.34
CA LEU A 83 -7.38 25.21 -21.59
C LEU A 83 -8.40 25.56 -22.67
N ARG A 84 -7.90 25.88 -23.86
CA ARG A 84 -8.72 26.39 -24.95
C ARG A 84 -8.73 25.40 -26.11
N PHE A 85 -9.74 25.52 -26.96
CA PHE A 85 -9.95 24.59 -28.07
C PHE A 85 -10.43 25.37 -29.29
N GLN A 86 -9.82 25.09 -30.45
CA GLN A 86 -10.43 25.58 -31.68
C GLN A 86 -11.66 24.74 -32.01
N SER A 87 -12.53 25.31 -32.86
CA SER A 87 -13.72 24.61 -33.31
C SER A 87 -13.36 23.35 -34.09
N SER A 88 -12.24 23.36 -34.81
CA SER A 88 -11.80 22.19 -35.55
C SER A 88 -11.43 21.04 -34.62
N ALA A 89 -10.80 21.37 -33.48
CA ALA A 89 -10.48 20.33 -32.50
C ALA A 89 -11.75 19.75 -31.88
N VAL A 90 -12.75 20.60 -31.65
CA VAL A 90 -14.03 20.12 -31.14
C VAL A 90 -14.69 19.20 -32.16
N MET A 91 -14.59 19.56 -33.45
CA MET A 91 -15.07 18.68 -34.51
C MET A 91 -14.31 17.34 -34.52
N ALA A 92 -13.01 17.39 -34.24
CA ALA A 92 -12.20 16.17 -34.28
C ALA A 92 -12.58 15.22 -33.15
N LEU A 93 -12.69 15.73 -31.92
CA LEU A 93 -13.21 14.92 -30.82
C LEU A 93 -14.63 14.47 -31.07
N GLN A 94 -15.42 15.29 -31.76
CA GLN A 94 -16.76 14.87 -32.14
C GLN A 94 -16.70 13.63 -33.02
N GLU A 95 -15.99 13.73 -34.15
CA GLU A 95 -15.85 12.64 -35.11
C GLU A 95 -15.32 11.37 -34.45
N ALA A 96 -14.35 11.54 -33.55
CA ALA A 96 -13.86 10.41 -32.78
C ALA A 96 -14.95 9.82 -31.90
N SER A 97 -15.83 10.67 -31.34
CA SER A 97 -16.87 10.14 -30.45
C SER A 97 -17.87 9.31 -31.24
N GLU A 98 -18.38 9.82 -32.38
CA GLU A 98 -19.34 8.95 -33.07
C GLU A 98 -18.67 7.73 -33.67
N ALA A 99 -17.40 7.86 -34.08
CA ALA A 99 -16.70 6.69 -34.61
C ALA A 99 -16.58 5.60 -33.54
N TYR A 100 -16.08 5.97 -32.37
CA TYR A 100 -15.89 5.02 -31.28
C TYR A 100 -17.21 4.44 -30.81
N LEU A 101 -18.20 5.29 -30.54
CA LEU A 101 -19.47 4.83 -30.02
C LEU A 101 -20.20 3.95 -31.02
N VAL A 102 -20.29 4.41 -32.28
CA VAL A 102 -20.98 3.66 -33.32
C VAL A 102 -20.31 2.31 -33.54
N GLY A 103 -18.96 2.28 -33.59
CA GLY A 103 -18.25 1.02 -33.70
C GLY A 103 -18.56 0.07 -32.56
N LEU A 104 -18.66 0.62 -31.34
CA LEU A 104 -19.16 -0.18 -30.24
C LEU A 104 -20.59 -0.64 -30.47
N PHE A 105 -21.40 0.14 -31.21
CA PHE A 105 -22.74 -0.37 -31.46
C PHE A 105 -22.79 -1.48 -32.52
N GLU A 106 -21.93 -1.47 -33.55
CA GLU A 106 -21.94 -2.67 -34.40
C GLU A 106 -21.44 -3.88 -33.61
N ASP A 107 -20.42 -3.69 -32.77
CA ASP A 107 -19.97 -4.80 -31.94
C ASP A 107 -21.08 -5.23 -30.98
N THR A 108 -21.84 -4.27 -30.46
CA THR A 108 -22.86 -4.53 -29.47
C THR A 108 -24.05 -5.26 -30.08
N ASN A 109 -24.52 -4.86 -31.26
CA ASN A 109 -25.68 -5.56 -31.79
C ASN A 109 -25.29 -6.89 -32.43
N LEU A 110 -24.02 -7.07 -32.84
CA LEU A 110 -23.57 -8.43 -33.12
C LEU A 110 -23.62 -9.30 -31.86
N ALA A 111 -23.25 -8.74 -30.72
CA ALA A 111 -23.44 -9.46 -29.46
C ALA A 111 -24.92 -9.73 -29.19
N ALA A 112 -25.77 -8.74 -29.48
CA ALA A 112 -27.20 -8.88 -29.20
C ALA A 112 -27.86 -9.94 -30.07
N ILE A 113 -27.49 -9.98 -31.35
CA ILE A 113 -28.04 -11.03 -32.21
C ILE A 113 -27.41 -12.37 -31.89
N HIS A 114 -26.22 -12.37 -31.28
CA HIS A 114 -25.69 -13.62 -30.75
C HIS A 114 -26.54 -14.15 -29.61
N ALA A 115 -27.06 -13.27 -28.77
CA ALA A 115 -27.88 -13.67 -27.63
C ALA A 115 -29.34 -13.88 -28.01
N LYS A 116 -29.64 -14.00 -29.30
CA LYS A 116 -30.99 -14.24 -29.84
C LYS A 116 -31.97 -13.12 -29.45
N ARG A 117 -31.47 -11.91 -29.19
CA ARG A 117 -32.32 -10.83 -28.73
C ARG A 117 -32.25 -9.64 -29.67
N VAL A 118 -33.36 -8.90 -29.75
CA VAL A 118 -33.40 -7.65 -30.49
C VAL A 118 -33.28 -6.43 -29.58
N THR A 119 -33.40 -6.61 -28.28
CA THR A 119 -33.18 -5.54 -27.31
C THR A 119 -31.81 -5.71 -26.67
N ILE A 120 -30.99 -4.66 -26.74
CA ILE A 120 -29.66 -4.72 -26.17
C ILE A 120 -29.70 -4.36 -24.68
N MET A 121 -28.74 -4.90 -23.95
CA MET A 121 -28.58 -4.73 -22.51
C MET A 121 -27.13 -4.33 -22.25
N PRO A 122 -26.84 -3.69 -21.09
CA PRO A 122 -25.46 -3.23 -20.85
C PRO A 122 -24.39 -4.29 -20.90
N LYS A 123 -24.71 -5.52 -20.44
CA LYS A 123 -23.75 -6.61 -20.39
C LYS A 123 -23.16 -6.90 -21.77
N ASP A 124 -23.93 -6.64 -22.83
CA ASP A 124 -23.40 -6.68 -24.19
C ASP A 124 -22.29 -5.66 -24.35
N ILE A 125 -22.48 -4.44 -23.82
CA ILE A 125 -21.47 -3.40 -24.00
C ILE A 125 -20.20 -3.72 -23.23
N GLN A 126 -20.30 -4.06 -21.92
CA GLN A 126 -19.01 -4.30 -21.27
C GLN A 126 -18.37 -5.63 -21.68
N LEU A 127 -19.15 -6.63 -22.08
CA LEU A 127 -18.56 -7.86 -22.60
C LEU A 127 -17.85 -7.59 -23.92
N ALA A 128 -18.46 -6.75 -24.78
CA ALA A 128 -17.83 -6.36 -26.02
C ALA A 128 -16.54 -5.59 -25.79
N ARG A 129 -16.56 -4.68 -24.80
CA ARG A 129 -15.36 -3.93 -24.45
C ARG A 129 -14.28 -4.86 -23.90
N ARG A 130 -14.68 -5.91 -23.19
CA ARG A 130 -13.70 -6.85 -22.67
C ARG A 130 -13.09 -7.72 -23.77
N ILE A 131 -13.91 -8.15 -24.73
CA ILE A 131 -13.38 -8.94 -25.85
C ILE A 131 -12.45 -8.09 -26.70
N ARG A 132 -12.76 -6.80 -26.84
CA ARG A 132 -11.90 -5.90 -27.62
C ARG A 132 -10.51 -5.78 -27.00
N GLY A 133 -10.39 -6.03 -25.70
CA GLY A 133 -9.08 -6.13 -25.09
C GLY A 133 -8.68 -4.87 -24.37
N GLU A 134 -9.63 -4.28 -23.67
CA GLU A 134 -9.36 -3.09 -22.88
C GLU A 134 -8.65 -3.47 -21.60
N LYS B 21 -17.77 29.78 -15.04
CA LYS B 21 -16.44 29.34 -15.43
C LYS B 21 -16.29 27.84 -15.23
N VAL B 22 -16.39 27.42 -13.98
CA VAL B 22 -16.33 26.00 -13.63
C VAL B 22 -17.70 25.38 -13.88
N LEU B 23 -17.71 24.13 -14.33
CA LEU B 23 -18.93 23.37 -14.54
C LEU B 23 -18.90 22.11 -13.69
N ARG B 24 -20.09 21.60 -13.34
CA ARG B 24 -20.21 20.34 -12.60
C ARG B 24 -20.63 19.16 -13.46
N ASP B 25 -21.77 19.23 -14.14
CA ASP B 25 -22.44 18.02 -14.61
C ASP B 25 -23.01 18.23 -16.03
N ASN B 26 -22.15 18.60 -16.97
CA ASN B 26 -22.59 18.84 -18.34
C ASN B 26 -22.62 17.54 -19.17
N ILE B 27 -22.26 16.40 -18.57
CA ILE B 27 -22.26 15.11 -19.25
C ILE B 27 -23.62 14.68 -19.80
N GLN B 28 -24.73 15.16 -19.22
CA GLN B 28 -26.03 14.98 -19.87
C GLN B 28 -26.24 15.91 -21.05
N GLY B 29 -25.31 16.81 -21.34
CA GLY B 29 -25.41 17.60 -22.56
C GLY B 29 -25.32 16.76 -23.82
N ILE B 30 -24.61 15.64 -23.76
CA ILE B 30 -24.81 14.59 -24.75
C ILE B 30 -26.13 13.93 -24.41
N THR B 31 -27.18 14.35 -25.09
CA THR B 31 -28.53 13.97 -24.69
C THR B 31 -28.83 12.53 -25.05
N LYS B 32 -29.88 12.00 -24.42
CA LYS B 32 -30.35 10.65 -24.74
C LYS B 32 -30.78 10.48 -26.20
N PRO B 33 -31.55 11.39 -26.83
CA PRO B 33 -31.82 11.21 -28.27
C PRO B 33 -30.58 11.30 -29.16
N ALA B 34 -29.53 12.00 -28.73
CA ALA B 34 -28.27 11.95 -29.45
C ALA B 34 -27.70 10.53 -29.43
N ILE B 35 -27.80 9.86 -28.28
CA ILE B 35 -27.35 8.49 -28.16
C ILE B 35 -28.23 7.57 -29.00
N ARG B 36 -29.54 7.86 -29.05
CA ARG B 36 -30.44 7.08 -29.91
C ARG B 36 -30.08 7.22 -31.37
N ARG B 37 -29.77 8.44 -31.82
CA ARG B 37 -29.36 8.66 -33.21
C ARG B 37 -28.03 7.97 -33.50
N LEU B 38 -27.12 7.99 -32.52
CA LEU B 38 -25.86 7.26 -32.65
C LEU B 38 -26.09 5.77 -32.85
N ALA B 39 -27.00 5.19 -32.06
CA ALA B 39 -27.27 3.77 -32.19
C ALA B 39 -28.06 3.46 -33.45
N ARG B 40 -28.81 4.43 -33.96
CA ARG B 40 -29.45 4.25 -35.26
C ARG B 40 -28.40 4.21 -36.38
N ARG B 41 -27.36 5.04 -36.27
CA ARG B 41 -26.21 4.87 -37.16
C ARG B 41 -25.49 3.57 -36.86
N GLY B 42 -25.46 3.17 -35.60
CA GLY B 42 -24.94 1.86 -35.25
C GLY B 42 -25.88 0.71 -35.51
N GLY B 43 -27.09 1.01 -35.99
CA GLY B 43 -28.04 -0.02 -36.35
C GLY B 43 -28.61 -0.79 -35.17
N VAL B 44 -28.90 -0.10 -34.08
CA VAL B 44 -29.58 -0.71 -32.94
C VAL B 44 -31.06 -0.39 -33.04
N LYS B 45 -31.89 -1.43 -33.08
CA LYS B 45 -33.33 -1.20 -33.19
C LYS B 45 -33.88 -0.70 -31.87
N ARG B 46 -33.65 -1.43 -30.79
CA ARG B 46 -34.26 -1.14 -29.51
C ARG B 46 -33.16 -0.84 -28.50
N ILE B 47 -33.24 0.33 -27.88
CA ILE B 47 -32.25 0.82 -26.94
C ILE B 47 -32.92 0.93 -25.58
N SER B 48 -32.47 0.12 -24.64
CA SER B 48 -33.08 0.12 -23.33
C SER B 48 -32.76 1.40 -22.58
N GLY B 49 -33.62 1.72 -21.61
CA GLY B 49 -33.39 2.90 -20.78
C GLY B 49 -32.19 2.75 -19.89
N LEU B 50 -31.78 1.51 -19.61
CA LEU B 50 -30.57 1.26 -18.85
C LEU B 50 -29.31 1.59 -19.66
N ILE B 51 -29.42 1.64 -20.99
CA ILE B 51 -28.25 1.68 -21.86
C ILE B 51 -27.55 3.04 -21.77
N TYR B 52 -28.33 4.12 -21.65
CA TYR B 52 -27.81 5.46 -21.83
C TYR B 52 -26.78 5.82 -20.77
N GLU B 53 -26.93 5.26 -19.57
CA GLU B 53 -25.99 5.51 -18.49
C GLU B 53 -24.61 4.92 -18.77
N GLU B 54 -24.53 3.66 -19.22
CA GLU B 54 -23.17 3.17 -19.46
C GLU B 54 -22.62 3.71 -20.77
N THR B 55 -23.48 4.13 -21.71
CA THR B 55 -22.93 4.81 -22.88
C THR B 55 -22.28 6.13 -22.49
N ARG B 56 -22.93 6.90 -21.61
CA ARG B 56 -22.28 8.10 -21.09
C ARG B 56 -21.03 7.76 -20.29
N GLY B 57 -21.05 6.66 -19.54
CA GLY B 57 -19.89 6.27 -18.76
C GLY B 57 -18.70 5.87 -19.62
N VAL B 58 -18.93 5.06 -20.64
CA VAL B 58 -17.84 4.64 -21.52
C VAL B 58 -17.38 5.80 -22.37
N LEU B 59 -18.29 6.72 -22.71
CA LEU B 59 -17.90 7.90 -23.46
C LEU B 59 -17.01 8.79 -22.59
N LYS B 60 -17.33 8.89 -21.30
CA LYS B 60 -16.46 9.54 -20.33
C LYS B 60 -15.11 8.86 -20.25
N VAL B 61 -15.10 7.52 -20.23
CA VAL B 61 -13.84 6.77 -20.13
C VAL B 61 -12.97 7.02 -21.35
N PHE B 62 -13.56 6.93 -22.54
CA PHE B 62 -12.82 7.09 -23.77
C PHE B 62 -12.31 8.51 -23.92
N LEU B 63 -13.17 9.50 -23.67
CA LEU B 63 -12.72 10.88 -23.74
C LEU B 63 -11.71 11.19 -22.65
N GLU B 64 -11.82 10.55 -21.48
CA GLU B 64 -10.83 10.78 -20.43
C GLU B 64 -9.46 10.30 -20.89
N ASN B 65 -9.42 9.14 -21.54
CA ASN B 65 -8.17 8.63 -22.10
C ASN B 65 -7.63 9.56 -23.19
N VAL B 66 -8.51 9.94 -24.11
CA VAL B 66 -8.09 10.72 -25.28
C VAL B 66 -7.64 12.13 -24.87
N ILE B 67 -8.41 12.77 -24.00
CA ILE B 67 -8.04 14.10 -23.53
C ILE B 67 -6.85 14.07 -22.57
N ARG B 68 -6.67 12.98 -21.82
CA ARG B 68 -5.44 12.83 -21.06
C ARG B 68 -4.24 12.82 -21.99
N ASP B 69 -4.34 12.03 -23.05
CA ASP B 69 -3.28 11.94 -24.05
C ASP B 69 -3.05 13.29 -24.72
N ALA B 70 -4.14 13.96 -25.10
CA ALA B 70 -4.06 15.21 -25.85
C ALA B 70 -3.49 16.33 -24.98
N VAL B 71 -3.91 16.38 -23.72
CA VAL B 71 -3.37 17.34 -22.77
C VAL B 71 -1.89 17.08 -22.55
N THR B 72 -1.49 15.82 -22.53
CA THR B 72 -0.08 15.49 -22.39
C THR B 72 0.71 15.96 -23.62
N TYR B 73 0.13 15.80 -24.82
CA TYR B 73 0.75 16.33 -26.03
C TYR B 73 0.92 17.84 -25.97
N THR B 74 -0.16 18.56 -25.62
CA THR B 74 -0.11 20.02 -25.62
C THR B 74 0.82 20.55 -24.53
N GLU B 75 0.81 19.91 -23.36
CA GLU B 75 1.71 20.32 -22.29
C GLU B 75 3.16 19.99 -22.63
N HIS B 76 3.38 18.97 -23.46
CA HIS B 76 4.72 18.76 -24.00
C HIS B 76 5.12 19.91 -24.90
N ALA B 77 4.19 20.44 -25.67
CA ALA B 77 4.48 21.50 -26.62
C ALA B 77 4.48 22.90 -26.01
N LYS B 78 4.27 22.99 -24.68
CA LYS B 78 4.31 24.25 -23.93
C LYS B 78 3.29 25.26 -24.45
N ARG B 79 2.13 24.77 -24.89
CA ARG B 79 1.02 25.60 -25.33
C ARG B 79 -0.13 25.54 -24.34
N LYS B 80 -1.15 26.35 -24.61
CA LYS B 80 -2.34 26.41 -23.78
C LYS B 80 -3.62 26.20 -24.59
N THR B 81 -3.51 25.92 -25.88
CA THR B 81 -4.67 25.65 -26.72
C THR B 81 -4.48 24.32 -27.41
N VAL B 82 -5.47 23.43 -27.28
CA VAL B 82 -5.41 22.12 -27.91
C VAL B 82 -5.69 22.27 -29.39
N THR B 83 -4.80 21.74 -30.22
CA THR B 83 -5.00 21.67 -31.65
C THR B 83 -5.62 20.32 -32.03
N ALA B 84 -6.25 20.30 -33.20
CA ALA B 84 -6.77 19.04 -33.72
C ALA B 84 -5.66 18.12 -34.20
N MET B 85 -4.49 18.68 -34.51
CA MET B 85 -3.33 17.87 -34.85
C MET B 85 -2.91 17.00 -33.68
N ASP B 86 -2.91 17.58 -32.47
CA ASP B 86 -2.61 16.78 -31.29
C ASP B 86 -3.70 15.75 -31.01
N VAL B 87 -4.94 16.07 -31.40
CA VAL B 87 -6.04 15.13 -31.24
C VAL B 87 -5.83 13.92 -32.13
N VAL B 88 -5.46 14.15 -33.39
CA VAL B 88 -5.26 13.02 -34.28
C VAL B 88 -3.98 12.28 -33.93
N TYR B 89 -3.00 12.94 -33.30
CA TYR B 89 -1.88 12.20 -32.73
C TYR B 89 -2.32 11.27 -31.60
N ALA B 90 -3.22 11.75 -30.74
CA ALA B 90 -3.74 10.91 -29.68
C ALA B 90 -4.55 9.74 -30.25
N LEU B 91 -5.22 9.96 -31.38
CA LEU B 91 -5.91 8.87 -32.02
C LEU B 91 -4.96 7.91 -32.73
N LYS B 92 -3.80 8.40 -33.19
CA LYS B 92 -2.74 7.49 -33.66
C LYS B 92 -2.23 6.62 -32.53
N ARG B 93 -1.99 7.19 -31.35
CA ARG B 93 -1.44 6.43 -30.24
C ARG B 93 -2.40 5.33 -29.78
N GLN B 94 -3.67 5.66 -29.60
CA GLN B 94 -4.57 4.73 -28.93
C GLN B 94 -5.15 3.72 -29.91
N GLY B 95 -4.92 3.92 -31.20
CA GLY B 95 -5.33 2.93 -32.19
C GLY B 95 -6.70 3.18 -32.79
N ARG B 96 -7.10 4.44 -32.89
CA ARG B 96 -8.32 4.81 -33.60
C ARG B 96 -8.01 5.94 -34.58
N THR B 97 -7.10 5.67 -35.51
CA THR B 97 -6.62 6.65 -36.49
C THR B 97 -7.76 7.27 -37.29
N LEU B 98 -7.80 8.59 -37.30
CA LEU B 98 -8.87 9.33 -37.94
C LEU B 98 -8.32 10.13 -39.11
N TYR B 99 -9.09 10.18 -40.19
CA TYR B 99 -8.66 10.84 -41.41
C TYR B 99 -9.38 12.17 -41.55
N GLY B 100 -8.66 13.20 -42.01
CA GLY B 100 -9.34 14.38 -42.50
C GLY B 100 -9.15 15.66 -41.72
N PHE B 101 -8.24 15.66 -40.75
CA PHE B 101 -7.95 16.88 -39.99
C PHE B 101 -6.44 17.09 -39.92
N GLY B 102 -5.78 16.98 -41.07
CA GLY B 102 -4.39 17.37 -41.17
C GLY B 102 -3.41 16.48 -40.46
N GLY B 103 -3.77 15.22 -40.23
CA GLY B 103 -2.88 14.29 -39.57
C GLY B 103 -1.65 13.94 -40.40
N ALA C 28 46.79 11.04 -17.09
CA ALA C 28 46.19 11.94 -16.12
C ALA C 28 44.67 11.97 -16.28
N ARG C 29 44.14 11.00 -17.01
CA ARG C 29 42.70 10.91 -17.20
C ARG C 29 42.02 10.48 -15.91
N ALA C 30 40.77 10.92 -15.76
CA ALA C 30 39.99 10.54 -14.59
C ALA C 30 39.61 9.06 -14.65
N LYS C 31 39.28 8.50 -13.49
CA LYS C 31 38.91 7.09 -13.42
C LYS C 31 37.57 6.87 -14.11
N ALA C 32 37.49 5.77 -14.85
CA ALA C 32 36.26 5.43 -15.58
C ALA C 32 35.21 4.99 -14.57
N LYS C 33 34.32 5.91 -14.22
CA LYS C 33 33.23 5.65 -13.28
C LYS C 33 31.93 5.64 -14.06
N THR C 34 30.99 4.81 -13.63
CA THR C 34 29.88 4.43 -14.48
C THR C 34 28.75 5.45 -14.38
N ARG C 35 28.07 5.64 -15.51
CA ARG C 35 26.93 6.57 -15.55
C ARG C 35 25.72 5.99 -14.83
N SER C 36 25.62 4.66 -14.76
CA SER C 36 24.52 4.03 -14.03
C SER C 36 24.61 4.30 -12.54
N SER C 37 25.83 4.25 -12.00
CA SER C 37 26.03 4.64 -10.61
C SER C 37 25.91 6.14 -10.43
N ARG C 38 26.17 6.92 -11.48
CA ARG C 38 25.84 8.34 -11.44
C ARG C 38 24.35 8.55 -11.32
N ALA C 39 23.58 7.68 -11.97
CA ALA C 39 22.15 7.57 -11.74
C ALA C 39 21.84 6.82 -10.46
N GLY C 40 22.83 6.18 -9.84
CA GLY C 40 22.58 5.27 -8.76
C GLY C 40 21.79 4.06 -9.16
N LEU C 41 21.84 3.69 -10.43
CA LEU C 41 20.99 2.65 -10.97
C LEU C 41 21.84 1.55 -11.56
N GLN C 42 21.18 0.50 -12.04
CA GLN C 42 21.86 -0.68 -12.55
C GLN C 42 21.67 -0.91 -14.03
N PHE C 43 20.49 -0.60 -14.58
CA PHE C 43 20.31 -0.68 -16.04
C PHE C 43 21.17 0.39 -16.70
N PRO C 44 21.93 0.03 -17.73
CA PRO C 44 22.97 0.93 -18.26
C PRO C 44 22.40 2.21 -18.86
N VAL C 45 23.04 3.32 -18.52
CA VAL C 45 22.93 4.50 -19.36
C VAL C 45 23.61 4.23 -20.70
N GLY C 46 24.69 3.43 -20.67
CA GLY C 46 25.45 3.17 -21.89
C GLY C 46 24.71 2.34 -22.91
N ARG C 47 24.21 1.15 -22.51
CA ARG C 47 23.49 0.31 -23.46
C ARG C 47 22.17 0.96 -23.90
N VAL C 48 21.44 1.58 -22.99
CA VAL C 48 20.17 2.19 -23.37
C VAL C 48 20.40 3.37 -24.30
N HIS C 49 21.42 4.19 -24.02
CA HIS C 49 21.77 5.28 -24.92
C HIS C 49 22.22 4.75 -26.28
N ARG C 50 22.95 3.63 -26.28
CA ARG C 50 23.42 3.05 -27.55
C ARG C 50 22.26 2.51 -28.38
N LEU C 51 21.30 1.82 -27.76
CA LEU C 51 20.15 1.35 -28.53
C LEU C 51 19.17 2.47 -28.88
N LEU C 52 19.20 3.59 -28.17
CA LEU C 52 18.44 4.74 -28.66
C LEU C 52 19.12 5.38 -29.87
N ARG C 53 20.44 5.53 -29.82
CA ARG C 53 21.15 6.13 -30.96
C ARG C 53 21.07 5.23 -32.20
N LYS C 54 21.29 3.94 -32.03
CA LYS C 54 21.33 3.01 -33.14
C LYS C 54 19.97 2.36 -33.42
N GLY C 55 18.95 2.67 -32.61
CA GLY C 55 17.61 2.32 -32.97
C GLY C 55 16.94 3.28 -33.93
N ASN C 56 17.61 4.39 -34.22
CA ASN C 56 17.17 5.40 -35.18
C ASN C 56 15.78 5.96 -34.83
N TYR C 57 15.75 6.69 -33.71
CA TYR C 57 14.52 7.32 -33.25
C TYR C 57 14.57 8.84 -33.31
N SER C 58 15.76 9.44 -33.24
CA SER C 58 15.92 10.87 -33.42
C SER C 58 17.34 11.15 -33.86
N GLU C 59 17.56 12.37 -34.35
CA GLU C 59 18.90 12.79 -34.73
C GLU C 59 19.78 13.02 -33.49
N ARG C 60 19.22 13.68 -32.48
CA ARG C 60 19.94 13.96 -31.23
C ARG C 60 19.12 13.43 -30.07
N VAL C 61 19.82 12.98 -29.03
CA VAL C 61 19.17 12.39 -27.86
C VAL C 61 19.70 13.08 -26.61
N GLY C 62 18.79 13.65 -25.81
CA GLY C 62 19.17 14.31 -24.59
C GLY C 62 19.69 13.34 -23.54
N ALA C 63 20.50 13.88 -22.64
CA ALA C 63 21.16 13.06 -21.63
C ALA C 63 20.17 12.51 -20.61
N GLY C 64 19.06 13.20 -20.39
CA GLY C 64 18.06 12.67 -19.48
C GLY C 64 17.30 11.48 -20.03
N ALA C 65 17.32 11.31 -21.35
CA ALA C 65 16.55 10.25 -21.99
C ALA C 65 16.96 8.84 -21.55
N PRO C 66 18.24 8.41 -21.62
CA PRO C 66 18.52 7.02 -21.27
C PRO C 66 18.46 6.76 -19.78
N VAL C 67 18.81 7.75 -18.95
CA VAL C 67 18.71 7.55 -17.51
C VAL C 67 17.25 7.45 -17.09
N TYR C 68 16.38 8.26 -17.68
CA TYR C 68 14.96 8.20 -17.37
C TYR C 68 14.35 6.87 -17.80
N LEU C 69 14.72 6.40 -19.00
CA LEU C 69 14.12 5.18 -19.50
C LEU C 69 14.70 3.96 -18.80
N ALA C 70 15.98 3.98 -18.46
CA ALA C 70 16.55 2.92 -17.63
C ALA C 70 15.90 2.91 -16.26
N ALA C 71 15.54 4.08 -15.74
CA ALA C 71 14.87 4.16 -14.45
C ALA C 71 13.49 3.53 -14.51
N VAL C 72 12.73 3.78 -15.57
CA VAL C 72 11.39 3.19 -15.63
C VAL C 72 11.47 1.68 -15.87
N LEU C 73 12.44 1.22 -16.65
CA LEU C 73 12.64 -0.23 -16.76
C LEU C 73 13.07 -0.86 -15.44
N GLU C 74 13.91 -0.17 -14.66
CA GLU C 74 14.30 -0.74 -13.37
C GLU C 74 13.14 -0.74 -12.39
N TYR C 75 12.30 0.29 -12.44
CA TYR C 75 11.10 0.26 -11.61
C TYR C 75 10.18 -0.88 -11.99
N LEU C 76 9.92 -1.06 -13.29
CA LEU C 76 9.04 -2.14 -13.73
C LEU C 76 9.64 -3.50 -13.40
N THR C 77 10.95 -3.66 -13.61
CA THR C 77 11.63 -4.90 -13.31
C THR C 77 11.59 -5.23 -11.83
N ALA C 78 11.86 -4.24 -10.97
CA ALA C 78 11.83 -4.46 -9.54
C ALA C 78 10.44 -4.83 -9.06
N GLU C 79 9.42 -4.17 -9.62
CA GLU C 79 8.04 -4.46 -9.24
C GLU C 79 7.63 -5.87 -9.67
N ILE C 80 7.97 -6.25 -10.90
CA ILE C 80 7.53 -7.56 -11.37
C ILE C 80 8.32 -8.69 -10.73
N LEU C 81 9.61 -8.49 -10.42
CA LEU C 81 10.33 -9.52 -9.68
C LEU C 81 9.98 -9.54 -8.21
N GLU C 82 9.50 -8.44 -7.62
CA GLU C 82 8.85 -8.50 -6.32
C GLU C 82 7.64 -9.42 -6.35
N LEU C 83 6.75 -9.19 -7.31
CA LEU C 83 5.56 -10.05 -7.41
C LEU C 83 5.94 -11.49 -7.78
N ALA C 84 6.99 -11.67 -8.57
CA ALA C 84 7.47 -13.01 -8.91
C ALA C 84 8.02 -13.73 -7.70
N GLY C 85 8.80 -13.04 -6.87
CA GLY C 85 9.33 -13.65 -5.67
C GLY C 85 8.24 -14.01 -4.68
N ASN C 86 7.26 -13.13 -4.50
CA ASN C 86 6.13 -13.45 -3.63
C ASN C 86 5.30 -14.60 -4.19
N ALA C 87 5.16 -14.68 -5.51
CA ALA C 87 4.43 -15.79 -6.12
C ALA C 87 5.18 -17.10 -5.94
N ALA C 88 6.51 -17.08 -6.03
CA ALA C 88 7.29 -18.29 -5.85
C ALA C 88 7.26 -18.76 -4.39
N ARG C 89 7.36 -17.83 -3.45
CA ARG C 89 7.30 -18.21 -2.04
C ARG C 89 5.90 -18.64 -1.64
N ASP C 90 4.88 -18.15 -2.36
CA ASP C 90 3.52 -18.64 -2.14
C ASP C 90 3.40 -20.09 -2.57
N ASN C 91 4.10 -20.47 -3.65
CA ASN C 91 4.15 -21.86 -4.09
C ASN C 91 5.34 -22.60 -3.48
N LYS C 92 5.87 -22.10 -2.35
CA LYS C 92 6.98 -22.69 -1.56
C LYS C 92 8.20 -23.09 -2.40
N LYS C 93 8.40 -22.45 -3.54
CA LYS C 93 9.50 -22.78 -4.42
C LYS C 93 10.52 -21.66 -4.41
N THR C 94 11.77 -22.01 -4.73
CA THR C 94 12.89 -21.08 -4.60
C THR C 94 13.23 -20.35 -5.89
N ARG C 95 13.24 -21.06 -7.01
CA ARG C 95 13.73 -20.48 -8.26
C ARG C 95 12.54 -20.01 -9.10
N ILE C 96 12.68 -18.81 -9.68
CA ILE C 96 11.58 -18.18 -10.41
C ILE C 96 11.35 -18.94 -11.71
N ILE C 97 10.07 -19.13 -12.03
CA ILE C 97 9.65 -19.83 -13.24
C ILE C 97 8.65 -18.94 -13.97
N PRO C 98 8.56 -19.06 -15.29
CA PRO C 98 7.55 -18.26 -16.03
C PRO C 98 6.10 -18.50 -15.61
N ARG C 99 5.78 -19.62 -14.96
CA ARG C 99 4.48 -19.73 -14.30
C ARG C 99 4.32 -18.64 -13.25
N HIS C 100 5.34 -18.44 -12.40
CA HIS C 100 5.29 -17.36 -11.41
C HIS C 100 5.21 -16.00 -12.08
N LEU C 101 5.90 -15.84 -13.21
CA LEU C 101 5.87 -14.55 -13.91
C LEU C 101 4.49 -14.25 -14.44
N GLN C 102 3.85 -15.23 -15.07
CA GLN C 102 2.54 -15.03 -15.68
C GLN C 102 1.48 -14.78 -14.60
N LEU C 103 1.58 -15.54 -13.49
CA LEU C 103 0.76 -15.28 -12.31
C LEU C 103 0.96 -13.86 -11.81
N ALA C 104 2.21 -13.41 -11.75
CA ALA C 104 2.53 -12.09 -11.22
C ALA C 104 1.98 -10.99 -12.13
N ILE C 105 2.01 -11.20 -13.45
CA ILE C 105 1.49 -10.18 -14.36
C ILE C 105 -0.02 -10.05 -14.23
N ARG C 106 -0.77 -11.15 -14.26
CA ARG C 106 -2.21 -10.89 -14.24
C ARG C 106 -2.84 -11.01 -12.85
N ASN C 107 -2.09 -10.78 -11.78
CA ASN C 107 -2.72 -10.27 -10.57
C ASN C 107 -2.83 -8.75 -10.57
N ASP C 108 -2.02 -8.09 -11.38
CA ASP C 108 -1.85 -6.64 -11.31
C ASP C 108 -2.63 -6.00 -12.46
N GLU C 109 -3.53 -5.08 -12.11
CA GLU C 109 -4.43 -4.50 -13.11
C GLU C 109 -3.68 -3.61 -14.09
N GLU C 110 -2.79 -2.75 -13.59
CA GLU C 110 -2.08 -1.85 -14.49
C GLU C 110 -0.99 -2.55 -15.28
N LEU C 111 -0.42 -3.63 -14.73
CA LEU C 111 0.46 -4.47 -15.55
C LEU C 111 -0.33 -5.18 -16.64
N ASN C 112 -1.55 -5.64 -16.32
CA ASN C 112 -2.39 -6.28 -17.32
C ASN C 112 -2.77 -5.30 -18.42
N LYS C 113 -3.06 -4.06 -18.05
CA LYS C 113 -3.39 -3.04 -19.03
C LYS C 113 -2.15 -2.67 -19.84
N LEU C 114 -0.98 -2.77 -19.22
CA LEU C 114 0.27 -2.58 -19.96
C LEU C 114 0.53 -3.73 -20.93
N LEU C 115 0.30 -4.97 -20.49
CA LEU C 115 0.71 -6.14 -21.24
C LEU C 115 -0.47 -7.00 -21.67
N GLY C 116 -1.54 -6.36 -22.15
CA GLY C 116 -2.72 -7.11 -22.54
C GLY C 116 -2.51 -8.00 -23.76
N ARG C 117 -1.69 -7.53 -24.71
CA ARG C 117 -1.55 -8.19 -26.00
C ARG C 117 -0.27 -9.01 -26.09
N VAL C 118 0.36 -9.31 -24.95
CA VAL C 118 1.65 -10.00 -24.89
C VAL C 118 1.43 -11.36 -24.27
N THR C 119 2.03 -12.38 -24.88
CA THR C 119 1.92 -13.76 -24.41
C THR C 119 3.26 -14.25 -23.85
N ILE C 120 3.22 -14.81 -22.66
CA ILE C 120 4.40 -15.24 -21.92
C ILE C 120 4.70 -16.70 -22.29
N ALA C 121 5.97 -16.99 -22.59
CA ALA C 121 6.38 -18.36 -22.91
C ALA C 121 6.28 -19.24 -21.67
N GLN C 122 5.65 -20.41 -21.81
CA GLN C 122 5.50 -21.43 -20.78
C GLN C 122 4.83 -20.91 -19.51
N GLY C 123 4.08 -19.82 -19.61
CA GLY C 123 3.46 -19.23 -18.44
C GLY C 123 2.10 -19.83 -18.13
N GLY C 124 1.44 -20.35 -19.16
CA GLY C 124 0.09 -20.85 -18.95
C GLY C 124 -0.86 -19.69 -18.70
N VAL C 125 -1.97 -20.03 -18.04
CA VAL C 125 -3.00 -19.05 -17.69
C VAL C 125 -3.22 -19.12 -16.19
N LEU C 126 -3.29 -17.97 -15.56
CA LEU C 126 -3.67 -17.91 -14.15
C LEU C 126 -5.10 -18.44 -14.00
N PRO C 127 -5.41 -19.11 -12.90
CA PRO C 127 -6.77 -19.60 -12.70
C PRO C 127 -7.78 -18.47 -12.59
N ASN C 128 -8.59 -18.33 -13.64
CA ASN C 128 -9.60 -17.28 -13.73
C ASN C 128 -10.86 -18.01 -14.21
N ILE C 129 -11.62 -18.55 -13.26
CA ILE C 129 -12.71 -19.45 -13.58
C ILE C 129 -14.02 -18.71 -13.38
N GLN C 130 -14.85 -18.69 -14.41
CA GLN C 130 -16.12 -18.01 -14.35
C GLN C 130 -17.11 -18.83 -13.51
N ALA C 131 -18.00 -18.13 -12.81
CA ALA C 131 -18.70 -18.73 -11.68
C ALA C 131 -19.79 -19.72 -12.06
N VAL C 132 -20.52 -19.52 -13.16
CA VAL C 132 -21.71 -20.36 -13.36
C VAL C 132 -21.29 -21.74 -13.85
N LEU C 133 -20.13 -21.84 -14.50
CA LEU C 133 -19.65 -23.15 -14.95
C LEU C 133 -19.03 -23.96 -13.81
N LEU C 134 -18.77 -23.33 -12.67
CA LEU C 134 -18.41 -24.07 -11.47
C LEU C 134 -19.63 -24.81 -10.95
N PRO C 135 -19.44 -25.99 -10.34
CA PRO C 135 -20.58 -26.74 -9.80
C PRO C 135 -21.14 -26.08 -8.55
N LYS C 136 -22.38 -26.44 -8.25
CA LYS C 136 -23.07 -25.87 -7.10
C LYS C 136 -22.94 -26.78 -5.89
N LYS D 31 35.96 -19.25 -29.28
CA LYS D 31 34.83 -18.49 -28.77
C LYS D 31 33.92 -18.03 -29.90
N ARG D 32 32.70 -17.63 -29.56
CA ARG D 32 31.74 -17.09 -30.50
C ARG D 32 31.57 -15.60 -30.26
N SER D 33 30.83 -14.95 -31.16
CA SER D 33 30.50 -13.55 -30.99
C SER D 33 29.52 -13.36 -29.84
N ARG D 34 29.62 -12.21 -29.17
CA ARG D 34 28.78 -11.94 -28.01
C ARG D 34 27.36 -11.61 -28.44
N LYS D 35 26.39 -12.37 -27.92
CA LYS D 35 24.98 -12.05 -28.07
C LYS D 35 24.57 -11.24 -26.85
N GLU D 36 24.42 -9.93 -27.04
CA GLU D 36 24.20 -9.03 -25.92
C GLU D 36 22.82 -9.22 -25.31
N SER D 37 22.74 -9.06 -23.99
CA SER D 37 21.52 -9.31 -23.24
C SER D 37 21.46 -8.41 -22.02
N TYR D 38 20.49 -8.68 -21.16
CA TYR D 38 20.33 -7.97 -19.89
C TYR D 38 20.61 -8.88 -18.71
N SER D 39 21.63 -9.73 -18.80
CA SER D 39 21.78 -10.84 -17.88
C SER D 39 22.12 -10.42 -16.46
N VAL D 40 23.33 -9.86 -16.30
CA VAL D 40 23.85 -9.52 -14.98
C VAL D 40 22.98 -8.48 -14.32
N TYR D 41 22.28 -7.67 -15.10
CA TYR D 41 21.43 -6.62 -14.55
C TYR D 41 20.20 -7.20 -13.87
N VAL D 42 19.58 -8.21 -14.50
CA VAL D 42 18.43 -8.85 -13.88
C VAL D 42 18.85 -9.62 -12.63
N TYR D 43 20.00 -10.31 -12.68
CA TYR D 43 20.45 -10.93 -11.42
C TYR D 43 20.78 -9.91 -10.32
N LYS D 44 21.42 -8.78 -10.63
CA LYS D 44 21.73 -7.85 -9.55
C LYS D 44 20.49 -7.13 -9.02
N VAL D 45 19.51 -6.85 -9.89
CA VAL D 45 18.30 -6.22 -9.36
C VAL D 45 17.51 -7.23 -8.53
N LEU D 46 17.58 -8.51 -8.87
CA LEU D 46 16.96 -9.50 -8.01
C LEU D 46 17.71 -9.63 -6.67
N LYS D 47 19.04 -9.57 -6.69
CA LYS D 47 19.80 -9.59 -5.44
C LYS D 47 19.51 -8.36 -4.58
N GLN D 48 19.17 -7.24 -5.21
CA GLN D 48 18.64 -6.12 -4.42
C GLN D 48 17.26 -6.44 -3.84
N VAL D 49 16.36 -7.00 -4.66
CA VAL D 49 14.98 -7.05 -4.20
C VAL D 49 14.65 -8.36 -3.48
N HIS D 50 15.32 -9.45 -3.81
CA HIS D 50 15.11 -10.74 -3.13
C HIS D 50 16.43 -11.50 -3.14
N PRO D 51 17.19 -11.46 -2.04
CA PRO D 51 18.52 -12.09 -2.04
C PRO D 51 18.50 -13.61 -2.17
N ASP D 52 17.41 -14.28 -1.81
CA ASP D 52 17.42 -15.73 -1.63
C ASP D 52 16.86 -16.52 -2.79
N THR D 53 16.05 -15.92 -3.66
CA THR D 53 15.41 -16.68 -4.72
C THR D 53 16.31 -16.79 -5.96
N GLY D 54 16.04 -17.81 -6.78
CA GLY D 54 16.84 -18.11 -7.94
C GLY D 54 16.12 -17.78 -9.24
N ILE D 55 16.87 -17.94 -10.34
CA ILE D 55 16.41 -17.54 -11.67
C ILE D 55 16.58 -18.73 -12.61
N SER D 56 15.53 -19.02 -13.39
CA SER D 56 15.59 -19.99 -14.46
C SER D 56 15.90 -19.31 -15.79
N SER D 57 16.39 -20.10 -16.74
CA SER D 57 16.74 -19.54 -18.06
C SER D 57 15.50 -19.11 -18.83
N LYS D 58 14.39 -19.83 -18.68
CA LYS D 58 13.14 -19.43 -19.32
C LYS D 58 12.64 -18.10 -18.79
N ALA D 59 12.62 -17.95 -17.45
CA ALA D 59 12.22 -16.68 -16.85
C ALA D 59 13.15 -15.56 -17.26
N MET D 60 14.44 -15.87 -17.44
CA MET D 60 15.39 -14.83 -17.85
C MET D 60 15.13 -14.43 -19.30
N GLY D 61 14.77 -15.38 -20.15
CA GLY D 61 14.39 -15.03 -21.52
C GLY D 61 13.12 -14.19 -21.56
N ILE D 62 12.17 -14.48 -20.66
CA ILE D 62 10.96 -13.67 -20.54
C ILE D 62 11.32 -12.25 -20.15
N MET D 63 12.26 -12.09 -19.21
CA MET D 63 12.66 -10.75 -18.78
C MET D 63 13.40 -10.01 -19.89
N ASN D 64 14.22 -10.72 -20.66
CA ASN D 64 14.88 -10.10 -21.81
C ASN D 64 13.87 -9.61 -22.83
N SER D 65 12.85 -10.41 -23.11
CA SER D 65 11.88 -10.00 -24.11
C SER D 65 10.97 -8.90 -23.58
N PHE D 66 10.75 -8.88 -22.26
CA PHE D 66 10.01 -7.78 -21.64
C PHE D 66 10.76 -6.46 -21.76
N VAL D 67 12.05 -6.46 -21.43
CA VAL D 67 12.84 -5.24 -21.54
C VAL D 67 12.92 -4.79 -23.00
N ASN D 68 13.04 -5.76 -23.92
CA ASN D 68 13.01 -5.42 -25.35
C ASN D 68 11.69 -4.76 -25.75
N ASP D 69 10.57 -5.32 -25.29
CA ASP D 69 9.26 -4.78 -25.66
C ASP D 69 9.04 -3.38 -25.10
N ILE D 70 9.33 -3.19 -23.81
CA ILE D 70 9.05 -1.90 -23.19
C ILE D 70 9.99 -0.84 -23.72
N PHE D 71 11.28 -1.19 -23.90
CA PHE D 71 12.20 -0.24 -24.51
C PHE D 71 11.77 0.12 -25.92
N GLU D 72 11.27 -0.85 -26.68
CA GLU D 72 10.85 -0.57 -28.05
C GLU D 72 9.63 0.34 -28.06
N ARG D 73 8.65 0.11 -27.17
CA ARG D 73 7.47 0.95 -27.11
C ARG D 73 7.82 2.39 -26.75
N ILE D 74 8.63 2.56 -25.70
CA ILE D 74 8.96 3.91 -25.24
C ILE D 74 9.83 4.63 -26.26
N ALA D 75 10.80 3.93 -26.86
CA ALA D 75 11.64 4.56 -27.88
C ALA D 75 10.84 4.95 -29.11
N GLY D 76 9.90 4.09 -29.54
CA GLY D 76 9.08 4.42 -30.68
C GLY D 76 8.17 5.60 -30.43
N GLU D 77 7.56 5.68 -29.24
CA GLU D 77 6.73 6.83 -28.93
C GLU D 77 7.55 8.09 -28.74
N ALA D 78 8.78 7.97 -28.23
CA ALA D 78 9.67 9.12 -28.18
C ALA D 78 9.99 9.63 -29.58
N SER D 79 10.23 8.71 -30.52
CA SER D 79 10.44 9.09 -31.92
C SER D 79 9.19 9.75 -32.49
N ARG D 80 8.02 9.26 -32.11
CA ARG D 80 6.77 9.86 -32.56
C ARG D 80 6.64 11.30 -32.08
N LEU D 81 6.92 11.55 -30.80
CA LEU D 81 6.89 12.92 -30.29
C LEU D 81 8.00 13.79 -30.89
N ALA D 82 9.11 13.17 -31.28
CA ALA D 82 10.15 13.93 -31.97
C ALA D 82 9.66 14.44 -33.32
N HIS D 83 9.03 13.58 -34.09
CA HIS D 83 8.48 14.00 -35.39
C HIS D 83 7.31 14.95 -35.21
N TYR D 84 6.55 14.77 -34.13
CA TYR D 84 5.25 15.43 -33.97
C TYR D 84 5.41 16.89 -33.57
N ASN D 85 6.39 17.19 -32.73
CA ASN D 85 6.72 18.57 -32.37
C ASN D 85 7.84 19.15 -33.21
N LYS D 86 8.21 18.49 -34.30
CA LYS D 86 9.34 18.81 -35.19
C LYS D 86 10.62 19.05 -34.37
N ARG D 87 10.92 18.04 -33.56
CA ARG D 87 12.06 18.06 -32.66
C ARG D 87 13.06 17.01 -33.10
N SER D 88 14.31 17.40 -33.26
CA SER D 88 15.38 16.46 -33.51
C SER D 88 16.01 15.95 -32.21
N THR D 89 15.47 16.38 -31.07
CA THR D 89 16.07 16.17 -29.77
C THR D 89 15.14 15.35 -28.90
N ILE D 90 15.65 14.29 -28.28
CA ILE D 90 14.88 13.49 -27.34
C ILE D 90 15.62 13.45 -26.01
N THR D 91 15.12 14.21 -25.04
CA THR D 91 15.62 14.24 -23.67
C THR D 91 14.58 13.62 -22.74
N SER D 92 14.82 13.71 -21.43
CA SER D 92 13.95 13.08 -20.44
C SER D 92 12.53 13.62 -20.45
N ARG D 93 12.31 14.81 -20.99
CA ARG D 93 10.98 15.40 -20.97
C ARG D 93 10.03 14.66 -21.90
N GLU D 94 10.52 14.28 -23.08
CA GLU D 94 9.70 13.49 -23.99
C GLU D 94 9.43 12.09 -23.46
N ILE D 95 10.37 11.47 -22.75
CA ILE D 95 10.06 10.18 -22.14
C ILE D 95 9.11 10.36 -20.96
N GLN D 96 9.19 11.49 -20.25
CA GLN D 96 8.17 11.75 -19.23
C GLN D 96 6.79 11.89 -19.87
N THR D 97 6.74 12.53 -21.03
CA THR D 97 5.52 12.57 -21.83
C THR D 97 5.08 11.16 -22.20
N ALA D 98 6.02 10.32 -22.64
CA ALA D 98 5.69 8.98 -23.09
C ALA D 98 5.26 8.07 -21.96
N VAL D 99 5.88 8.20 -20.78
CA VAL D 99 5.46 7.44 -19.62
C VAL D 99 4.07 7.87 -19.19
N ARG D 100 3.79 9.18 -19.25
CA ARG D 100 2.44 9.63 -18.97
C ARG D 100 1.46 9.10 -20.01
N LEU D 101 1.91 8.89 -21.24
CA LEU D 101 1.06 8.28 -22.25
C LEU D 101 0.80 6.79 -22.00
N LEU D 102 1.86 6.00 -21.95
CA LEU D 102 1.73 4.55 -22.06
C LEU D 102 1.41 3.90 -20.72
N LEU D 103 2.29 4.06 -19.74
CA LEU D 103 2.08 3.43 -18.45
C LEU D 103 0.91 4.09 -17.73
N PRO D 104 -0.07 3.32 -17.25
CA PRO D 104 -1.29 3.92 -16.72
C PRO D 104 -1.14 4.31 -15.25
N GLY D 105 -1.44 5.57 -14.96
CA GLY D 105 -1.73 6.04 -13.61
C GLY D 105 -0.68 5.86 -12.54
N GLU D 106 -0.89 4.84 -11.70
CA GLU D 106 -0.06 4.59 -10.53
C GLU D 106 1.39 4.36 -10.95
N LEU D 107 1.59 3.46 -11.91
CA LEU D 107 2.94 3.19 -12.41
C LEU D 107 3.52 4.42 -13.10
N ALA D 108 2.67 5.22 -13.74
CA ALA D 108 3.15 6.41 -14.44
C ALA D 108 3.75 7.39 -13.45
N LYS D 109 3.02 7.74 -12.40
CA LYS D 109 3.53 8.72 -11.45
C LYS D 109 4.67 8.13 -10.62
N HIS D 110 4.63 6.83 -10.35
CA HIS D 110 5.78 6.18 -9.71
C HIS D 110 7.03 6.31 -10.57
N ALA D 111 6.89 6.02 -11.86
CA ALA D 111 8.00 6.05 -12.80
C ALA D 111 8.55 7.46 -12.93
N VAL D 112 7.66 8.45 -12.97
CA VAL D 112 8.11 9.84 -13.01
C VAL D 112 8.87 10.19 -11.74
N SER D 113 8.45 9.64 -10.59
CA SER D 113 9.16 9.95 -9.35
C SER D 113 10.59 9.40 -9.38
N GLU D 114 10.78 8.11 -9.68
CA GLU D 114 12.18 7.66 -9.55
C GLU D 114 13.00 8.14 -10.74
N GLY D 115 12.37 8.40 -11.88
CA GLY D 115 13.10 8.98 -12.99
C GLY D 115 13.56 10.40 -12.70
N THR D 116 12.72 11.18 -12.02
CA THR D 116 13.13 12.51 -11.59
C THR D 116 14.24 12.44 -10.56
N LYS D 117 14.18 11.48 -9.62
CA LYS D 117 15.28 11.32 -8.68
C LYS D 117 16.56 10.93 -9.42
N ALA D 118 16.44 10.05 -10.42
CA ALA D 118 17.59 9.61 -11.19
C ALA D 118 18.21 10.75 -11.98
N VAL D 119 17.38 11.60 -12.59
CA VAL D 119 17.96 12.69 -13.38
C VAL D 119 18.52 13.76 -12.47
N THR D 120 17.97 13.94 -11.26
CA THR D 120 18.57 14.88 -10.32
C THR D 120 19.93 14.38 -9.83
N LYS D 121 20.05 13.08 -9.54
CA LYS D 121 21.37 12.57 -9.18
C LYS D 121 22.32 12.55 -10.37
N TYR D 122 21.78 12.50 -11.58
CA TYR D 122 22.61 12.66 -12.77
C TYR D 122 23.13 14.08 -12.89
N THR D 123 22.29 15.08 -12.60
CA THR D 123 22.76 16.46 -12.61
C THR D 123 23.73 16.74 -11.47
N SER D 124 23.56 16.07 -10.34
CA SER D 124 24.50 16.18 -9.24
C SER D 124 25.66 15.21 -9.37
N ALA D 125 25.68 14.42 -10.46
CA ALA D 125 26.73 13.44 -10.78
C ALA D 125 26.98 12.44 -9.67
N LYS E 38 -20.69 -52.67 -8.60
CA LYS E 38 -20.72 -51.57 -9.56
C LYS E 38 -19.42 -50.78 -9.51
N PRO E 39 -18.75 -50.66 -10.66
CA PRO E 39 -17.59 -49.77 -10.75
C PRO E 39 -17.99 -48.32 -10.55
N HIS E 40 -17.11 -47.56 -9.90
CA HIS E 40 -17.41 -46.18 -9.59
C HIS E 40 -17.32 -45.31 -10.84
N ARG E 41 -18.27 -44.40 -11.00
CA ARG E 41 -18.35 -43.53 -12.16
C ARG E 41 -18.61 -42.11 -11.68
N TYR E 42 -17.76 -41.18 -12.09
CA TYR E 42 -17.94 -39.79 -11.73
C TYR E 42 -19.00 -39.15 -12.64
N ARG E 43 -19.68 -38.13 -12.11
CA ARG E 43 -20.74 -37.48 -12.84
C ARG E 43 -20.18 -36.67 -14.01
N PRO E 44 -20.95 -36.48 -15.07
CA PRO E 44 -20.50 -35.64 -16.19
C PRO E 44 -20.29 -34.20 -15.76
N GLY E 45 -19.09 -33.69 -16.04
CA GLY E 45 -18.69 -32.35 -15.64
C GLY E 45 -17.67 -32.33 -14.51
N THR E 46 -17.73 -33.29 -13.59
CA THR E 46 -16.79 -33.33 -12.48
C THR E 46 -15.37 -33.59 -12.97
N VAL E 47 -15.22 -34.60 -13.85
CA VAL E 47 -13.93 -34.87 -14.47
C VAL E 47 -13.55 -33.72 -15.40
N ALA E 48 -14.54 -33.05 -16.00
CA ALA E 48 -14.25 -31.85 -16.79
C ALA E 48 -13.66 -30.75 -15.92
N LEU E 49 -14.25 -30.49 -14.75
CA LEU E 49 -13.69 -29.50 -13.84
C LEU E 49 -12.32 -29.91 -13.31
N ARG E 50 -12.12 -31.22 -13.09
CA ARG E 50 -10.80 -31.67 -12.66
C ARG E 50 -9.77 -31.46 -13.75
N GLU E 51 -10.15 -31.66 -15.02
CA GLU E 51 -9.26 -31.35 -16.13
C GLU E 51 -8.99 -29.86 -16.20
N ILE E 52 -10.02 -29.03 -15.95
CA ILE E 52 -9.84 -27.58 -15.95
C ILE E 52 -8.83 -27.17 -14.89
N ARG E 53 -9.01 -27.65 -13.66
CA ARG E 53 -8.11 -27.27 -12.57
C ARG E 53 -6.70 -27.79 -12.80
N ARG E 54 -6.57 -29.02 -13.30
CA ARG E 54 -5.27 -29.60 -13.58
C ARG E 54 -4.54 -28.78 -14.64
N TYR E 55 -5.25 -28.43 -15.72
CA TYR E 55 -4.59 -27.81 -16.86
C TYR E 55 -4.39 -26.31 -16.68
N GLN E 56 -5.23 -25.66 -15.86
CA GLN E 56 -4.89 -24.31 -15.42
C GLN E 56 -3.68 -24.33 -14.51
N LYS E 57 -3.60 -25.31 -13.61
CA LYS E 57 -2.39 -25.44 -12.81
C LYS E 57 -1.21 -25.83 -13.69
N SER E 58 -1.44 -26.63 -14.72
CA SER E 58 -0.35 -27.08 -15.57
C SER E 58 0.19 -25.95 -16.43
N THR E 59 1.45 -26.08 -16.83
CA THR E 59 2.09 -25.14 -17.74
C THR E 59 2.63 -25.80 -19.01
N GLU E 60 2.53 -27.12 -19.15
CA GLU E 60 3.18 -27.81 -20.25
C GLU E 60 2.33 -27.75 -21.52
N LEU E 61 2.95 -28.20 -22.61
CA LEU E 61 2.34 -28.15 -23.93
C LEU E 61 1.22 -29.17 -24.05
N LEU E 62 0.17 -28.81 -24.78
CA LEU E 62 -1.00 -29.66 -24.91
C LEU E 62 -1.13 -30.29 -26.29
N ILE E 63 -0.13 -30.15 -27.15
CA ILE E 63 -0.14 -30.70 -28.50
C ILE E 63 1.06 -31.63 -28.61
N ARG E 64 0.85 -32.80 -29.25
CA ARG E 64 1.99 -33.63 -29.63
C ARG E 64 2.87 -32.88 -30.62
N LYS E 65 4.17 -32.84 -30.32
CA LYS E 65 5.07 -31.87 -30.93
C LYS E 65 5.42 -32.25 -32.36
N LEU E 66 5.59 -33.54 -32.64
CA LEU E 66 5.99 -33.98 -33.97
C LEU E 66 4.86 -33.88 -35.00
N PRO E 67 3.60 -34.26 -34.71
CA PRO E 67 2.53 -33.92 -35.69
C PRO E 67 2.33 -32.43 -35.89
N PHE E 68 2.56 -31.62 -34.86
CA PHE E 68 2.57 -30.17 -35.04
C PHE E 68 3.66 -29.75 -36.01
N GLN E 69 4.85 -30.33 -35.87
CA GLN E 69 5.95 -29.99 -36.75
C GLN E 69 5.66 -30.43 -38.18
N ARG E 70 5.05 -31.61 -38.33
CA ARG E 70 4.62 -32.07 -39.65
C ARG E 70 3.61 -31.11 -40.28
N LEU E 71 2.64 -30.64 -39.49
CA LEU E 71 1.65 -29.71 -40.01
C LEU E 71 2.27 -28.38 -40.42
N VAL E 72 3.19 -27.86 -39.60
CA VAL E 72 3.76 -26.55 -39.95
C VAL E 72 4.69 -26.69 -41.15
N ARG E 73 5.36 -27.83 -41.31
CA ARG E 73 6.14 -28.04 -42.52
C ARG E 73 5.25 -28.17 -43.75
N GLU E 74 4.07 -28.80 -43.57
CA GLU E 74 3.11 -28.91 -44.66
C GLU E 74 2.62 -27.54 -45.11
N ILE E 75 2.23 -26.69 -44.16
CA ILE E 75 1.68 -25.39 -44.55
C ILE E 75 2.77 -24.45 -45.01
N ALA E 76 4.00 -24.63 -44.53
CA ALA E 76 5.13 -23.89 -45.09
C ALA E 76 5.37 -24.30 -46.53
N GLN E 77 5.25 -25.60 -46.83
CA GLN E 77 5.41 -26.07 -48.19
C GLN E 77 4.33 -25.55 -49.13
N ASP E 78 3.18 -25.17 -48.57
CA ASP E 78 2.13 -24.55 -49.39
C ASP E 78 2.59 -23.20 -49.93
N PHE E 79 3.41 -22.48 -49.17
CA PHE E 79 3.86 -21.16 -49.60
C PHE E 79 5.27 -21.16 -50.16
N LYS E 80 6.17 -21.98 -49.63
CA LYS E 80 7.53 -22.05 -50.17
C LYS E 80 8.07 -23.45 -49.97
N THR E 81 8.61 -24.02 -51.03
CA THR E 81 8.97 -25.43 -51.06
C THR E 81 10.30 -25.67 -50.34
N ASP E 82 10.36 -26.79 -49.62
CA ASP E 82 11.57 -27.34 -49.00
C ASP E 82 12.15 -26.39 -47.95
N LEU E 83 11.29 -25.75 -47.18
CA LEU E 83 11.74 -24.94 -46.06
C LEU E 83 12.16 -25.83 -44.90
N ARG E 84 13.04 -25.29 -44.06
CA ARG E 84 13.54 -26.01 -42.90
C ARG E 84 13.21 -25.23 -41.63
N PHE E 85 12.95 -25.98 -40.57
CA PHE E 85 12.46 -25.44 -39.31
C PHE E 85 13.46 -25.71 -38.19
N GLN E 86 13.83 -24.67 -37.47
CA GLN E 86 14.48 -24.87 -36.19
C GLN E 86 13.47 -25.48 -35.23
N SER E 87 13.95 -26.40 -34.39
CA SER E 87 13.06 -27.03 -33.40
C SER E 87 12.54 -25.99 -32.42
N SER E 88 13.39 -25.04 -32.04
CA SER E 88 12.94 -23.91 -31.23
C SER E 88 11.93 -23.04 -31.99
N ALA E 89 12.07 -22.93 -33.30
CA ALA E 89 11.08 -22.20 -34.08
C ALA E 89 9.74 -22.93 -34.10
N VAL E 90 9.79 -24.26 -34.17
CA VAL E 90 8.56 -25.05 -34.05
C VAL E 90 7.94 -24.84 -32.67
N MET E 91 8.77 -24.76 -31.63
CA MET E 91 8.25 -24.52 -30.29
C MET E 91 7.64 -23.12 -30.16
N ALA E 92 8.25 -22.15 -30.83
CA ALA E 92 7.72 -20.79 -30.76
C ALA E 92 6.39 -20.67 -31.50
N LEU E 93 6.30 -21.28 -32.68
CA LEU E 93 5.02 -21.35 -33.39
C LEU E 93 3.99 -22.12 -32.58
N GLN E 94 4.42 -23.16 -31.87
CA GLN E 94 3.55 -23.88 -30.96
C GLN E 94 3.00 -22.98 -29.87
N GLU E 95 3.86 -22.26 -29.17
CA GLU E 95 3.39 -21.51 -28.02
C GLU E 95 2.55 -20.33 -28.46
N ALA E 96 2.94 -19.66 -29.55
CA ALA E 96 2.13 -18.56 -30.07
C ALA E 96 0.78 -19.06 -30.53
N SER E 97 0.75 -20.23 -31.18
CA SER E 97 -0.51 -20.79 -31.66
C SER E 97 -1.43 -21.15 -30.50
N GLU E 98 -0.90 -21.83 -29.47
CA GLU E 98 -1.75 -22.22 -28.35
C GLU E 98 -2.19 -21.01 -27.54
N ALA E 99 -1.35 -19.97 -27.47
CA ALA E 99 -1.75 -18.74 -26.81
C ALA E 99 -2.89 -18.06 -27.57
N TYR E 100 -2.79 -18.03 -28.89
CA TYR E 100 -3.88 -17.54 -29.73
C TYR E 100 -5.15 -18.34 -29.49
N LEU E 101 -5.01 -19.66 -29.41
CA LEU E 101 -6.18 -20.52 -29.20
C LEU E 101 -6.79 -20.32 -27.82
N VAL E 102 -5.97 -20.17 -26.78
CA VAL E 102 -6.57 -20.01 -25.45
C VAL E 102 -7.19 -18.62 -25.31
N GLY E 103 -6.64 -17.61 -26.01
CA GLY E 103 -7.31 -16.32 -26.04
C GLY E 103 -8.65 -16.38 -26.73
N LEU E 104 -8.71 -17.06 -27.88
CA LEU E 104 -9.97 -17.24 -28.59
C LEU E 104 -10.96 -18.05 -27.78
N PHE E 105 -10.50 -19.08 -27.08
CA PHE E 105 -11.41 -19.90 -26.28
C PHE E 105 -11.89 -19.16 -25.04
N GLU E 106 -11.06 -18.30 -24.47
CA GLU E 106 -11.51 -17.44 -23.38
C GLU E 106 -12.61 -16.51 -23.87
N ASP E 107 -12.43 -15.97 -25.08
CA ASP E 107 -13.43 -15.12 -25.69
C ASP E 107 -14.74 -15.89 -25.93
N THR E 108 -14.62 -17.14 -26.39
CA THR E 108 -15.83 -17.92 -26.68
C THR E 108 -16.49 -18.42 -25.41
N ASN E 109 -15.73 -18.61 -24.33
CA ASN E 109 -16.37 -18.89 -23.04
C ASN E 109 -17.20 -17.70 -22.59
N LEU E 110 -16.68 -16.48 -22.77
CA LEU E 110 -17.48 -15.30 -22.47
C LEU E 110 -18.70 -15.21 -23.39
N ALA E 111 -18.53 -15.59 -24.65
CA ALA E 111 -19.66 -15.63 -25.57
C ALA E 111 -20.69 -16.69 -25.17
N ALA E 112 -20.24 -17.81 -24.63
CA ALA E 112 -21.14 -18.89 -24.25
C ALA E 112 -21.92 -18.55 -22.99
N ILE E 113 -21.25 -17.98 -22.00
CA ILE E 113 -21.96 -17.54 -20.80
C ILE E 113 -22.83 -16.32 -21.12
N HIS E 114 -22.50 -15.58 -22.18
CA HIS E 114 -23.38 -14.55 -22.69
C HIS E 114 -24.70 -15.14 -23.17
N ALA E 115 -24.63 -16.26 -23.88
CA ALA E 115 -25.79 -16.85 -24.53
C ALA E 115 -26.57 -17.80 -23.62
N LYS E 116 -26.42 -17.65 -22.30
CA LYS E 116 -27.14 -18.44 -21.29
C LYS E 116 -26.85 -19.94 -21.43
N ARG E 117 -25.69 -20.28 -21.95
CA ARG E 117 -25.33 -21.65 -22.27
C ARG E 117 -23.95 -21.98 -21.71
N VAL E 118 -23.57 -23.24 -21.82
CA VAL E 118 -22.22 -23.66 -21.48
C VAL E 118 -21.55 -24.43 -22.62
N THR E 119 -22.31 -25.07 -23.50
CA THR E 119 -21.72 -25.72 -24.67
C THR E 119 -21.34 -24.65 -25.67
N ILE E 120 -20.06 -24.55 -25.98
CA ILE E 120 -19.59 -23.57 -26.96
C ILE E 120 -19.93 -24.07 -28.36
N MET E 121 -20.23 -23.13 -29.24
CA MET E 121 -20.78 -23.40 -30.56
C MET E 121 -19.97 -22.67 -31.61
N PRO E 122 -20.07 -23.09 -32.88
CA PRO E 122 -19.41 -22.32 -33.95
C PRO E 122 -19.83 -20.88 -34.05
N LYS E 123 -21.07 -20.55 -33.69
CA LYS E 123 -21.50 -19.16 -33.67
C LYS E 123 -20.73 -18.35 -32.64
N ASP E 124 -20.33 -18.98 -31.52
CA ASP E 124 -19.50 -18.28 -30.54
C ASP E 124 -18.12 -17.96 -31.10
N ILE E 125 -17.53 -18.90 -31.83
CA ILE E 125 -16.20 -18.68 -32.40
C ILE E 125 -16.26 -17.62 -33.49
N GLN E 126 -17.29 -17.67 -34.33
CA GLN E 126 -17.51 -16.66 -35.35
C GLN E 126 -17.74 -15.29 -34.73
N LEU E 127 -18.50 -15.24 -33.62
CA LEU E 127 -18.71 -14.00 -32.90
C LEU E 127 -17.40 -13.43 -32.38
N ALA E 128 -16.58 -14.28 -31.74
CA ALA E 128 -15.34 -13.82 -31.13
C ALA E 128 -14.39 -13.27 -32.18
N ARG E 129 -14.26 -13.99 -33.30
CA ARG E 129 -13.43 -13.49 -34.38
C ARG E 129 -13.98 -12.22 -35.00
N ARG E 130 -15.30 -12.09 -35.11
CA ARG E 130 -15.85 -10.87 -35.70
C ARG E 130 -15.69 -9.68 -34.76
N ILE E 131 -15.76 -9.92 -33.45
CA ILE E 131 -15.52 -8.84 -32.49
C ILE E 131 -14.06 -8.43 -32.52
N ARG E 132 -13.15 -9.40 -32.62
CA ARG E 132 -11.73 -9.06 -32.55
C ARG E 132 -11.23 -8.33 -33.79
N GLY E 133 -12.02 -8.28 -34.86
CA GLY E 133 -11.70 -7.45 -35.99
C GLY E 133 -10.94 -8.13 -37.11
N GLU E 134 -11.46 -9.24 -37.61
CA GLU E 134 -10.90 -9.86 -38.80
C GLU E 134 -12.00 -10.58 -39.58
N LYS F 21 7.40 -37.37 -49.29
CA LYS F 21 7.97 -36.03 -49.25
C LYS F 21 6.91 -34.97 -48.99
N VAL F 22 5.92 -34.91 -49.87
CA VAL F 22 4.84 -33.95 -49.73
C VAL F 22 3.84 -34.47 -48.70
N LEU F 23 3.26 -33.55 -47.92
CA LEU F 23 2.30 -33.89 -46.88
C LEU F 23 0.95 -33.29 -47.23
N ARG F 24 -0.11 -34.06 -47.01
CA ARG F 24 -1.44 -33.65 -47.43
C ARG F 24 -2.40 -33.46 -46.27
N ASP F 25 -2.31 -34.27 -45.22
CA ASP F 25 -3.25 -34.19 -44.10
C ASP F 25 -2.47 -34.34 -42.79
N ASN F 26 -2.07 -33.20 -42.22
CA ASN F 26 -1.60 -33.16 -40.84
C ASN F 26 -2.40 -32.18 -39.99
N ILE F 27 -3.42 -31.54 -40.56
CA ILE F 27 -4.33 -30.75 -39.75
C ILE F 27 -5.13 -31.65 -38.82
N GLN F 28 -5.36 -32.90 -39.24
CA GLN F 28 -5.94 -33.89 -38.34
C GLN F 28 -4.90 -34.44 -37.36
N GLY F 29 -3.62 -34.16 -37.58
CA GLY F 29 -2.60 -34.55 -36.63
C GLY F 29 -2.67 -33.79 -35.32
N ILE F 30 -3.29 -32.63 -35.31
CA ILE F 30 -3.64 -31.93 -34.08
C ILE F 30 -4.92 -32.58 -33.58
N THR F 31 -4.79 -33.53 -32.66
CA THR F 31 -5.88 -34.44 -32.34
C THR F 31 -6.98 -33.72 -31.57
N LYS F 32 -8.18 -34.30 -31.65
CA LYS F 32 -9.33 -33.80 -30.90
C LYS F 32 -9.11 -33.77 -29.39
N PRO F 33 -8.58 -34.81 -28.72
CA PRO F 33 -8.29 -34.64 -27.29
C PRO F 33 -7.22 -33.60 -27.00
N ALA F 34 -6.30 -33.34 -27.92
CA ALA F 34 -5.34 -32.25 -27.74
C ALA F 34 -6.05 -30.90 -27.76
N ILE F 35 -7.03 -30.74 -28.65
CA ILE F 35 -7.88 -29.56 -28.64
C ILE F 35 -8.68 -29.49 -27.34
N ARG F 36 -9.09 -30.64 -26.82
CA ARG F 36 -9.78 -30.67 -25.53
C ARG F 36 -8.89 -30.19 -24.40
N ARG F 37 -7.62 -30.59 -24.42
CA ARG F 37 -6.65 -30.09 -23.44
C ARG F 37 -6.46 -28.59 -23.58
N LEU F 38 -6.40 -28.08 -24.81
CA LEU F 38 -6.30 -26.64 -25.04
C LEU F 38 -7.52 -25.91 -24.49
N ALA F 39 -8.71 -26.45 -24.72
CA ALA F 39 -9.94 -25.81 -24.24
C ALA F 39 -10.06 -25.89 -22.72
N ARG F 40 -9.52 -26.94 -22.11
CA ARG F 40 -9.44 -26.98 -20.66
C ARG F 40 -8.47 -25.92 -20.15
N ARG F 41 -7.38 -25.68 -20.89
CA ARG F 41 -6.55 -24.53 -20.59
C ARG F 41 -7.30 -23.22 -20.85
N GLY F 42 -8.20 -23.23 -21.82
CA GLY F 42 -9.09 -22.09 -22.00
C GLY F 42 -10.27 -22.06 -21.07
N GLY F 43 -10.40 -23.05 -20.19
CA GLY F 43 -11.47 -23.07 -19.22
C GLY F 43 -12.80 -23.55 -19.76
N VAL F 44 -12.82 -24.22 -20.89
CA VAL F 44 -14.07 -24.70 -21.46
C VAL F 44 -14.46 -26.00 -20.78
N LYS F 45 -15.70 -26.08 -20.32
CA LYS F 45 -16.20 -27.31 -19.74
C LYS F 45 -16.82 -28.23 -20.80
N ARG F 46 -17.75 -27.71 -21.60
CA ARG F 46 -18.47 -28.52 -22.58
C ARG F 46 -18.16 -28.02 -23.97
N ILE F 47 -17.71 -28.92 -24.84
CA ILE F 47 -17.26 -28.59 -26.18
C ILE F 47 -18.16 -29.34 -27.17
N SER F 48 -18.73 -28.61 -28.13
CA SER F 48 -19.57 -29.27 -29.11
C SER F 48 -18.73 -30.11 -30.08
N GLY F 49 -19.39 -31.06 -30.72
CA GLY F 49 -18.71 -31.94 -31.65
C GLY F 49 -18.27 -31.26 -32.93
N LEU F 50 -18.94 -30.18 -33.31
CA LEU F 50 -18.61 -29.44 -34.52
C LEU F 50 -17.49 -28.43 -34.27
N ILE F 51 -17.09 -28.25 -33.00
CA ILE F 51 -16.07 -27.26 -32.66
C ILE F 51 -14.71 -27.63 -33.24
N TYR F 52 -14.33 -28.92 -33.17
CA TYR F 52 -12.94 -29.33 -33.36
C TYR F 52 -12.44 -29.06 -34.78
N GLU F 53 -13.27 -29.35 -35.79
CA GLU F 53 -12.87 -29.04 -37.16
C GLU F 53 -12.79 -27.54 -37.39
N GLU F 54 -13.65 -26.77 -36.74
CA GLU F 54 -13.58 -25.32 -36.85
C GLU F 54 -12.31 -24.78 -36.20
N THR F 55 -11.91 -25.36 -35.06
CA THR F 55 -10.66 -24.96 -34.41
C THR F 55 -9.48 -25.30 -35.28
N ARG F 56 -9.53 -26.46 -35.94
CA ARG F 56 -8.54 -26.81 -36.95
C ARG F 56 -8.50 -25.77 -38.05
N GLY F 57 -9.68 -25.32 -38.50
CA GLY F 57 -9.73 -24.31 -39.55
C GLY F 57 -9.19 -22.97 -39.12
N VAL F 58 -9.55 -22.51 -37.92
CA VAL F 58 -9.11 -21.18 -37.50
C VAL F 58 -7.63 -21.19 -37.13
N LEU F 59 -7.13 -22.29 -36.54
CA LEU F 59 -5.69 -22.42 -36.33
C LEU F 59 -4.97 -22.50 -37.67
N LYS F 60 -5.58 -23.18 -38.64
CA LYS F 60 -5.03 -23.25 -39.99
C LYS F 60 -4.89 -21.86 -40.59
N VAL F 61 -5.98 -21.09 -40.56
CA VAL F 61 -6.02 -19.73 -41.14
C VAL F 61 -5.04 -18.82 -40.42
N PHE F 62 -4.96 -18.96 -39.10
CA PHE F 62 -3.96 -18.23 -38.34
C PHE F 62 -2.55 -18.63 -38.74
N LEU F 63 -2.34 -19.90 -39.08
CA LEU F 63 -1.01 -20.28 -39.55
C LEU F 63 -0.69 -19.72 -40.92
N GLU F 64 -1.64 -19.60 -41.86
CA GLU F 64 -1.28 -18.81 -43.04
C GLU F 64 -0.95 -17.37 -42.66
N ASN F 65 -1.74 -16.78 -41.76
CA ASN F 65 -1.53 -15.37 -41.38
C ASN F 65 -0.15 -15.15 -40.78
N VAL F 66 0.32 -16.11 -39.99
CA VAL F 66 1.65 -16.00 -39.38
C VAL F 66 2.74 -16.36 -40.39
N ILE F 67 2.58 -17.50 -41.06
CA ILE F 67 3.69 -18.08 -41.78
C ILE F 67 3.93 -17.39 -43.13
N ARG F 68 2.93 -16.74 -43.74
CA ARG F 68 3.26 -15.96 -44.93
C ARG F 68 4.17 -14.81 -44.54
N ASP F 69 3.91 -14.21 -43.39
CA ASP F 69 4.78 -13.17 -42.86
C ASP F 69 6.16 -13.74 -42.56
N ALA F 70 6.20 -14.89 -41.89
CA ALA F 70 7.48 -15.46 -41.47
C ALA F 70 8.33 -15.88 -42.66
N VAL F 71 7.71 -16.51 -43.65
CA VAL F 71 8.37 -16.83 -44.91
C VAL F 71 8.79 -15.56 -45.62
N THR F 72 8.03 -14.48 -45.48
CA THR F 72 8.39 -13.24 -46.14
C THR F 72 9.66 -12.63 -45.54
N TYR F 73 9.79 -12.68 -44.20
CA TYR F 73 11.08 -12.30 -43.60
C TYR F 73 12.18 -13.25 -44.03
N THR F 74 11.88 -14.55 -44.09
CA THR F 74 12.89 -15.55 -44.42
C THR F 74 13.44 -15.35 -45.82
N GLU F 75 12.55 -15.07 -46.78
CA GLU F 75 12.99 -14.79 -48.14
C GLU F 75 13.59 -13.40 -48.26
N HIS F 76 13.26 -12.48 -47.35
CA HIS F 76 14.02 -11.24 -47.31
C HIS F 76 15.46 -11.49 -46.84
N ALA F 77 15.64 -12.43 -45.92
CA ALA F 77 16.96 -12.72 -45.38
C ALA F 77 17.81 -13.56 -46.31
N LYS F 78 17.28 -13.92 -47.49
CA LYS F 78 17.94 -14.78 -48.48
C LYS F 78 18.30 -16.14 -47.88
N ARG F 79 17.48 -16.60 -46.95
CA ARG F 79 17.70 -17.84 -46.23
C ARG F 79 16.67 -18.88 -46.61
N LYS F 80 16.91 -20.12 -46.19
CA LYS F 80 15.99 -21.20 -46.43
C LYS F 80 15.39 -21.78 -45.14
N THR F 81 16.04 -21.57 -44.00
CA THR F 81 15.64 -22.19 -42.74
C THR F 81 14.81 -21.19 -41.92
N VAL F 82 13.66 -21.65 -41.44
CA VAL F 82 12.83 -20.82 -40.56
C VAL F 82 13.49 -20.70 -39.20
N THR F 83 13.63 -19.48 -38.70
CA THR F 83 14.15 -19.23 -37.37
C THR F 83 13.06 -18.68 -36.46
N ALA F 84 13.26 -18.88 -35.16
CA ALA F 84 12.30 -18.40 -34.15
C ALA F 84 12.33 -16.89 -34.00
N MET F 85 13.45 -16.26 -34.35
CA MET F 85 13.54 -14.80 -34.31
C MET F 85 12.53 -14.15 -35.24
N ASP F 86 12.43 -14.68 -36.46
CA ASP F 86 11.43 -14.19 -37.41
C ASP F 86 10.02 -14.56 -36.97
N VAL F 87 9.86 -15.67 -36.24
CA VAL F 87 8.56 -16.01 -35.66
C VAL F 87 8.13 -14.93 -34.66
N VAL F 88 9.05 -14.51 -33.80
CA VAL F 88 8.79 -13.44 -32.84
C VAL F 88 8.43 -12.14 -33.56
N TYR F 89 9.17 -11.83 -34.63
CA TYR F 89 8.91 -10.60 -35.38
C TYR F 89 7.55 -10.64 -36.08
N ALA F 90 7.18 -11.80 -36.62
CA ALA F 90 5.88 -11.92 -37.26
C ALA F 90 4.76 -11.80 -36.25
N LEU F 91 4.92 -12.41 -35.07
CA LEU F 91 3.88 -12.35 -34.06
C LEU F 91 3.74 -10.94 -33.50
N LYS F 92 4.84 -10.21 -33.34
CA LYS F 92 4.73 -8.85 -32.84
C LYS F 92 4.23 -7.88 -33.91
N ARG F 93 4.34 -8.23 -35.19
CA ARG F 93 3.73 -7.38 -36.21
C ARG F 93 2.21 -7.40 -36.08
N GLN F 94 1.63 -8.56 -35.81
CA GLN F 94 0.19 -8.65 -35.63
C GLN F 94 -0.27 -8.21 -34.25
N GLY F 95 0.61 -7.68 -33.42
CA GLY F 95 0.20 -7.25 -32.10
C GLY F 95 -0.05 -8.39 -31.15
N ARG F 96 0.54 -9.55 -31.40
CA ARG F 96 0.48 -10.71 -30.52
C ARG F 96 1.89 -11.10 -30.12
N THR F 97 2.62 -10.10 -29.60
CA THR F 97 4.04 -10.23 -29.31
C THR F 97 4.29 -11.37 -28.34
N LEU F 98 5.26 -12.21 -28.68
CA LEU F 98 5.57 -13.43 -27.96
C LEU F 98 6.85 -13.24 -27.18
N TYR F 99 6.76 -13.38 -25.87
CA TYR F 99 7.96 -13.38 -25.04
C TYR F 99 8.56 -14.79 -25.06
N GLY F 100 9.85 -14.87 -24.84
CA GLY F 100 10.49 -16.15 -24.58
C GLY F 100 11.41 -16.68 -25.67
N PHE F 101 11.55 -16.00 -26.80
CA PHE F 101 12.59 -16.32 -27.76
C PHE F 101 13.27 -15.12 -28.40
N GLY F 102 12.87 -13.90 -28.06
CA GLY F 102 13.54 -12.73 -28.59
C GLY F 102 14.89 -12.53 -27.92
N GLY F 103 15.76 -11.81 -28.63
CA GLY F 103 17.09 -11.50 -28.13
C GLY F 103 18.11 -12.61 -28.37
N ALA G 28 25.92 23.81 -70.25
CA ALA G 28 26.65 23.90 -68.99
C ALA G 28 26.01 23.01 -67.93
N ARG G 29 24.70 22.82 -68.05
CA ARG G 29 23.95 21.98 -67.12
C ARG G 29 22.91 21.18 -67.89
N ALA G 30 22.62 19.99 -67.40
CA ALA G 30 21.52 19.21 -67.95
C ALA G 30 20.18 19.86 -67.62
N LYS G 31 19.20 19.62 -68.48
CA LYS G 31 17.87 20.17 -68.27
C LYS G 31 17.22 19.53 -67.05
N ALA G 32 16.50 20.34 -66.28
CA ALA G 32 15.89 19.85 -65.04
C ALA G 32 14.72 18.93 -65.36
N LYS G 33 14.81 17.69 -64.88
CA LYS G 33 13.85 16.65 -65.22
C LYS G 33 13.35 16.00 -63.94
N THR G 34 12.03 15.90 -63.83
CA THR G 34 11.43 15.30 -62.64
C THR G 34 11.63 13.79 -62.63
N ARG G 35 11.95 13.26 -61.46
CA ARG G 35 12.22 11.83 -61.34
C ARG G 35 10.94 11.00 -61.41
N SER G 36 9.80 11.58 -61.02
CA SER G 36 8.54 10.87 -61.10
C SER G 36 8.15 10.61 -62.56
N SER G 37 8.35 11.60 -63.42
CA SER G 37 8.11 11.40 -64.84
C SER G 37 9.20 10.56 -65.48
N ARG G 38 10.41 10.54 -64.90
CA ARG G 38 11.39 9.53 -65.30
C ARG G 38 10.88 8.14 -65.02
N ALA G 39 10.27 7.93 -63.87
CA ALA G 39 9.56 6.69 -63.60
C ALA G 39 8.22 6.63 -64.30
N GLY G 40 7.76 7.74 -64.89
CA GLY G 40 6.45 7.75 -65.51
C GLY G 40 5.32 7.76 -64.52
N LEU G 41 5.56 8.23 -63.31
CA LEU G 41 4.54 8.31 -62.28
C LEU G 41 4.26 9.77 -61.97
N GLN G 42 3.12 10.00 -61.31
CA GLN G 42 2.78 11.35 -60.91
C GLN G 42 3.21 11.63 -59.47
N PHE G 43 3.15 10.62 -58.62
CA PHE G 43 3.46 10.77 -57.20
C PHE G 43 4.94 11.09 -57.01
N PRO G 44 5.30 11.90 -56.01
CA PRO G 44 6.63 12.52 -56.01
C PRO G 44 7.70 11.54 -55.59
N VAL G 45 8.70 11.36 -56.44
CA VAL G 45 9.94 10.72 -55.99
C VAL G 45 10.62 11.63 -54.97
N GLY G 46 10.66 12.93 -55.26
CA GLY G 46 11.42 13.85 -54.44
C GLY G 46 10.81 14.09 -53.06
N ARG G 47 9.51 14.38 -53.00
CA ARG G 47 8.89 14.68 -51.71
C ARG G 47 8.83 13.46 -50.81
N VAL G 48 8.49 12.30 -51.37
CA VAL G 48 8.45 11.08 -50.56
C VAL G 48 9.86 10.67 -50.14
N HIS G 49 10.86 10.86 -51.03
CA HIS G 49 12.24 10.54 -50.68
C HIS G 49 12.75 11.44 -49.55
N ARG G 50 12.52 12.75 -49.66
CA ARG G 50 12.93 13.67 -48.60
C ARG G 50 12.16 13.42 -47.32
N LEU G 51 10.89 13.03 -47.43
CA LEU G 51 10.08 12.82 -46.23
C LEU G 51 10.45 11.53 -45.51
N LEU G 52 10.87 10.50 -46.26
CA LEU G 52 11.51 9.35 -45.63
C LEU G 52 12.85 9.71 -45.01
N ARG G 53 13.67 10.51 -45.71
CA ARG G 53 14.99 10.84 -45.19
C ARG G 53 14.92 11.71 -43.95
N LYS G 54 13.86 12.51 -43.80
CA LYS G 54 13.62 13.26 -42.60
C LYS G 54 12.62 12.59 -41.67
N GLY G 55 12.07 11.44 -42.07
CA GLY G 55 11.16 10.69 -41.23
C GLY G 55 11.81 9.72 -40.28
N ASN G 56 13.13 9.54 -40.40
CA ASN G 56 13.96 8.75 -39.48
C ASN G 56 13.48 7.29 -39.38
N TYR G 57 13.60 6.59 -40.51
CA TYR G 57 13.35 5.15 -40.56
C TYR G 57 14.61 4.34 -40.84
N SER G 58 15.62 4.97 -41.41
CA SER G 58 16.97 4.42 -41.48
C SER G 58 17.91 5.60 -41.64
N GLU G 59 19.19 5.29 -41.85
CA GLU G 59 20.11 6.35 -42.23
C GLU G 59 20.14 6.55 -43.74
N ARG G 60 19.95 5.48 -44.50
CA ARG G 60 20.09 5.49 -45.95
C ARG G 60 18.88 4.86 -46.62
N VAL G 61 18.63 5.27 -47.86
CA VAL G 61 17.47 4.82 -48.64
C VAL G 61 17.96 4.43 -50.02
N GLY G 62 17.55 3.24 -50.49
CA GLY G 62 17.87 2.83 -51.84
C GLY G 62 17.17 3.68 -52.88
N ALA G 63 17.76 3.68 -54.08
CA ALA G 63 17.26 4.53 -55.16
C ALA G 63 15.88 4.09 -55.64
N GLY G 64 15.65 2.78 -55.69
CA GLY G 64 14.35 2.29 -56.09
C GLY G 64 13.28 2.35 -55.02
N ALA G 65 13.69 2.58 -53.77
CA ALA G 65 12.72 2.61 -52.67
C ALA G 65 11.67 3.71 -52.77
N PRO G 66 11.99 5.01 -52.92
CA PRO G 66 10.89 5.97 -53.01
C PRO G 66 10.13 5.92 -54.32
N VAL G 67 10.75 5.46 -55.42
CA VAL G 67 10.02 5.22 -56.65
C VAL G 67 8.98 4.14 -56.45
N TYR G 68 9.37 3.05 -55.78
CA TYR G 68 8.42 1.97 -55.48
C TYR G 68 7.32 2.46 -54.56
N LEU G 69 7.67 3.24 -53.54
CA LEU G 69 6.66 3.73 -52.61
C LEU G 69 5.68 4.67 -53.29
N ALA G 70 6.18 5.55 -54.15
CA ALA G 70 5.30 6.44 -54.89
C ALA G 70 4.41 5.66 -55.84
N ALA G 71 4.94 4.60 -56.46
CA ALA G 71 4.12 3.76 -57.32
C ALA G 71 3.02 3.07 -56.51
N VAL G 72 3.35 2.60 -55.32
CA VAL G 72 2.36 1.93 -54.47
C VAL G 72 1.27 2.91 -54.08
N LEU G 73 1.66 4.11 -53.66
CA LEU G 73 0.69 5.11 -53.25
C LEU G 73 -0.16 5.56 -54.42
N GLU G 74 0.44 5.71 -55.60
CA GLU G 74 -0.34 6.11 -56.76
C GLU G 74 -1.32 5.03 -57.17
N TYR G 75 -0.92 3.76 -57.04
CA TYR G 75 -1.84 2.66 -57.30
C TYR G 75 -3.01 2.67 -56.33
N LEU G 76 -2.71 2.83 -55.04
CA LEU G 76 -3.76 2.82 -54.03
C LEU G 76 -4.72 3.98 -54.21
N THR G 77 -4.18 5.17 -54.45
CA THR G 77 -5.02 6.33 -54.70
C THR G 77 -5.81 6.19 -55.99
N ALA G 78 -5.22 5.56 -57.01
CA ALA G 78 -5.95 5.33 -58.26
C ALA G 78 -7.13 4.39 -58.03
N GLU G 79 -6.93 3.34 -57.25
CA GLU G 79 -8.01 2.42 -56.95
C GLU G 79 -9.13 3.11 -56.17
N ILE G 80 -8.76 3.85 -55.12
CA ILE G 80 -9.80 4.43 -54.28
C ILE G 80 -10.48 5.58 -55.01
N LEU G 81 -9.76 6.30 -55.88
CA LEU G 81 -10.41 7.35 -56.65
C LEU G 81 -11.27 6.79 -57.78
N GLU G 82 -10.89 5.64 -58.34
CA GLU G 82 -11.76 4.98 -59.30
C GLU G 82 -13.06 4.55 -58.67
N LEU G 83 -12.98 3.94 -57.48
CA LEU G 83 -14.20 3.58 -56.76
C LEU G 83 -14.95 4.83 -56.29
N ALA G 84 -14.24 5.92 -56.01
CA ALA G 84 -14.90 7.16 -55.62
C ALA G 84 -15.67 7.78 -56.78
N GLY G 85 -15.08 7.77 -57.98
CA GLY G 85 -15.81 8.23 -59.15
C GLY G 85 -16.99 7.34 -59.47
N ASN G 86 -16.83 6.02 -59.25
CA ASN G 86 -17.95 5.10 -59.41
C ASN G 86 -19.07 5.42 -58.42
N ALA G 87 -18.71 5.72 -57.17
CA ALA G 87 -19.70 6.07 -56.16
C ALA G 87 -20.38 7.39 -56.46
N ALA G 88 -19.62 8.36 -56.96
CA ALA G 88 -20.20 9.66 -57.34
C ALA G 88 -21.16 9.49 -58.52
N ARG G 89 -20.80 8.65 -59.48
CA ARG G 89 -21.69 8.35 -60.59
C ARG G 89 -22.94 7.60 -60.12
N ASP G 90 -22.78 6.72 -59.13
CA ASP G 90 -23.94 6.02 -58.56
C ASP G 90 -24.87 6.98 -57.82
N ASN G 91 -24.31 7.98 -57.15
CA ASN G 91 -25.09 8.96 -56.42
C ASN G 91 -25.51 10.09 -57.36
N LYS G 92 -25.13 9.99 -58.64
CA LYS G 92 -25.43 10.99 -59.68
C LYS G 92 -24.83 12.35 -59.32
N LYS G 93 -23.64 12.31 -58.74
CA LYS G 93 -22.92 13.52 -58.36
C LYS G 93 -21.59 13.57 -59.10
N THR G 94 -21.08 14.79 -59.27
CA THR G 94 -19.85 14.97 -60.02
C THR G 94 -18.62 15.06 -59.14
N ARG G 95 -18.75 15.61 -57.93
CA ARG G 95 -17.60 15.85 -57.07
C ARG G 95 -17.61 14.85 -55.92
N ILE G 96 -16.44 14.36 -55.57
CA ILE G 96 -16.32 13.30 -54.57
C ILE G 96 -16.56 13.87 -53.18
N ILE G 97 -17.25 13.08 -52.36
CA ILE G 97 -17.59 13.44 -51.00
C ILE G 97 -16.95 12.36 -50.14
N PRO G 98 -16.54 12.64 -48.90
CA PRO G 98 -16.06 11.56 -48.02
C PRO G 98 -17.09 10.49 -47.72
N ARG G 99 -18.39 10.76 -47.90
CA ARG G 99 -19.38 9.69 -47.90
C ARG G 99 -19.10 8.69 -49.01
N HIS G 100 -18.79 9.18 -50.21
CA HIS G 100 -18.40 8.30 -51.31
C HIS G 100 -17.12 7.53 -50.98
N LEU G 101 -16.21 8.16 -50.24
CA LEU G 101 -14.95 7.51 -49.90
C LEU G 101 -15.17 6.37 -48.92
N GLN G 102 -16.03 6.59 -47.91
CA GLN G 102 -16.35 5.53 -46.96
C GLN G 102 -17.12 4.41 -47.65
N LEU G 103 -18.02 4.77 -48.57
CA LEU G 103 -18.72 3.79 -49.38
C LEU G 103 -17.76 2.98 -50.23
N ALA G 104 -16.71 3.62 -50.75
CA ALA G 104 -15.73 2.92 -51.56
C ALA G 104 -14.87 1.98 -50.74
N ILE G 105 -14.39 2.45 -49.58
CA ILE G 105 -13.49 1.65 -48.76
C ILE G 105 -14.22 0.45 -48.17
N ARG G 106 -15.40 0.67 -47.60
CA ARG G 106 -16.11 -0.44 -46.97
C ARG G 106 -16.69 -1.43 -47.98
N ASN G 107 -16.78 -1.08 -49.26
CA ASN G 107 -17.23 -2.02 -50.27
C ASN G 107 -16.10 -2.80 -50.92
N ASP G 108 -14.87 -2.62 -50.45
CA ASP G 108 -13.74 -3.46 -50.88
C ASP G 108 -13.24 -4.22 -49.66
N GLU G 109 -13.16 -5.54 -49.77
CA GLU G 109 -12.78 -6.35 -48.62
C GLU G 109 -11.30 -6.19 -48.30
N GLU G 110 -10.46 -6.10 -49.32
CA GLU G 110 -9.03 -6.03 -49.06
C GLU G 110 -8.59 -4.64 -48.61
N LEU G 111 -9.28 -3.59 -49.05
CA LEU G 111 -9.03 -2.27 -48.46
C LEU G 111 -9.52 -2.20 -47.03
N ASN G 112 -10.60 -2.92 -46.71
CA ASN G 112 -11.03 -3.02 -45.32
C ASN G 112 -9.99 -3.78 -44.50
N LYS G 113 -9.35 -4.78 -45.10
CA LYS G 113 -8.23 -5.44 -44.44
C LYS G 113 -7.05 -4.50 -44.30
N LEU G 114 -6.95 -3.50 -45.17
CA LEU G 114 -5.96 -2.44 -45.02
C LEU G 114 -6.38 -1.39 -44.01
N LEU G 115 -7.65 -0.96 -44.05
CA LEU G 115 -8.08 0.18 -43.24
C LEU G 115 -9.27 -0.15 -42.32
N GLY G 116 -9.20 -1.27 -41.61
CA GLY G 116 -10.30 -1.65 -40.74
C GLY G 116 -10.38 -0.86 -39.47
N ARG G 117 -9.24 -0.40 -38.95
CA ARG G 117 -9.18 0.35 -37.71
C ARG G 117 -9.14 1.85 -37.93
N VAL G 118 -9.34 2.31 -39.16
CA VAL G 118 -9.25 3.74 -39.49
C VAL G 118 -10.66 4.31 -39.50
N THR G 119 -10.87 5.37 -38.75
CA THR G 119 -12.14 6.07 -38.72
C THR G 119 -12.12 7.22 -39.71
N ILE G 120 -13.31 7.57 -40.20
CA ILE G 120 -13.45 8.43 -41.36
C ILE G 120 -14.16 9.71 -40.94
N ALA G 121 -13.84 10.83 -41.60
CA ALA G 121 -14.56 12.08 -41.36
C ALA G 121 -15.75 12.20 -42.30
N GLN G 122 -16.95 12.37 -41.71
CA GLN G 122 -18.22 12.57 -42.41
C GLN G 122 -18.57 11.43 -43.37
N GLY G 123 -18.01 10.23 -43.15
CA GLY G 123 -18.31 9.12 -44.01
C GLY G 123 -19.47 8.30 -43.48
N GLY G 124 -19.69 8.36 -42.17
CA GLY G 124 -20.77 7.59 -41.58
C GLY G 124 -20.47 6.11 -41.63
N VAL G 125 -21.49 5.33 -41.94
CA VAL G 125 -21.37 3.88 -41.97
C VAL G 125 -21.83 3.39 -43.34
N LEU G 126 -21.24 2.28 -43.78
CA LEU G 126 -21.73 1.58 -44.95
C LEU G 126 -23.14 1.05 -44.67
N PRO G 127 -24.01 1.01 -45.67
CA PRO G 127 -25.31 0.34 -45.46
C PRO G 127 -25.15 -1.13 -45.15
N ASN G 128 -25.47 -1.53 -43.93
CA ASN G 128 -25.32 -2.92 -43.50
C ASN G 128 -26.40 -3.26 -42.47
N ILE G 129 -27.52 -3.77 -42.97
CA ILE G 129 -28.63 -4.20 -42.14
C ILE G 129 -28.54 -5.72 -42.01
N GLN G 130 -28.66 -6.21 -40.78
CA GLN G 130 -28.45 -7.62 -40.56
C GLN G 130 -29.70 -8.42 -40.93
N ALA G 131 -29.54 -9.74 -40.93
CA ALA G 131 -30.61 -10.63 -41.40
C ALA G 131 -31.81 -10.60 -40.47
N VAL G 132 -31.59 -10.67 -39.15
CA VAL G 132 -32.70 -10.62 -38.22
C VAL G 132 -33.11 -9.19 -37.91
N LEU G 133 -32.27 -8.21 -38.25
CA LEU G 133 -32.66 -6.81 -38.11
C LEU G 133 -33.71 -6.41 -39.13
N LEU G 134 -33.66 -7.00 -40.32
CA LEU G 134 -34.71 -6.78 -41.30
C LEU G 134 -36.02 -7.46 -40.85
N PRO G 135 -37.16 -6.86 -41.17
CA PRO G 135 -38.44 -7.41 -40.69
C PRO G 135 -38.84 -8.65 -41.47
N LYS G 136 -39.88 -9.31 -40.94
CA LYS G 136 -40.54 -10.48 -41.55
C LYS G 136 -39.58 -11.63 -41.82
N LYS H 31 1.58 37.81 -44.21
CA LYS H 31 2.65 36.84 -44.37
C LYS H 31 2.32 35.54 -43.64
N ARG H 32 1.93 34.53 -44.41
CA ARG H 32 1.66 33.20 -43.89
C ARG H 32 2.63 32.19 -44.49
N SER H 33 2.66 31.01 -43.88
CA SER H 33 3.66 29.99 -44.19
C SER H 33 3.07 28.94 -45.14
N ARG H 34 3.92 28.43 -46.04
CA ARG H 34 3.50 27.39 -46.96
C ARG H 34 3.25 26.08 -46.21
N LYS H 35 2.14 25.43 -46.56
CA LYS H 35 1.79 24.13 -46.02
C LYS H 35 1.95 23.09 -47.12
N GLU H 36 2.71 22.04 -46.85
CA GLU H 36 2.97 20.99 -47.85
C GLU H 36 1.81 20.03 -47.90
N SER H 37 1.35 19.71 -49.12
CA SER H 37 0.18 18.88 -49.29
C SER H 37 0.38 18.00 -50.52
N TYR H 38 -0.64 17.22 -50.83
CA TYR H 38 -0.64 16.33 -51.99
C TYR H 38 -1.68 16.80 -53.00
N SER H 39 -1.82 18.12 -53.15
CA SER H 39 -3.04 18.70 -53.72
C SER H 39 -3.17 18.39 -55.20
N VAL H 40 -2.28 18.97 -56.01
CA VAL H 40 -2.39 18.79 -57.44
C VAL H 40 -1.99 17.38 -57.85
N TYR H 41 -1.27 16.65 -57.00
CA TYR H 41 -0.84 15.30 -57.38
C TYR H 41 -2.03 14.34 -57.35
N VAL H 42 -2.79 14.36 -56.27
CA VAL H 42 -4.01 13.58 -56.19
C VAL H 42 -5.02 14.09 -57.21
N TYR H 43 -5.04 15.40 -57.45
CA TYR H 43 -5.94 15.92 -58.47
C TYR H 43 -5.57 15.40 -59.87
N LYS H 44 -4.26 15.31 -60.16
CA LYS H 44 -3.80 14.78 -61.44
C LYS H 44 -4.17 13.32 -61.62
N VAL H 45 -3.91 12.49 -60.59
CA VAL H 45 -4.23 11.08 -60.75
C VAL H 45 -5.75 10.87 -60.76
N LEU H 46 -6.49 11.77 -60.11
CA LEU H 46 -7.95 11.78 -60.22
C LEU H 46 -8.38 12.05 -61.66
N LYS H 47 -7.76 13.03 -62.30
CA LYS H 47 -8.12 13.32 -63.69
C LYS H 47 -7.65 12.21 -64.62
N GLN H 48 -6.61 11.47 -64.24
CA GLN H 48 -6.22 10.30 -65.03
C GLN H 48 -7.22 9.17 -64.89
N VAL H 49 -7.75 8.94 -63.68
CA VAL H 49 -8.70 7.85 -63.52
C VAL H 49 -10.13 8.26 -63.84
N HIS H 50 -10.47 9.54 -63.70
CA HIS H 50 -11.81 10.04 -63.99
C HIS H 50 -11.67 11.50 -64.39
N PRO H 51 -11.57 11.79 -65.70
CA PRO H 51 -11.37 13.18 -66.12
C PRO H 51 -12.55 14.10 -65.86
N ASP H 52 -13.76 13.57 -65.82
CA ASP H 52 -14.96 14.40 -65.82
C ASP H 52 -15.50 14.71 -64.43
N THR H 53 -14.87 14.22 -63.38
CA THR H 53 -15.41 14.37 -62.03
C THR H 53 -14.74 15.52 -61.29
N GLY H 54 -15.33 15.87 -60.14
CA GLY H 54 -14.82 16.93 -59.30
C GLY H 54 -14.26 16.41 -57.99
N ILE H 55 -13.95 17.36 -57.11
CA ILE H 55 -13.29 17.03 -55.84
C ILE H 55 -13.66 18.08 -54.80
N SER H 56 -13.86 17.62 -53.56
CA SER H 56 -14.13 18.48 -52.42
C SER H 56 -12.92 18.55 -51.50
N SER H 57 -12.90 19.60 -50.67
CA SER H 57 -11.78 19.80 -49.75
C SER H 57 -11.78 18.79 -48.61
N LYS H 58 -12.96 18.39 -48.14
CA LYS H 58 -13.03 17.37 -47.09
C LYS H 58 -12.49 16.04 -47.58
N ALA H 59 -12.85 15.66 -48.81
CA ALA H 59 -12.25 14.49 -49.43
C ALA H 59 -10.75 14.66 -49.60
N MET H 60 -10.28 15.91 -49.78
CA MET H 60 -8.86 16.13 -49.90
C MET H 60 -8.14 15.95 -48.58
N GLY H 61 -8.78 16.36 -47.48
CA GLY H 61 -8.24 16.04 -46.17
C GLY H 61 -8.18 14.54 -45.93
N ILE H 62 -9.20 13.83 -46.40
CA ILE H 62 -9.22 12.37 -46.27
C ILE H 62 -8.07 11.74 -47.04
N MET H 63 -7.86 12.18 -48.29
CA MET H 63 -6.73 11.69 -49.08
C MET H 63 -5.39 12.06 -48.48
N ASN H 64 -5.25 13.27 -47.95
CA ASN H 64 -3.96 13.68 -47.39
C ASN H 64 -3.61 12.86 -46.15
N SER H 65 -4.59 12.67 -45.26
CA SER H 65 -4.36 11.83 -44.09
C SER H 65 -4.17 10.37 -44.49
N PHE H 66 -4.85 9.91 -45.54
CA PHE H 66 -4.68 8.55 -46.01
C PHE H 66 -3.27 8.31 -46.55
N VAL H 67 -2.79 9.23 -47.38
CA VAL H 67 -1.44 9.13 -47.91
C VAL H 67 -0.43 9.16 -46.79
N ASN H 68 -0.63 10.06 -45.81
CA ASN H 68 0.27 10.12 -44.67
C ASN H 68 0.25 8.84 -43.85
N ASP H 69 -0.93 8.26 -43.63
CA ASP H 69 -1.04 7.07 -42.80
C ASP H 69 -0.45 5.84 -43.47
N ILE H 70 -0.75 5.64 -44.76
CA ILE H 70 -0.21 4.48 -45.46
C ILE H 70 1.29 4.63 -45.65
N PHE H 71 1.75 5.85 -45.95
CA PHE H 71 3.18 6.12 -46.04
C PHE H 71 3.88 5.84 -44.73
N GLU H 72 3.25 6.22 -43.61
CA GLU H 72 3.83 5.96 -42.30
C GLU H 72 3.84 4.47 -41.96
N ARG H 73 2.77 3.73 -42.32
CA ARG H 73 2.73 2.30 -42.07
C ARG H 73 3.84 1.58 -42.83
N ILE H 74 3.98 1.89 -44.13
CA ILE H 74 5.02 1.28 -44.94
C ILE H 74 6.40 1.66 -44.42
N ALA H 75 6.57 2.92 -44.04
CA ALA H 75 7.86 3.36 -43.52
C ALA H 75 8.20 2.68 -42.20
N GLY H 76 7.20 2.50 -41.33
CA GLY H 76 7.45 1.83 -40.06
C GLY H 76 7.79 0.37 -40.22
N GLU H 77 7.07 -0.33 -41.09
CA GLU H 77 7.39 -1.73 -41.29
C GLU H 77 8.70 -1.90 -42.04
N ALA H 78 9.04 -0.97 -42.93
CA ALA H 78 10.34 -1.02 -43.59
C ALA H 78 11.47 -0.76 -42.61
N SER H 79 11.26 0.18 -41.68
CA SER H 79 12.26 0.44 -40.65
C SER H 79 12.44 -0.77 -39.74
N ARG H 80 11.34 -1.41 -39.35
CA ARG H 80 11.45 -2.59 -38.51
C ARG H 80 12.12 -3.74 -39.25
N LEU H 81 11.80 -3.92 -40.53
CA LEU H 81 12.45 -4.96 -41.34
C LEU H 81 13.95 -4.71 -41.49
N ALA H 82 14.34 -3.45 -41.68
CA ALA H 82 15.77 -3.13 -41.75
C ALA H 82 16.43 -3.37 -40.40
N HIS H 83 15.71 -3.14 -39.31
CA HIS H 83 16.22 -3.45 -37.97
C HIS H 83 16.44 -4.94 -37.78
N TYR H 84 15.48 -5.76 -38.22
CA TYR H 84 15.54 -7.20 -37.98
C TYR H 84 16.70 -7.86 -38.71
N ASN H 85 16.92 -7.49 -39.96
CA ASN H 85 17.98 -8.08 -40.77
C ASN H 85 19.23 -7.22 -40.82
N LYS H 86 19.43 -6.38 -39.79
CA LYS H 86 20.64 -5.58 -39.55
C LYS H 86 21.05 -4.73 -40.75
N ARG H 87 20.10 -4.40 -41.60
CA ARG H 87 20.35 -3.61 -42.79
C ARG H 87 20.22 -2.14 -42.44
N SER H 88 21.26 -1.37 -42.69
CA SER H 88 21.28 0.04 -42.34
C SER H 88 20.71 0.92 -43.45
N THR H 89 20.18 0.33 -44.51
CA THR H 89 19.56 1.10 -45.59
C THR H 89 18.17 0.54 -45.90
N ILE H 90 17.35 1.41 -46.47
CA ILE H 90 16.01 1.05 -46.93
C ILE H 90 16.10 0.71 -48.41
N THR H 91 15.74 -0.51 -48.77
CA THR H 91 15.84 -0.94 -50.16
C THR H 91 14.45 -1.18 -50.73
N SER H 92 14.38 -1.22 -52.07
CA SER H 92 13.12 -1.51 -52.74
C SER H 92 12.68 -2.95 -52.52
N ARG H 93 13.64 -3.85 -52.35
CA ARG H 93 13.32 -5.25 -52.07
C ARG H 93 12.62 -5.40 -50.73
N GLU H 94 13.13 -4.73 -49.70
CA GLU H 94 12.51 -4.90 -48.39
C GLU H 94 11.21 -4.10 -48.26
N ILE H 95 11.05 -3.01 -49.00
CA ILE H 95 9.72 -2.41 -48.94
C ILE H 95 8.74 -3.20 -49.78
N GLN H 96 9.23 -3.93 -50.79
CA GLN H 96 8.39 -4.89 -51.49
C GLN H 96 7.95 -5.99 -50.54
N THR H 97 8.88 -6.47 -49.72
CA THR H 97 8.56 -7.33 -48.58
C THR H 97 7.51 -6.70 -47.69
N ALA H 98 7.64 -5.41 -47.39
CA ALA H 98 6.66 -4.71 -46.58
C ALA H 98 5.30 -4.64 -47.26
N VAL H 99 5.29 -4.54 -48.59
CA VAL H 99 4.03 -4.56 -49.32
C VAL H 99 3.36 -5.92 -49.19
N ARG H 100 4.13 -7.00 -49.29
CA ARG H 100 3.57 -8.33 -49.00
C ARG H 100 3.07 -8.42 -47.57
N LEU H 101 3.71 -7.71 -46.64
CA LEU H 101 3.29 -7.78 -45.25
C LEU H 101 1.98 -7.01 -45.04
N LEU H 102 2.02 -5.69 -45.23
CA LEU H 102 0.85 -4.87 -44.88
C LEU H 102 -0.24 -4.98 -45.93
N LEU H 103 0.09 -4.74 -47.19
CA LEU H 103 -0.93 -4.77 -48.23
C LEU H 103 -1.34 -6.21 -48.47
N PRO H 104 -2.62 -6.55 -48.33
CA PRO H 104 -3.01 -7.95 -48.39
C PRO H 104 -3.40 -8.41 -49.79
N GLY H 105 -3.10 -9.69 -50.05
CA GLY H 105 -3.74 -10.41 -51.12
C GLY H 105 -3.45 -9.91 -52.52
N GLU H 106 -4.53 -9.59 -53.25
CA GLU H 106 -4.40 -9.37 -54.68
C GLU H 106 -3.88 -7.97 -54.97
N LEU H 107 -4.22 -6.99 -54.12
CA LEU H 107 -3.66 -5.65 -54.24
C LEU H 107 -2.15 -5.68 -54.00
N ALA H 108 -1.67 -6.63 -53.20
CA ALA H 108 -0.24 -6.78 -52.98
C ALA H 108 0.47 -7.12 -54.28
N LYS H 109 -0.03 -8.11 -55.03
CA LYS H 109 0.64 -8.47 -56.27
C LYS H 109 0.42 -7.43 -57.36
N HIS H 110 -0.72 -6.71 -57.34
CA HIS H 110 -0.85 -5.55 -58.22
C HIS H 110 0.17 -4.47 -57.90
N ALA H 111 0.40 -4.21 -56.61
CA ALA H 111 1.39 -3.22 -56.23
C ALA H 111 2.79 -3.70 -56.58
N VAL H 112 3.02 -5.02 -56.49
CA VAL H 112 4.32 -5.56 -56.92
C VAL H 112 4.52 -5.34 -58.40
N SER H 113 3.47 -5.61 -59.20
CA SER H 113 3.56 -5.37 -60.64
C SER H 113 3.79 -3.90 -60.93
N GLU H 114 3.08 -3.02 -60.24
CA GLU H 114 3.24 -1.58 -60.43
C GLU H 114 4.63 -1.11 -60.05
N GLY H 115 5.14 -1.57 -58.91
CA GLY H 115 6.44 -1.12 -58.44
C GLY H 115 7.58 -1.64 -59.30
N THR H 116 7.51 -2.92 -59.70
CA THR H 116 8.54 -3.48 -60.57
C THR H 116 8.51 -2.83 -61.94
N LYS H 117 7.31 -2.57 -62.48
CA LYS H 117 7.20 -1.84 -63.73
C LYS H 117 7.77 -0.44 -63.60
N ALA H 118 7.47 0.23 -62.48
CA ALA H 118 7.92 1.59 -62.25
C ALA H 118 9.43 1.68 -62.14
N VAL H 119 10.04 0.77 -61.38
CA VAL H 119 11.49 0.79 -61.28
C VAL H 119 12.13 0.34 -62.58
N THR H 120 11.43 -0.48 -63.38
CA THR H 120 11.96 -0.87 -64.67
C THR H 120 12.04 0.34 -65.60
N LYS H 121 10.96 1.09 -65.73
CA LYS H 121 11.00 2.28 -66.56
C LYS H 121 11.74 3.44 -65.90
N TYR H 122 12.05 3.33 -64.61
CA TYR H 122 12.89 4.31 -63.94
C TYR H 122 14.37 4.09 -64.23
N THR H 123 14.86 2.87 -64.04
CA THR H 123 16.27 2.59 -64.35
C THR H 123 16.52 2.58 -65.85
N SER H 124 15.51 2.27 -66.67
CA SER H 124 15.71 2.46 -68.10
C SER H 124 15.73 3.94 -68.48
N ALA H 125 15.19 4.81 -67.63
CA ALA H 125 15.26 6.25 -67.85
C ALA H 125 16.60 6.80 -67.38
N LYS I 38 -44.52 27.59 18.60
CA LYS I 38 -43.49 27.19 19.57
C LYS I 38 -42.10 27.19 18.92
N PRO I 39 -41.09 27.61 19.67
CA PRO I 39 -39.72 27.54 19.16
C PRO I 39 -39.25 26.09 19.02
N HIS I 40 -38.39 25.87 18.05
CA HIS I 40 -37.97 24.52 17.71
C HIS I 40 -36.95 24.01 18.72
N ARG I 41 -37.06 22.73 19.06
CA ARG I 41 -36.24 22.11 20.09
C ARG I 41 -35.83 20.71 19.61
N TYR I 42 -34.54 20.45 19.57
CA TYR I 42 -34.06 19.13 19.21
C TYR I 42 -34.07 18.19 20.43
N ARG I 43 -34.17 16.90 20.13
CA ARG I 43 -34.24 15.87 21.16
C ARG I 43 -32.91 15.79 21.93
N PRO I 44 -32.95 15.36 23.19
CA PRO I 44 -31.72 15.26 23.98
C PRO I 44 -30.76 14.23 23.40
N GLY I 45 -29.61 14.71 22.96
CA GLY I 45 -28.60 13.84 22.39
C GLY I 45 -28.09 14.30 21.03
N THR I 46 -28.98 14.68 20.11
CA THR I 46 -28.53 15.02 18.77
C THR I 46 -27.79 16.35 18.73
N VAL I 47 -28.06 17.26 19.66
CA VAL I 47 -27.23 18.46 19.79
C VAL I 47 -25.85 18.08 20.30
N ALA I 48 -25.79 17.09 21.20
CA ALA I 48 -24.50 16.59 21.67
C ALA I 48 -23.71 15.96 20.53
N LEU I 49 -24.36 15.13 19.71
CA LEU I 49 -23.66 14.55 18.55
C LEU I 49 -23.27 15.59 17.52
N ARG I 50 -24.07 16.66 17.40
CA ARG I 50 -23.66 17.78 16.55
C ARG I 50 -22.38 18.42 17.09
N GLU I 51 -22.29 18.57 18.41
CA GLU I 51 -21.08 19.09 19.04
C GLU I 51 -19.90 18.15 18.83
N ILE I 52 -20.14 16.84 18.93
CA ILE I 52 -19.14 15.82 18.61
C ILE I 52 -18.57 16.06 17.22
N ARG I 53 -19.43 15.92 16.20
CA ARG I 53 -19.02 16.01 14.81
C ARG I 53 -18.36 17.35 14.49
N ARG I 54 -18.92 18.43 15.05
CA ARG I 54 -18.36 19.76 14.89
C ARG I 54 -16.96 19.86 15.49
N TYR I 55 -16.68 19.08 16.54
CA TYR I 55 -15.39 19.24 17.18
C TYR I 55 -14.32 18.27 16.70
N GLN I 56 -14.66 17.08 16.17
CA GLN I 56 -13.59 16.41 15.43
C GLN I 56 -13.39 17.02 14.05
N LYS I 57 -14.37 17.75 13.50
CA LYS I 57 -13.97 18.48 12.29
C LYS I 57 -13.19 19.75 12.65
N SER I 58 -13.29 20.22 13.88
CA SER I 58 -12.51 21.36 14.33
C SER I 58 -11.20 20.90 14.95
N THR I 59 -10.30 21.87 15.17
CA THR I 59 -9.02 21.65 15.81
C THR I 59 -8.78 22.53 17.03
N GLU I 60 -9.70 23.45 17.32
CA GLU I 60 -9.42 24.56 18.22
C GLU I 60 -9.33 24.08 19.67
N LEU I 61 -8.42 24.70 20.42
CA LEU I 61 -8.16 24.30 21.81
C LEU I 61 -9.32 24.74 22.71
N LEU I 62 -10.02 23.76 23.25
CA LEU I 62 -11.32 23.98 23.89
C LEU I 62 -11.21 24.63 25.26
N ILE I 63 -10.01 24.70 25.82
CA ILE I 63 -9.82 25.31 27.13
C ILE I 63 -9.53 26.79 26.97
N ARG I 64 -10.18 27.61 27.78
CA ARG I 64 -10.00 29.05 27.77
C ARG I 64 -8.57 29.38 28.20
N LYS I 65 -7.93 30.33 27.52
CA LYS I 65 -6.51 30.61 27.73
C LYS I 65 -6.23 31.16 29.13
N LEU I 66 -6.97 32.20 29.53
CA LEU I 66 -6.67 32.91 30.76
C LEU I 66 -6.84 32.08 32.02
N PRO I 67 -7.95 31.34 32.24
CA PRO I 67 -8.02 30.53 33.47
C PRO I 67 -7.06 29.36 33.45
N PHE I 68 -6.69 28.83 32.29
CA PHE I 68 -5.64 27.82 32.25
C PHE I 68 -4.30 28.40 32.70
N GLN I 69 -3.97 29.62 32.25
CA GLN I 69 -2.73 30.23 32.69
C GLN I 69 -2.77 30.53 34.18
N ARG I 70 -3.93 30.96 34.68
CA ARG I 70 -4.10 31.18 36.11
C ARG I 70 -3.94 29.87 36.89
N LEU I 71 -4.48 28.78 36.35
CA LEU I 71 -4.37 27.48 37.02
C LEU I 71 -2.94 26.98 37.06
N VAL I 72 -2.21 27.11 35.95
CA VAL I 72 -0.85 26.61 35.93
C VAL I 72 0.05 27.44 36.84
N ARG I 73 -0.19 28.76 36.90
CA ARG I 73 0.52 29.57 37.87
C ARG I 73 0.15 29.20 39.30
N GLU I 74 -1.12 28.83 39.53
CA GLU I 74 -1.55 28.48 40.88
C GLU I 74 -0.94 27.17 41.35
N ILE I 75 -0.94 26.15 40.48
CA ILE I 75 -0.35 24.86 40.82
C ILE I 75 1.15 24.98 40.98
N ALA I 76 1.81 25.77 40.12
CA ALA I 76 3.24 26.00 40.26
C ALA I 76 3.57 26.77 41.54
N GLN I 77 2.75 27.75 41.89
CA GLN I 77 2.93 28.50 43.14
C GLN I 77 2.69 27.61 44.35
N ASP I 78 1.89 26.55 44.20
CA ASP I 78 1.72 25.59 45.28
C ASP I 78 3.03 24.87 45.60
N PHE I 79 3.92 24.73 44.62
CA PHE I 79 5.20 24.06 44.85
C PHE I 79 6.33 25.06 45.07
N LYS I 80 6.64 25.88 44.07
CA LYS I 80 7.74 26.84 44.13
C LYS I 80 7.28 28.23 43.70
N THR I 81 7.78 29.23 44.41
CA THR I 81 7.15 30.54 44.48
C THR I 81 7.61 31.47 43.36
N ASP I 82 6.71 32.43 43.05
CA ASP I 82 6.96 33.58 42.18
C ASP I 82 7.42 33.12 40.79
N LEU I 83 6.75 32.10 40.28
CA LEU I 83 7.24 31.37 39.12
C LEU I 83 6.54 31.85 37.86
N ARG I 84 7.32 32.17 36.83
CA ARG I 84 6.80 32.76 35.60
C ARG I 84 6.71 31.72 34.49
N PHE I 85 5.71 31.89 33.62
CA PHE I 85 5.44 30.96 32.54
C PHE I 85 5.51 31.68 31.21
N GLN I 86 6.26 31.13 30.26
CA GLN I 86 6.14 31.59 28.89
C GLN I 86 4.77 31.27 28.34
N SER I 87 4.27 32.17 27.50
CA SER I 87 2.98 31.94 26.85
C SER I 87 3.01 30.69 25.99
N SER I 88 4.14 30.42 25.34
CA SER I 88 4.32 29.18 24.62
C SER I 88 4.23 27.97 25.54
N ALA I 89 4.76 28.08 26.76
CA ALA I 89 4.67 26.98 27.70
C ALA I 89 3.23 26.72 28.13
N VAL I 90 2.47 27.78 28.38
CA VAL I 90 1.08 27.64 28.77
C VAL I 90 0.28 27.01 27.64
N MET I 91 0.50 27.47 26.41
CA MET I 91 -0.20 26.92 25.26
C MET I 91 0.16 25.45 25.03
N ALA I 92 1.46 25.14 25.08
CA ALA I 92 1.93 23.77 24.84
C ALA I 92 1.37 22.81 25.88
N LEU I 93 1.39 23.22 27.15
CA LEU I 93 0.78 22.44 28.20
C LEU I 93 -0.73 22.35 28.00
N GLN I 94 -1.32 23.34 27.33
CA GLN I 94 -2.74 23.29 27.10
C GLN I 94 -3.11 22.21 26.10
N GLU I 95 -2.38 22.09 24.96
CA GLU I 95 -2.77 20.94 24.12
C GLU I 95 -2.31 19.63 24.74
N ALA I 96 -1.29 19.67 25.60
CA ALA I 96 -0.87 18.47 26.31
C ALA I 96 -1.99 17.93 27.19
N SER I 97 -2.54 18.78 28.04
CA SER I 97 -3.65 18.41 28.89
C SER I 97 -4.88 18.08 28.07
N GLU I 98 -5.08 18.81 26.96
CA GLU I 98 -6.18 18.54 26.05
C GLU I 98 -6.14 17.09 25.56
N ALA I 99 -4.99 16.68 25.04
CA ALA I 99 -4.86 15.34 24.48
C ALA I 99 -4.90 14.28 25.56
N TYR I 100 -4.31 14.56 26.72
CA TYR I 100 -4.34 13.60 27.81
C TYR I 100 -5.77 13.31 28.25
N LEU I 101 -6.56 14.36 28.48
CA LEU I 101 -7.93 14.10 28.89
C LEU I 101 -8.78 13.54 27.75
N VAL I 102 -8.57 13.94 26.49
CA VAL I 102 -9.45 13.37 25.48
C VAL I 102 -9.07 11.91 25.21
N GLY I 103 -7.81 11.54 25.42
CA GLY I 103 -7.46 10.14 25.44
C GLY I 103 -8.15 9.41 26.59
N LEU I 104 -8.19 10.05 27.75
CA LEU I 104 -8.93 9.46 28.87
C LEU I 104 -10.42 9.33 28.59
N PHE I 105 -11.01 10.29 27.89
CA PHE I 105 -12.44 10.16 27.58
C PHE I 105 -12.73 9.15 26.49
N GLU I 106 -11.88 9.01 25.47
CA GLU I 106 -12.12 7.94 24.51
C GLU I 106 -11.93 6.57 25.16
N ASP I 107 -10.98 6.48 26.09
CA ASP I 107 -10.79 5.24 26.83
C ASP I 107 -11.99 4.94 27.73
N THR I 108 -12.55 5.97 28.35
CA THR I 108 -13.73 5.72 29.19
C THR I 108 -14.98 5.49 28.36
N ASN I 109 -15.03 5.98 27.12
CA ASN I 109 -16.10 5.57 26.22
C ASN I 109 -15.98 4.09 25.88
N LEU I 110 -14.76 3.61 25.71
CA LEU I 110 -14.55 2.17 25.56
C LEU I 110 -15.01 1.43 26.82
N ALA I 111 -14.71 2.00 27.99
CA ALA I 111 -15.19 1.40 29.24
C ALA I 111 -16.71 1.46 29.36
N ALA I 112 -17.33 2.48 28.77
CA ALA I 112 -18.78 2.64 28.86
C ALA I 112 -19.49 1.66 27.94
N ILE I 113 -18.98 1.48 26.73
CA ILE I 113 -19.58 0.50 25.83
C ILE I 113 -19.24 -0.91 26.28
N HIS I 114 -18.17 -1.06 27.08
CA HIS I 114 -17.99 -2.25 27.89
C HIS I 114 -19.16 -2.42 28.85
N ALA I 115 -19.54 -1.35 29.54
CA ALA I 115 -20.55 -1.40 30.58
C ALA I 115 -21.96 -1.22 30.04
N LYS I 116 -22.16 -1.43 28.74
CA LYS I 116 -23.45 -1.30 28.06
C LYS I 116 -24.06 0.09 28.20
N ARG I 117 -23.21 1.11 28.40
CA ARG I 117 -23.66 2.45 28.73
C ARG I 117 -23.18 3.45 27.70
N VAL I 118 -23.86 4.59 27.66
CA VAL I 118 -23.43 5.74 26.88
C VAL I 118 -23.05 6.92 27.76
N THR I 119 -23.59 7.01 28.98
CA THR I 119 -23.18 8.02 29.94
C THR I 119 -22.07 7.45 30.81
N ILE I 120 -20.86 8.01 30.69
CA ILE I 120 -19.77 7.57 31.53
C ILE I 120 -19.93 8.14 32.95
N MET I 121 -19.33 7.45 33.91
CA MET I 121 -19.35 7.77 35.33
C MET I 121 -17.93 7.59 35.86
N PRO I 122 -17.55 8.29 36.94
CA PRO I 122 -16.11 8.46 37.22
C PRO I 122 -15.34 7.18 37.54
N LYS I 123 -16.05 6.10 37.88
CA LYS I 123 -15.37 4.82 38.05
C LYS I 123 -14.77 4.30 36.75
N ASP I 124 -15.31 4.73 35.59
CA ASP I 124 -14.63 4.49 34.32
C ASP I 124 -13.26 5.13 34.32
N ILE I 125 -13.16 6.34 34.84
CA ILE I 125 -11.88 7.04 34.86
C ILE I 125 -10.94 6.38 35.87
N GLN I 126 -11.46 5.95 37.02
CA GLN I 126 -10.62 5.24 37.98
C GLN I 126 -10.14 3.90 37.42
N LEU I 127 -11.01 3.21 36.67
CA LEU I 127 -10.60 2.00 35.97
C LEU I 127 -9.48 2.29 34.99
N ALA I 128 -9.65 3.34 34.18
CA ALA I 128 -8.65 3.67 33.16
C ALA I 128 -7.33 4.04 33.79
N ARG I 129 -7.36 4.76 34.92
CA ARG I 129 -6.14 5.06 35.64
C ARG I 129 -5.49 3.80 36.17
N ARG I 130 -6.28 2.86 36.68
CA ARG I 130 -5.70 1.65 37.27
C ARG I 130 -5.07 0.76 36.21
N ILE I 131 -5.78 0.54 35.10
CA ILE I 131 -5.30 -0.43 34.11
C ILE I 131 -4.32 0.21 33.14
N ARG I 132 -4.29 1.53 33.02
CA ARG I 132 -3.13 2.16 32.42
C ARG I 132 -1.91 2.06 33.31
N GLY I 133 -2.10 1.92 34.62
CA GLY I 133 -1.00 1.74 35.53
C GLY I 133 -0.61 2.91 36.40
N GLU I 134 -1.47 3.91 36.57
CA GLU I 134 -1.22 4.93 37.57
C GLU I 134 -2.19 4.78 38.73
N LYS J 21 -1.57 38.42 44.50
CA LYS J 21 -0.58 37.57 43.85
C LYS J 21 -0.90 36.09 44.06
N VAL J 22 -1.39 35.77 45.25
CA VAL J 22 -1.75 34.40 45.59
C VAL J 22 -3.09 34.06 44.93
N LEU J 23 -3.21 32.82 44.46
CA LEU J 23 -4.44 32.32 43.88
C LEU J 23 -4.95 31.12 44.67
N ARG J 24 -6.27 31.00 44.74
CA ARG J 24 -6.91 30.10 45.70
C ARG J 24 -7.71 28.99 45.02
N ASP J 25 -8.49 29.33 43.99
CA ASP J 25 -9.56 28.49 43.50
C ASP J 25 -9.53 28.36 41.99
N ASN J 26 -8.36 28.11 41.41
CA ASN J 26 -8.31 27.99 39.96
C ASN J 26 -8.66 26.60 39.45
N ILE J 27 -9.05 25.67 40.33
CA ILE J 27 -9.61 24.42 39.82
C ILE J 27 -10.92 24.71 39.09
N GLN J 28 -11.68 25.70 39.54
CA GLN J 28 -12.89 26.10 38.87
C GLN J 28 -12.63 27.03 37.70
N GLY J 29 -11.36 27.39 37.46
CA GLY J 29 -11.02 28.10 36.24
C GLY J 29 -11.28 27.27 35.00
N ILE J 30 -11.03 25.96 35.07
CA ILE J 30 -11.43 25.06 34.00
C ILE J 30 -12.93 24.85 34.17
N THR J 31 -13.72 25.58 33.38
CA THR J 31 -15.14 25.65 33.59
C THR J 31 -15.83 24.34 33.19
N LYS J 32 -17.05 24.17 33.69
CA LYS J 32 -17.88 23.04 33.28
C LYS J 32 -18.14 22.98 31.78
N PRO J 33 -18.49 24.07 31.07
CA PRO J 33 -18.59 23.95 29.60
C PRO J 33 -17.27 23.61 28.93
N ALA J 34 -16.14 24.04 29.50
CA ALA J 34 -14.84 23.61 28.96
C ALA J 34 -14.67 22.10 29.10
N ILE J 35 -15.08 21.54 30.24
CA ILE J 35 -15.01 20.09 30.44
C ILE J 35 -15.93 19.37 29.46
N ARG J 36 -17.14 19.91 29.27
CA ARG J 36 -18.06 19.30 28.31
C ARG J 36 -17.51 19.34 26.90
N ARG J 37 -16.84 20.43 26.53
CA ARG J 37 -16.25 20.52 25.21
C ARG J 37 -15.06 19.57 25.05
N LEU J 38 -14.26 19.42 26.10
CA LEU J 38 -13.21 18.40 26.15
C LEU J 38 -13.77 17.01 25.85
N ALA J 39 -14.83 16.63 26.56
CA ALA J 39 -15.41 15.31 26.35
C ALA J 39 -16.13 15.22 25.00
N ARG J 40 -16.54 16.36 24.42
CA ARG J 40 -17.00 16.35 23.03
C ARG J 40 -15.87 15.97 22.09
N ARG J 41 -14.67 16.50 22.32
CA ARG J 41 -13.54 16.11 21.47
C ARG J 41 -13.16 14.65 21.68
N GLY J 42 -13.34 14.13 22.88
CA GLY J 42 -13.11 12.72 23.08
C GLY J 42 -14.25 11.83 22.66
N GLY J 43 -15.32 12.39 22.10
CA GLY J 43 -16.43 11.57 21.67
C GLY J 43 -17.34 11.08 22.77
N VAL J 44 -17.54 11.84 23.83
CA VAL J 44 -18.49 11.49 24.88
C VAL J 44 -19.80 12.19 24.59
N LYS J 45 -20.88 11.42 24.54
CA LYS J 45 -22.19 12.00 24.30
C LYS J 45 -22.76 12.61 25.57
N ARG J 46 -22.85 11.84 26.65
CA ARG J 46 -23.48 12.29 27.88
C ARG J 46 -22.48 12.30 29.02
N ILE J 47 -22.47 13.41 29.78
CA ILE J 47 -21.50 13.65 30.84
C ILE J 47 -22.26 13.90 32.13
N SER J 48 -22.17 12.95 33.07
CA SER J 48 -22.85 13.08 34.34
C SER J 48 -22.20 14.16 35.20
N GLY J 49 -22.93 14.58 36.23
CA GLY J 49 -22.53 15.72 37.04
C GLY J 49 -21.37 15.47 37.97
N LEU J 50 -21.14 14.22 38.36
CA LEU J 50 -20.00 13.89 39.21
C LEU J 50 -18.68 13.96 38.47
N ILE J 51 -18.72 14.02 37.14
CA ILE J 51 -17.52 13.92 36.34
C ILE J 51 -16.64 15.15 36.45
N TYR J 52 -17.26 16.34 36.51
CA TYR J 52 -16.52 17.59 36.31
C TYR J 52 -15.49 17.82 37.41
N GLU J 53 -15.87 17.59 38.66
CA GLU J 53 -14.95 17.89 39.77
C GLU J 53 -13.82 16.88 39.85
N GLU J 54 -14.10 15.59 39.64
CA GLU J 54 -13.01 14.63 39.75
C GLU J 54 -12.13 14.66 38.51
N THR J 55 -12.68 15.05 37.36
CA THR J 55 -11.82 15.30 36.21
C THR J 55 -10.95 16.52 36.40
N ARG J 56 -11.47 17.54 37.09
CA ARG J 56 -10.61 18.62 37.59
C ARG J 56 -9.51 18.07 38.47
N GLY J 57 -9.85 17.11 39.34
CA GLY J 57 -8.85 16.51 40.21
C GLY J 57 -7.80 15.71 39.47
N VAL J 58 -8.21 14.96 38.44
CA VAL J 58 -7.22 14.13 37.76
C VAL J 58 -6.39 14.98 36.81
N LEU J 59 -6.97 16.06 36.26
CA LEU J 59 -6.18 17.05 35.56
C LEU J 59 -5.19 17.71 36.51
N LYS J 60 -5.63 17.94 37.74
CA LYS J 60 -4.77 18.49 38.78
C LYS J 60 -3.58 17.59 39.06
N VAL J 61 -3.83 16.30 39.28
CA VAL J 61 -2.72 15.41 39.63
C VAL J 61 -1.82 15.17 38.43
N PHE J 62 -2.39 15.15 37.21
CA PHE J 62 -1.57 15.07 36.02
C PHE J 62 -0.65 16.27 35.91
N LEU J 63 -1.18 17.46 36.16
CA LEU J 63 -0.29 18.61 36.14
C LEU J 63 0.64 18.64 37.34
N GLU J 64 0.28 18.05 38.47
CA GLU J 64 1.22 17.96 39.58
C GLU J 64 2.44 17.16 39.17
N ASN J 65 2.22 16.02 38.51
CA ASN J 65 3.34 15.24 37.99
C ASN J 65 4.12 16.02 36.93
N VAL J 66 3.41 16.55 35.93
CA VAL J 66 4.08 17.17 34.78
C VAL J 66 4.79 18.45 35.19
N ILE J 67 4.11 19.31 35.94
CA ILE J 67 4.70 20.57 36.37
C ILE J 67 5.78 20.34 37.41
N ARG J 68 5.63 19.37 38.32
CA ARG J 68 6.71 19.08 39.25
C ARG J 68 7.95 18.64 38.52
N ASP J 69 7.78 17.78 37.52
CA ASP J 69 8.91 17.34 36.72
C ASP J 69 9.52 18.50 35.93
N ALA J 70 8.68 19.31 35.31
CA ALA J 70 9.17 20.39 34.46
C ALA J 70 9.82 21.50 35.28
N VAL J 71 9.23 21.81 36.43
CA VAL J 71 9.80 22.82 37.31
C VAL J 71 11.11 22.30 37.89
N THR J 72 11.18 20.99 38.14
CA THR J 72 12.44 20.38 38.57
C THR J 72 13.49 20.50 37.48
N TYR J 73 13.07 20.36 36.22
CA TYR J 73 13.96 20.63 35.09
C TYR J 73 14.45 22.09 35.10
N THR J 74 13.54 23.03 35.38
CA THR J 74 13.92 24.44 35.37
C THR J 74 14.92 24.75 36.47
N GLU J 75 14.65 24.29 37.69
CA GLU J 75 15.55 24.55 38.79
C GLU J 75 16.86 23.79 38.65
N HIS J 76 16.85 22.71 37.86
CA HIS J 76 18.12 22.14 37.42
C HIS J 76 18.90 23.08 36.53
N ALA J 77 18.20 23.87 35.71
CA ALA J 77 18.84 24.76 34.76
C ALA J 77 19.32 26.07 35.38
N LYS J 78 19.02 26.29 36.66
CA LYS J 78 19.16 27.59 37.32
C LYS J 78 18.43 28.69 36.58
N ARG J 79 17.33 28.34 35.91
CA ARG J 79 16.45 29.32 35.30
C ARG J 79 15.31 29.59 36.26
N LYS J 80 14.59 30.68 36.01
CA LYS J 80 13.48 31.04 36.86
C LYS J 80 12.14 31.01 36.11
N THR J 81 12.16 31.14 34.80
CA THR J 81 10.95 31.04 33.99
C THR J 81 10.80 29.61 33.43
N VAL J 82 9.61 29.04 33.60
CA VAL J 82 9.30 27.75 32.99
C VAL J 82 9.21 27.92 31.48
N THR J 83 9.85 27.01 30.74
CA THR J 83 9.83 27.04 29.29
C THR J 83 9.00 25.89 28.73
N ALA J 84 8.55 26.06 27.49
CA ALA J 84 7.78 25.02 26.82
C ALA J 84 8.60 23.77 26.55
N MET J 85 9.92 23.93 26.35
CA MET J 85 10.79 22.79 26.14
C MET J 85 10.78 21.86 27.36
N ASP J 86 10.77 22.43 28.55
CA ASP J 86 10.71 21.60 29.73
C ASP J 86 9.35 20.95 29.90
N VAL J 87 8.28 21.60 29.46
CA VAL J 87 6.96 20.98 29.52
C VAL J 87 6.91 19.77 28.60
N VAL J 88 7.39 19.92 27.36
CA VAL J 88 7.35 18.77 26.46
C VAL J 88 8.37 17.71 26.89
N TYR J 89 9.45 18.11 27.55
CA TYR J 89 10.46 17.14 27.98
C TYR J 89 9.98 16.32 29.16
N ALA J 90 9.36 16.97 30.14
CA ALA J 90 8.73 16.26 31.24
C ALA J 90 7.56 15.41 30.77
N LEU J 91 6.90 15.84 29.69
CA LEU J 91 5.93 14.98 29.05
C LEU J 91 6.61 13.74 28.48
N LYS J 92 7.75 13.91 27.81
CA LYS J 92 8.34 12.82 27.05
C LYS J 92 8.95 11.77 27.98
N ARG J 93 9.51 12.19 29.11
CA ARG J 93 10.02 11.16 30.02
C ARG J 93 8.91 10.39 30.74
N GLN J 94 7.68 10.88 30.70
CA GLN J 94 6.55 10.11 31.19
C GLN J 94 5.90 9.29 30.10
N GLY J 95 6.57 9.11 28.97
CA GLY J 95 6.01 8.39 27.87
C GLY J 95 4.84 9.10 27.23
N ARG J 96 4.84 10.42 27.24
CA ARG J 96 3.74 11.23 26.77
C ARG J 96 4.23 12.35 25.88
N THR J 97 5.10 12.01 24.93
CA THR J 97 5.77 13.03 24.12
C THR J 97 4.79 13.82 23.25
N LEU J 98 5.10 15.09 23.06
CA LEU J 98 4.27 16.01 22.31
C LEU J 98 5.03 16.53 21.11
N TYR J 99 4.32 16.71 20.01
CA TYR J 99 4.89 17.27 18.80
C TYR J 99 4.47 18.72 18.64
N GLY J 100 5.42 19.58 18.29
CA GLY J 100 5.15 20.94 17.91
C GLY J 100 5.84 22.05 18.69
N PHE J 101 6.67 21.73 19.67
CA PHE J 101 7.43 22.75 20.41
C PHE J 101 8.84 22.26 20.74
N GLY J 102 9.63 22.00 19.71
CA GLY J 102 11.05 21.85 19.89
C GLY J 102 11.49 20.54 20.51
N GLY J 103 10.61 19.56 20.58
CA GLY J 103 10.97 18.26 21.14
C GLY J 103 11.86 17.44 20.22
N ALA K 28 56.49 5.66 47.80
CA ALA K 28 55.89 6.26 48.98
C ALA K 28 54.38 6.45 48.78
N ARG K 29 53.74 5.46 48.16
CA ARG K 29 52.32 5.55 47.90
C ARG K 29 51.51 5.37 49.18
N ALA K 30 50.39 6.07 49.26
CA ALA K 30 49.54 6.02 50.43
C ALA K 30 48.80 4.68 50.49
N LYS K 31 48.22 4.41 51.67
CA LYS K 31 47.43 3.20 51.85
C LYS K 31 46.16 3.28 51.02
N ALA K 32 45.84 2.19 50.32
CA ALA K 32 44.71 2.16 49.40
C ALA K 32 43.43 1.98 50.19
N LYS K 33 42.66 3.07 50.32
CA LYS K 33 41.35 3.05 50.94
C LYS K 33 40.28 3.12 49.85
N THR K 34 39.09 2.62 50.17
CA THR K 34 38.00 2.50 49.21
C THR K 34 37.03 3.66 49.38
N ARG K 35 36.49 4.14 48.25
CA ARG K 35 35.58 5.28 48.27
C ARG K 35 34.27 4.95 48.97
N SER K 36 33.85 3.68 48.94
CA SER K 36 32.66 3.27 49.69
C SER K 36 32.89 3.42 51.18
N SER K 37 34.06 3.03 51.68
CA SER K 37 34.38 3.26 53.08
C SER K 37 34.64 4.73 53.36
N ARG K 38 35.12 5.48 52.36
CA ARG K 38 35.29 6.92 52.51
C ARG K 38 33.95 7.62 52.71
N ALA K 39 32.93 7.19 51.98
CA ALA K 39 31.59 7.72 52.16
C ALA K 39 30.78 6.90 53.16
N GLY K 40 31.42 5.94 53.82
CA GLY K 40 30.74 5.11 54.79
C GLY K 40 29.68 4.24 54.18
N LEU K 41 29.90 3.78 52.97
CA LEU K 41 28.89 3.06 52.21
C LEU K 41 29.39 1.64 51.95
N GLN K 42 28.44 0.76 51.65
CA GLN K 42 28.79 -0.62 51.34
C GLN K 42 28.73 -0.92 49.84
N PHE K 43 27.88 -0.22 49.10
CA PHE K 43 27.85 -0.39 47.65
C PHE K 43 29.14 0.13 47.03
N PRO K 44 29.64 -0.55 45.98
CA PRO K 44 30.93 -0.18 45.40
C PRO K 44 30.83 1.12 44.60
N VAL K 45 31.51 2.14 45.10
CA VAL K 45 31.66 3.37 44.33
C VAL K 45 32.46 3.09 43.07
N GLY K 46 33.44 2.20 43.17
CA GLY K 46 34.25 1.85 42.02
C GLY K 46 33.44 1.17 40.92
N ARG K 47 32.58 0.21 41.29
CA ARG K 47 31.89 -0.55 40.25
C ARG K 47 30.79 0.28 39.60
N VAL K 48 30.07 1.08 40.40
CA VAL K 48 29.03 1.92 39.83
C VAL K 48 29.62 3.04 38.99
N HIS K 49 30.75 3.62 39.43
CA HIS K 49 31.46 4.58 38.60
C HIS K 49 31.93 3.95 37.30
N ARG K 50 32.43 2.72 37.37
CA ARG K 50 32.90 2.04 36.18
C ARG K 50 31.75 1.76 35.21
N LEU K 51 30.61 1.32 35.75
CA LEU K 51 29.42 1.05 34.95
C LEU K 51 28.83 2.33 34.37
N LEU K 52 29.07 3.47 35.00
CA LEU K 52 28.71 4.73 34.37
C LEU K 52 29.71 5.10 33.28
N ARG K 53 30.98 4.79 33.48
CA ARG K 53 32.01 5.22 32.53
C ARG K 53 31.92 4.44 31.22
N LYS K 54 31.77 3.11 31.26
CA LYS K 54 31.57 2.40 30.00
C LYS K 54 30.11 2.09 29.72
N GLY K 55 29.20 2.49 30.60
CA GLY K 55 27.82 2.37 30.23
C GLY K 55 27.37 3.48 29.32
N ASN K 56 28.26 4.44 29.06
CA ASN K 56 28.18 5.41 27.98
C ASN K 56 26.93 6.28 28.14
N TYR K 57 26.95 7.04 29.24
CA TYR K 57 25.84 7.90 29.61
C TYR K 57 26.18 9.39 29.58
N SER K 58 27.45 9.75 29.60
CA SER K 58 27.87 11.12 29.34
C SER K 58 29.31 11.09 28.89
N GLU K 59 29.77 12.23 28.37
CA GLU K 59 31.20 12.37 28.10
C GLU K 59 32.01 12.38 29.38
N ARG K 60 31.48 12.96 30.45
CA ARG K 60 32.31 13.32 31.58
C ARG K 60 31.45 12.92 32.79
N VAL K 61 32.06 12.62 33.94
CA VAL K 61 31.26 12.13 35.06
C VAL K 61 31.68 12.88 36.31
N GLY K 62 30.71 13.55 36.92
CA GLY K 62 30.98 14.21 38.19
C GLY K 62 31.28 13.19 39.26
N ALA K 63 32.21 13.57 40.14
CA ALA K 63 32.72 12.62 41.12
C ALA K 63 31.69 12.29 42.19
N GLY K 64 30.81 13.23 42.52
CA GLY K 64 29.80 12.96 43.51
C GLY K 64 28.63 12.14 43.00
N ALA K 65 28.46 12.06 41.68
CA ALA K 65 27.32 11.36 41.10
C ALA K 65 27.25 9.87 41.44
N PRO K 66 28.28 9.05 41.23
CA PRO K 66 28.11 7.63 41.61
C PRO K 66 28.19 7.37 43.10
N VAL K 67 28.81 8.25 43.88
CA VAL K 67 28.70 8.14 45.34
C VAL K 67 27.25 8.33 45.76
N TYR K 68 26.61 9.36 45.20
CA TYR K 68 25.20 9.60 45.44
C TYR K 68 24.37 8.42 44.98
N LEU K 69 24.72 7.86 43.82
CA LEU K 69 23.98 6.74 43.26
C LEU K 69 24.08 5.50 44.13
N ALA K 70 25.31 5.19 44.58
CA ALA K 70 25.51 4.05 45.45
C ALA K 70 24.79 4.23 46.76
N ALA K 71 24.71 5.47 47.26
CA ALA K 71 23.91 5.74 48.43
C ALA K 71 22.44 5.46 48.18
N VAL K 72 21.95 5.86 47.00
CA VAL K 72 20.55 5.61 46.67
C VAL K 72 20.26 4.13 46.61
N LEU K 73 21.06 3.38 45.85
CA LEU K 73 20.83 1.94 45.75
C LEU K 73 21.07 1.21 47.05
N GLU K 74 22.02 1.66 47.88
CA GLU K 74 22.21 1.01 49.16
C GLU K 74 21.00 1.25 50.06
N TYR K 75 20.43 2.45 50.04
CA TYR K 75 19.22 2.67 50.82
C TYR K 75 18.06 1.86 50.26
N LEU K 76 17.93 1.79 48.93
CA LEU K 76 16.85 1.02 48.33
C LEU K 76 16.95 -0.46 48.66
N THR K 77 18.12 -1.05 48.43
CA THR K 77 18.34 -2.45 48.76
C THR K 77 18.23 -2.71 50.24
N ALA K 78 18.68 -1.78 51.08
CA ALA K 78 18.54 -1.94 52.53
C ALA K 78 17.07 -1.97 52.93
N GLU K 79 16.27 -1.08 52.33
CA GLU K 79 14.87 -0.98 52.68
C GLU K 79 14.10 -2.21 52.18
N ILE K 80 14.44 -2.71 51.00
CA ILE K 80 13.70 -3.86 50.51
C ILE K 80 14.21 -5.14 51.18
N LEU K 81 15.45 -5.15 51.66
CA LEU K 81 15.90 -6.26 52.47
C LEU K 81 15.29 -6.24 53.86
N GLU K 82 15.01 -5.04 54.40
CA GLU K 82 14.18 -4.94 55.60
C GLU K 82 12.81 -5.55 55.37
N LEU K 83 12.15 -5.16 54.28
CA LEU K 83 10.83 -5.72 53.99
C LEU K 83 10.88 -7.23 53.77
N ALA K 84 11.92 -7.69 53.05
CA ALA K 84 12.04 -9.12 52.78
C ALA K 84 12.35 -9.92 54.04
N GLY K 85 13.24 -9.39 54.90
CA GLY K 85 13.55 -10.09 56.13
C GLY K 85 12.39 -10.13 57.09
N ASN K 86 11.64 -9.03 57.18
CA ASN K 86 10.46 -9.03 58.05
C ASN K 86 9.36 -9.92 57.49
N ALA K 87 9.23 -10.00 56.17
CA ALA K 87 8.26 -10.91 55.59
C ALA K 87 8.67 -12.36 55.78
N ALA K 88 9.97 -12.65 55.70
CA ALA K 88 10.45 -14.02 55.91
C ALA K 88 10.29 -14.42 57.37
N ARG K 89 10.62 -13.52 58.31
CA ARG K 89 10.41 -13.79 59.72
C ARG K 89 8.93 -13.86 60.06
N ASP K 90 8.08 -13.22 59.26
CA ASP K 90 6.63 -13.38 59.40
C ASP K 90 6.20 -14.80 59.03
N ASN K 91 6.83 -15.40 58.03
CA ASN K 91 6.52 -16.76 57.64
C ASN K 91 7.59 -17.73 58.17
N LYS K 92 8.20 -17.38 59.31
CA LYS K 92 9.06 -18.23 60.17
C LYS K 92 10.25 -18.86 59.43
N LYS K 93 10.60 -18.38 58.25
CA LYS K 93 11.81 -18.84 57.56
C LYS K 93 12.86 -17.73 57.59
N THR K 94 14.13 -18.15 57.65
CA THR K 94 15.24 -17.21 57.76
C THR K 94 15.96 -16.96 56.44
N ARG K 95 15.70 -17.74 55.40
CA ARG K 95 16.37 -17.61 54.12
C ARG K 95 15.38 -17.06 53.12
N ILE K 96 15.71 -15.92 52.51
CA ILE K 96 14.75 -15.18 51.70
C ILE K 96 14.78 -15.66 50.27
N ILE K 97 13.59 -15.84 49.69
CA ILE K 97 13.40 -16.33 48.33
C ILE K 97 12.71 -15.22 47.55
N PRO K 98 12.63 -15.29 46.21
CA PRO K 98 11.94 -14.22 45.47
C PRO K 98 10.47 -14.06 45.79
N ARG K 99 9.81 -15.05 46.40
CA ARG K 99 8.46 -14.81 46.93
C ARG K 99 8.49 -13.73 47.99
N HIS K 100 9.49 -13.77 48.88
CA HIS K 100 9.67 -12.70 49.85
C HIS K 100 10.00 -11.37 49.17
N LEU K 101 10.65 -11.40 48.00
CA LEU K 101 10.96 -10.16 47.32
C LEU K 101 9.71 -9.55 46.68
N GLN K 102 8.85 -10.40 46.11
CA GLN K 102 7.55 -9.92 45.62
C GLN K 102 6.72 -9.36 46.76
N LEU K 103 6.76 -10.04 47.92
CA LEU K 103 6.08 -9.52 49.10
C LEU K 103 6.70 -8.21 49.58
N ALA K 104 8.00 -8.03 49.33
CA ALA K 104 8.65 -6.78 49.74
C ALA K 104 8.24 -5.63 48.82
N ILE K 105 8.35 -5.82 47.52
CA ILE K 105 8.10 -4.72 46.58
C ILE K 105 6.62 -4.41 46.48
N ARG K 106 5.79 -5.43 46.29
CA ARG K 106 4.39 -5.19 45.98
C ARG K 106 3.58 -4.70 47.18
N ASN K 107 4.07 -4.88 48.41
CA ASN K 107 3.34 -4.41 49.58
C ASN K 107 3.62 -2.95 49.90
N ASP K 108 4.59 -2.34 49.23
CA ASP K 108 4.87 -0.91 49.38
C ASP K 108 4.35 -0.20 48.15
N GLU K 109 3.37 0.69 48.33
CA GLU K 109 2.74 1.38 47.21
C GLU K 109 3.73 2.24 46.43
N GLU K 110 4.66 2.88 47.13
CA GLU K 110 5.59 3.76 46.46
C GLU K 110 6.64 2.99 45.68
N LEU K 111 7.01 1.79 46.13
CA LEU K 111 7.85 0.94 45.30
C LEU K 111 7.09 0.42 44.08
N ASN K 112 5.79 0.18 44.20
CA ASN K 112 4.99 -0.14 43.02
C ASN K 112 4.95 1.02 42.04
N LYS K 113 4.84 2.25 42.55
CA LYS K 113 4.95 3.41 41.67
C LYS K 113 6.31 3.48 41.02
N LEU K 114 7.35 3.00 41.72
CA LEU K 114 8.65 2.80 41.07
C LEU K 114 8.63 1.57 40.18
N LEU K 115 8.03 0.46 40.64
CA LEU K 115 8.17 -0.81 39.93
C LEU K 115 6.86 -1.55 39.67
N GLY K 116 5.86 -0.87 39.11
CA GLY K 116 4.63 -1.57 38.75
C GLY K 116 4.78 -2.44 37.52
N ARG K 117 5.70 -2.11 36.64
CA ARG K 117 5.79 -2.71 35.31
C ARG K 117 6.90 -3.74 35.19
N VAL K 118 7.40 -4.26 36.31
CA VAL K 118 8.57 -5.14 36.34
C VAL K 118 8.10 -6.58 36.56
N THR K 119 8.83 -7.54 35.99
CA THR K 119 8.58 -8.95 36.21
C THR K 119 9.60 -9.53 37.18
N ILE K 120 9.11 -10.15 38.25
CA ILE K 120 9.95 -10.87 39.20
C ILE K 120 9.83 -12.37 38.95
N ALA K 121 10.97 -13.03 38.76
CA ALA K 121 10.97 -14.48 38.52
C ALA K 121 10.65 -15.23 39.81
N GLN K 122 9.72 -16.18 39.71
CA GLN K 122 9.39 -17.15 40.77
C GLN K 122 8.89 -16.48 42.05
N GLY K 123 8.40 -15.25 41.94
CA GLY K 123 7.79 -14.58 43.08
C GLY K 123 6.29 -14.72 43.06
N GLY K 124 5.74 -15.11 41.91
CA GLY K 124 4.30 -15.23 41.78
C GLY K 124 3.63 -13.87 41.83
N VAL K 125 2.49 -13.82 42.49
CA VAL K 125 1.69 -12.61 42.58
C VAL K 125 1.55 -12.25 44.04
N LEU K 126 1.52 -10.95 44.33
CA LEU K 126 1.14 -10.48 45.65
C LEU K 126 -0.26 -10.99 45.97
N PRO K 127 -0.54 -11.40 47.22
CA PRO K 127 -1.91 -11.66 47.62
C PRO K 127 -2.79 -10.44 47.43
N ASN K 128 -3.70 -10.53 46.45
CA ASN K 128 -4.54 -9.41 46.05
C ASN K 128 -5.83 -10.00 45.50
N ILE K 129 -6.86 -10.00 46.33
CA ILE K 129 -8.14 -10.61 45.98
C ILE K 129 -9.21 -9.54 46.11
N GLN K 130 -9.97 -9.34 45.04
CA GLN K 130 -11.00 -8.31 45.05
C GLN K 130 -12.15 -8.75 45.94
N ALA K 131 -12.68 -7.80 46.71
CA ALA K 131 -13.72 -8.12 47.68
C ALA K 131 -15.04 -8.48 47.02
N VAL K 132 -15.27 -7.99 45.81
CA VAL K 132 -16.54 -8.26 45.13
C VAL K 132 -16.59 -9.70 44.63
N LEU K 133 -15.44 -10.27 44.29
CA LEU K 133 -15.40 -11.68 43.92
C LEU K 133 -15.26 -12.60 45.13
N LEU K 134 -15.00 -12.04 46.31
CA LEU K 134 -15.05 -12.81 47.53
C LEU K 134 -16.50 -13.14 47.89
N PRO K 135 -16.75 -14.32 48.47
CA PRO K 135 -18.14 -14.70 48.77
C PRO K 135 -18.73 -13.94 49.95
N LYS K 136 -20.03 -14.09 50.16
CA LYS K 136 -20.71 -13.42 51.26
C LYS K 136 -20.64 -14.24 52.54
N LYS L 31 40.66 -22.28 33.85
CA LYS L 31 39.75 -21.52 34.68
C LYS L 31 38.66 -20.86 33.83
N ARG L 32 38.06 -19.82 34.40
CA ARG L 32 37.07 -19.00 33.70
C ARG L 32 37.36 -17.53 33.95
N SER L 33 36.86 -16.68 33.05
CA SER L 33 36.95 -15.25 33.26
C SER L 33 36.04 -14.82 34.40
N ARG L 34 36.45 -13.79 35.12
CA ARG L 34 35.69 -13.33 36.28
C ARG L 34 34.42 -12.63 35.81
N LYS L 35 33.27 -13.23 36.14
CA LYS L 35 31.97 -12.72 35.71
C LYS L 35 31.37 -11.92 36.85
N GLU L 36 31.12 -10.64 36.61
CA GLU L 36 30.90 -9.69 37.69
C GLU L 36 29.44 -9.67 38.14
N SER L 37 29.24 -9.50 39.44
CA SER L 37 27.92 -9.51 40.04
C SER L 37 27.98 -8.76 41.36
N TYR L 38 26.80 -8.40 41.86
CA TYR L 38 26.68 -7.65 43.10
C TYR L 38 26.39 -8.54 44.30
N SER L 39 26.93 -9.78 44.31
CA SER L 39 26.56 -10.74 45.34
C SER L 39 27.07 -10.33 46.72
N VAL L 40 28.35 -9.95 46.79
CA VAL L 40 28.99 -9.75 48.07
C VAL L 40 28.45 -8.51 48.78
N TYR L 41 28.15 -7.43 48.03
CA TYR L 41 27.81 -6.19 48.68
C TYR L 41 26.38 -6.22 49.21
N VAL L 42 25.49 -6.85 48.46
CA VAL L 42 24.14 -7.08 48.96
C VAL L 42 24.18 -8.04 50.14
N TYR L 43 25.10 -9.00 50.12
CA TYR L 43 25.28 -9.84 51.31
C TYR L 43 25.79 -9.02 52.50
N LYS L 44 26.67 -8.05 52.23
CA LYS L 44 27.19 -7.19 53.29
C LYS L 44 26.09 -6.35 53.91
N VAL L 45 25.26 -5.71 53.08
CA VAL L 45 24.17 -4.91 53.63
C VAL L 45 23.14 -5.82 54.28
N LEU L 46 23.00 -7.06 53.79
CA LEU L 46 22.10 -8.04 54.40
C LEU L 46 22.53 -8.35 55.83
N LYS L 47 23.81 -8.67 56.02
CA LYS L 47 24.31 -8.92 57.35
C LYS L 47 24.34 -7.66 58.20
N GLN L 48 24.44 -6.49 57.55
CA GLN L 48 24.39 -5.23 58.28
C GLN L 48 23.02 -4.98 58.88
N VAL L 49 21.95 -5.23 58.12
CA VAL L 49 20.61 -4.89 58.59
C VAL L 49 19.85 -6.10 59.15
N HIS L 50 20.24 -7.32 58.78
CA HIS L 50 19.65 -8.53 59.36
C HIS L 50 20.76 -9.58 59.45
N PRO L 51 21.51 -9.59 60.56
CA PRO L 51 22.59 -10.57 60.71
C PRO L 51 22.12 -12.02 60.76
N ASP L 52 20.88 -12.25 61.16
CA ASP L 52 20.37 -13.59 61.39
C ASP L 52 19.76 -14.24 60.15
N THR L 53 19.59 -13.52 59.06
CA THR L 53 18.83 -14.03 57.92
C THR L 53 19.73 -14.59 56.84
N GLY L 54 19.11 -15.38 55.95
CA GLY L 54 19.80 -16.03 54.87
C GLY L 54 19.44 -15.46 53.50
N ILE L 55 20.06 -16.05 52.48
CA ILE L 55 19.89 -15.59 51.11
C ILE L 55 19.83 -16.81 50.21
N SER L 56 19.05 -16.70 49.13
CA SER L 56 18.96 -17.74 48.12
C SER L 56 19.53 -17.25 46.80
N SER L 57 19.78 -18.20 45.90
CA SER L 57 20.42 -17.87 44.62
C SER L 57 19.45 -17.16 43.68
N LYS L 58 18.20 -17.62 43.65
CA LYS L 58 17.18 -16.95 42.84
C LYS L 58 16.95 -15.52 43.34
N ALA L 59 16.84 -15.33 44.65
CA ALA L 59 16.66 -14.00 45.20
C ALA L 59 17.85 -13.11 44.90
N MET L 60 19.05 -13.69 44.87
CA MET L 60 20.23 -12.90 44.57
C MET L 60 20.25 -12.50 43.10
N GLY L 61 19.81 -13.38 42.20
CA GLY L 61 19.65 -12.98 40.81
C GLY L 61 18.62 -11.89 40.63
N ILE L 62 17.52 -11.96 41.40
CA ILE L 62 16.51 -10.91 41.37
C ILE L 62 17.12 -9.59 41.81
N MET L 63 17.92 -9.61 42.87
CA MET L 63 18.53 -8.39 43.37
C MET L 63 19.55 -7.82 42.41
N ASN L 64 20.32 -8.67 41.73
CA ASN L 64 21.24 -8.17 40.72
C ASN L 64 20.49 -7.54 39.56
N SER L 65 19.38 -8.13 39.13
CA SER L 65 18.57 -7.51 38.10
C SER L 65 17.96 -6.20 38.57
N PHE L 66 17.58 -6.12 39.85
CA PHE L 66 17.07 -4.88 40.42
C PHE L 66 18.12 -3.78 40.44
N VAL L 67 19.35 -4.12 40.85
CA VAL L 67 20.45 -3.18 40.85
C VAL L 67 20.70 -2.67 39.44
N ASN L 68 20.72 -3.59 38.47
CA ASN L 68 20.94 -3.21 37.08
C ASN L 68 19.82 -2.32 36.55
N ASP L 69 18.56 -2.65 36.88
CA ASP L 69 17.41 -1.92 36.37
C ASP L 69 17.35 -0.49 36.91
N ILE L 70 17.48 -0.34 38.22
CA ILE L 70 17.42 1.00 38.81
C ILE L 70 18.64 1.82 38.39
N PHE L 71 19.81 1.18 38.30
CA PHE L 71 21.00 1.89 37.89
C PHE L 71 20.87 2.40 36.46
N GLU L 72 20.33 1.58 35.56
CA GLU L 72 20.22 2.04 34.18
C GLU L 72 19.13 3.09 34.01
N ARG L 73 18.03 3.00 34.78
CA ARG L 73 17.03 4.07 34.71
C ARG L 73 17.62 5.41 35.13
N ILE L 74 18.33 5.42 36.26
CA ILE L 74 18.90 6.67 36.74
C ILE L 74 19.99 7.17 35.78
N ALA L 75 20.76 6.25 35.21
CA ALA L 75 21.80 6.65 34.26
C ALA L 75 21.19 7.25 32.99
N GLY L 76 20.09 6.67 32.52
CA GLY L 76 19.42 7.22 31.34
C GLY L 76 18.85 8.60 31.58
N GLU L 77 18.17 8.78 32.72
CA GLU L 77 17.63 10.10 33.06
C GLU L 77 18.75 11.11 33.26
N ALA L 78 19.87 10.67 33.84
CA ALA L 78 21.02 11.56 34.01
C ALA L 78 21.59 11.98 32.67
N SER L 79 21.61 11.06 31.69
CA SER L 79 22.02 11.42 30.34
C SER L 79 21.10 12.46 29.75
N ARG L 80 19.79 12.27 29.92
CA ARG L 80 18.83 13.22 29.34
C ARG L 80 18.99 14.60 29.98
N LEU L 81 19.16 14.66 31.30
CA LEU L 81 19.45 15.94 31.94
C LEU L 81 20.77 16.54 31.48
N ALA L 82 21.76 15.70 31.18
CA ALA L 82 23.03 16.22 30.69
C ALA L 82 22.88 16.88 29.34
N HIS L 83 22.15 16.25 28.42
CA HIS L 83 22.03 16.82 27.09
C HIS L 83 20.97 17.91 26.98
N TYR L 84 19.99 17.94 27.89
CA TYR L 84 18.98 18.98 27.80
C TYR L 84 19.55 20.32 28.21
N ASN L 85 20.47 20.31 29.17
CA ASN L 85 21.19 21.49 29.58
C ASN L 85 22.51 21.65 28.85
N LYS L 86 22.77 20.78 27.87
CA LYS L 86 24.01 20.75 27.10
C LYS L 86 25.22 20.57 28.02
N ARG L 87 25.03 19.83 29.10
CA ARG L 87 26.08 19.56 30.05
C ARG L 87 26.88 18.36 29.57
N SER L 88 28.20 18.53 29.48
CA SER L 88 29.06 17.41 29.13
C SER L 88 29.28 16.45 30.29
N THR L 89 28.87 16.81 31.51
CA THR L 89 29.09 15.98 32.67
C THR L 89 27.79 15.77 33.43
N ILE L 90 27.72 14.66 34.15
CA ILE L 90 26.64 14.38 35.08
C ILE L 90 27.22 14.49 36.47
N THR L 91 26.78 15.49 37.23
CA THR L 91 27.26 15.71 38.58
C THR L 91 26.22 15.25 39.58
N SER L 92 26.51 15.49 40.86
CA SER L 92 25.58 15.17 41.93
C SER L 92 24.30 15.98 41.82
N ARG L 93 24.39 17.19 41.27
CA ARG L 93 23.18 17.95 40.98
C ARG L 93 22.35 17.26 39.91
N GLU L 94 23.02 16.80 38.84
CA GLU L 94 22.33 16.13 37.75
C GLU L 94 21.64 14.86 38.21
N ILE L 95 22.39 13.99 38.87
CA ILE L 95 21.83 12.73 39.31
C ILE L 95 20.85 12.95 40.47
N GLN L 96 21.04 14.00 41.25
CA GLN L 96 20.13 14.31 42.35
C GLN L 96 18.78 14.71 41.80
N THR L 97 18.79 15.59 40.80
CA THR L 97 17.58 15.94 40.07
C THR L 97 16.93 14.72 39.45
N ALA L 98 17.74 13.85 38.84
CA ALA L 98 17.20 12.64 38.23
C ALA L 98 16.55 11.73 39.28
N VAL L 99 17.08 11.73 40.49
CA VAL L 99 16.45 10.98 41.57
C VAL L 99 15.10 11.58 41.91
N ARG L 100 15.01 12.92 42.00
CA ARG L 100 13.69 13.53 42.21
C ARG L 100 12.71 13.22 41.08
N LEU L 101 13.20 13.09 39.85
CA LEU L 101 12.32 12.67 38.76
C LEU L 101 11.85 11.25 38.94
N LEU L 102 12.78 10.31 39.14
CA LEU L 102 12.45 8.90 39.09
C LEU L 102 11.85 8.42 40.40
N LEU L 103 12.57 8.62 41.48
CA LEU L 103 12.10 8.15 42.77
C LEU L 103 10.96 9.06 43.23
N PRO L 104 9.83 8.50 43.66
CA PRO L 104 8.70 9.34 44.05
C PRO L 104 8.78 9.71 45.54
N GLY L 105 8.39 10.95 45.84
CA GLY L 105 7.90 11.32 47.17
C GLY L 105 8.88 11.13 48.32
N GLU L 106 8.40 10.44 49.37
CA GLU L 106 9.24 10.28 50.55
C GLU L 106 10.43 9.38 50.29
N LEU L 107 10.32 8.42 49.37
CA LEU L 107 11.48 7.64 48.96
C LEU L 107 12.52 8.55 48.32
N ALA L 108 12.06 9.53 47.55
CA ALA L 108 12.97 10.48 46.92
C ALA L 108 13.68 11.34 47.95
N LYS L 109 12.94 11.91 48.90
CA LYS L 109 13.62 12.80 49.85
C LYS L 109 14.51 12.03 50.82
N HIS L 110 14.13 10.80 51.18
CA HIS L 110 15.02 9.96 51.98
C HIS L 110 16.29 9.63 51.22
N ALA L 111 16.17 9.35 49.92
CA ALA L 111 17.36 9.09 49.11
C ALA L 111 18.22 10.34 49.00
N VAL L 112 17.58 11.51 48.91
CA VAL L 112 18.32 12.77 48.92
C VAL L 112 19.07 12.92 50.24
N SER L 113 18.42 12.59 51.36
CA SER L 113 19.07 12.69 52.66
C SER L 113 20.25 11.74 52.76
N GLU L 114 20.06 10.50 52.31
CA GLU L 114 21.15 9.51 52.34
C GLU L 114 22.30 9.93 51.45
N GLY L 115 22.01 10.38 50.23
CA GLY L 115 23.07 10.77 49.32
C GLY L 115 23.78 12.03 49.77
N THR L 116 23.05 12.96 50.38
CA THR L 116 23.66 14.17 50.89
C THR L 116 24.57 13.87 52.07
N LYS L 117 24.12 13.01 52.97
CA LYS L 117 24.96 12.57 54.07
C LYS L 117 26.19 11.83 53.54
N ALA L 118 26.00 11.00 52.53
CA ALA L 118 27.10 10.24 51.93
C ALA L 118 28.12 11.16 51.27
N VAL L 119 27.65 12.19 50.55
CA VAL L 119 28.61 13.04 49.85
C VAL L 119 29.29 13.98 50.84
N THR L 120 28.62 14.36 51.92
CA THR L 120 29.30 15.15 52.94
C THR L 120 30.36 14.31 53.66
N LYS L 121 30.07 13.02 53.89
CA LYS L 121 31.08 12.14 54.46
C LYS L 121 32.22 11.90 53.48
N TYR L 122 31.91 11.84 52.18
CA TYR L 122 32.93 11.62 51.17
C TYR L 122 33.85 12.84 51.06
N THR L 123 33.27 14.05 51.04
CA THR L 123 34.08 15.25 50.99
C THR L 123 34.81 15.54 52.30
N SER L 124 34.39 14.90 53.39
CA SER L 124 35.18 14.97 54.61
C SER L 124 36.38 14.03 54.60
N ALA L 125 36.49 13.19 53.57
CA ALA L 125 37.60 12.25 53.36
C ALA L 125 37.79 11.31 54.54
N LYS M 38 -23.72 -40.69 50.11
CA LYS M 38 -23.46 -39.65 49.12
C LYS M 38 -21.99 -39.23 49.14
N PRO M 39 -21.32 -39.32 47.99
CA PRO M 39 -19.97 -38.75 47.88
C PRO M 39 -20.02 -37.24 48.04
N HIS M 40 -18.98 -36.70 48.68
CA HIS M 40 -18.99 -35.29 49.05
C HIS M 40 -18.54 -34.43 47.87
N ARG M 41 -19.26 -33.31 47.67
CA ARG M 41 -19.03 -32.41 46.55
C ARG M 41 -19.09 -30.98 47.06
N TYR M 42 -18.18 -30.15 46.57
CA TYR M 42 -18.10 -28.74 46.96
C TYR M 42 -18.89 -27.90 45.97
N ARG M 43 -19.34 -26.72 46.43
CA ARG M 43 -20.10 -25.84 45.55
C ARG M 43 -19.17 -25.14 44.56
N PRO M 44 -19.67 -24.75 43.39
CA PRO M 44 -18.82 -24.09 42.38
C PRO M 44 -18.32 -22.75 42.86
N GLY M 45 -17.06 -22.47 42.54
CA GLY M 45 -16.37 -21.30 43.02
C GLY M 45 -15.54 -21.53 44.26
N THR M 46 -16.01 -22.38 45.18
CA THR M 46 -15.24 -22.68 46.38
C THR M 46 -13.96 -23.43 46.03
N VAL M 47 -14.05 -24.44 45.16
CA VAL M 47 -12.84 -25.06 44.64
C VAL M 47 -12.06 -24.07 43.78
N ALA M 48 -12.77 -23.22 43.04
CA ALA M 48 -12.11 -22.18 42.26
C ALA M 48 -11.38 -21.20 43.16
N LEU M 49 -12.02 -20.74 44.23
CA LEU M 49 -11.38 -19.81 45.15
C LEU M 49 -10.24 -20.48 45.92
N ARG M 50 -10.38 -21.77 46.21
CA ARG M 50 -9.29 -22.52 46.81
C ARG M 50 -8.09 -22.56 45.88
N GLU M 51 -8.35 -22.74 44.58
CA GLU M 51 -7.29 -22.66 43.58
C GLU M 51 -6.69 -21.27 43.54
N ILE M 52 -7.53 -20.23 43.66
CA ILE M 52 -7.06 -18.85 43.68
C ILE M 52 -6.07 -18.65 44.81
N ARG M 53 -6.46 -19.05 46.03
CA ARG M 53 -5.62 -18.83 47.20
C ARG M 53 -4.34 -19.67 47.14
N ARG M 54 -4.48 -20.92 46.70
CA ARG M 54 -3.34 -21.82 46.68
C ARG M 54 -2.31 -21.38 45.64
N TYR M 55 -2.76 -20.87 44.50
CA TYR M 55 -1.83 -20.52 43.44
C TYR M 55 -1.43 -19.05 43.41
N GLN M 56 -2.12 -18.17 44.14
CA GLN M 56 -1.42 -16.96 44.55
C GLN M 56 -0.36 -17.29 45.57
N LYS M 57 -0.61 -18.29 46.42
CA LYS M 57 0.41 -18.74 47.35
C LYS M 57 1.54 -19.47 46.61
N SER M 58 1.23 -20.15 45.51
CA SER M 58 2.26 -20.85 44.77
C SER M 58 3.18 -19.87 44.06
N THR M 59 4.46 -20.23 43.98
CA THR M 59 5.48 -19.39 43.35
C THR M 59 6.17 -20.06 42.18
N GLU M 60 5.90 -21.34 41.93
CA GLU M 60 6.56 -22.10 40.88
C GLU M 60 5.95 -21.78 39.51
N LEU M 61 6.52 -22.41 38.49
CA LEU M 61 6.01 -22.27 37.13
C LEU M 61 4.76 -23.11 36.94
N LEU M 62 3.75 -22.54 36.27
CA LEU M 62 2.45 -23.16 36.16
C LEU M 62 2.24 -23.93 34.86
N ILE M 63 3.18 -23.89 33.94
CA ILE M 63 3.01 -24.54 32.64
C ILE M 63 3.93 -25.76 32.58
N ARG M 64 3.46 -26.82 31.94
CA ARG M 64 4.34 -27.93 31.56
C ARG M 64 5.49 -27.41 30.71
N LYS M 65 6.70 -27.88 31.01
CA LYS M 65 7.90 -27.30 30.41
C LYS M 65 8.07 -27.72 28.96
N LEU M 66 7.99 -29.02 28.69
CA LEU M 66 8.33 -29.55 27.38
C LEU M 66 7.41 -29.07 26.24
N PRO M 67 6.08 -29.01 26.38
CA PRO M 67 5.29 -28.45 25.26
C PRO M 67 5.55 -26.96 25.04
N PHE M 68 5.88 -26.21 26.08
CA PHE M 68 6.27 -24.82 25.89
C PHE M 68 7.58 -24.73 25.11
N GLN M 69 8.52 -25.62 25.42
CA GLN M 69 9.77 -25.68 24.65
C GLN M 69 9.50 -26.03 23.19
N ARG M 70 8.61 -26.99 22.97
CA ARG M 70 8.24 -27.35 21.60
C ARG M 70 7.57 -26.19 20.88
N LEU M 71 6.75 -25.41 21.59
CA LEU M 71 6.05 -24.29 20.98
C LEU M 71 7.01 -23.15 20.63
N VAL M 72 7.96 -22.85 21.52
CA VAL M 72 8.90 -21.78 21.18
C VAL M 72 9.82 -22.21 20.05
N ARG M 73 10.18 -23.51 19.99
CA ARG M 73 10.91 -24.00 18.82
C ARG M 73 10.05 -23.92 17.55
N GLU M 74 8.75 -24.19 17.68
CA GLU M 74 7.83 -24.13 16.56
C GLU M 74 7.76 -22.73 15.98
N ILE M 75 7.65 -21.73 16.86
CA ILE M 75 7.61 -20.34 16.40
C ILE M 75 8.99 -19.93 15.88
N ALA M 76 10.06 -20.53 16.42
CA ALA M 76 11.40 -20.22 15.93
C ALA M 76 11.61 -20.67 14.50
N GLN M 77 11.25 -21.92 14.17
CA GLN M 77 11.32 -22.36 12.78
C GLN M 77 10.29 -21.70 11.89
N ASP M 78 9.28 -21.03 12.46
CA ASP M 78 8.49 -20.12 11.66
C ASP M 78 9.29 -18.89 11.26
N PHE M 79 10.41 -18.61 11.94
CA PHE M 79 11.23 -17.42 11.70
C PHE M 79 12.60 -17.74 11.13
N LYS M 80 13.38 -18.57 11.80
CA LYS M 80 14.69 -18.96 11.29
C LYS M 80 14.85 -20.47 11.46
N THR M 81 15.55 -21.09 10.52
CA THR M 81 15.61 -22.53 10.43
C THR M 81 16.65 -23.11 11.38
N ASP M 82 16.32 -24.27 11.96
CA ASP M 82 17.25 -25.11 12.72
C ASP M 82 17.86 -24.36 13.91
N LEU M 83 17.01 -23.62 14.61
CA LEU M 83 17.47 -22.71 15.64
C LEU M 83 17.38 -23.38 17.02
N ARG M 84 18.31 -23.04 17.89
CA ARG M 84 18.47 -23.70 19.19
C ARG M 84 18.30 -22.71 20.34
N PHE M 85 17.97 -23.26 21.51
CA PHE M 85 17.59 -22.52 22.70
C PHE M 85 18.38 -23.00 23.91
N GLN M 86 18.71 -22.08 24.81
CA GLN M 86 19.10 -22.48 26.15
C GLN M 86 17.87 -22.93 26.94
N SER M 87 18.10 -23.90 27.84
CA SER M 87 17.05 -24.28 28.78
C SER M 87 16.69 -23.12 29.69
N SER M 88 17.68 -22.30 30.04
CA SER M 88 17.42 -21.07 30.78
C SER M 88 16.57 -20.11 29.98
N ALA M 89 16.76 -20.06 28.66
CA ALA M 89 15.89 -19.23 27.82
C ALA M 89 14.47 -19.78 27.80
N VAL M 90 14.32 -21.10 27.83
CA VAL M 90 12.99 -21.69 27.94
C VAL M 90 12.35 -21.29 29.27
N MET M 91 13.13 -21.31 30.34
CA MET M 91 12.67 -20.82 31.64
C MET M 91 12.27 -19.36 31.57
N ALA M 92 13.07 -18.55 30.87
CA ALA M 92 12.86 -17.12 30.85
C ALA M 92 11.59 -16.75 30.09
N LEU M 93 11.42 -17.32 28.90
CA LEU M 93 10.17 -17.12 28.18
C LEU M 93 8.99 -17.71 28.92
N GLN M 94 9.20 -18.83 29.64
CA GLN M 94 8.12 -19.41 30.44
C GLN M 94 7.65 -18.44 31.53
N GLU M 95 8.59 -17.94 32.32
CA GLU M 95 8.22 -17.07 33.43
C GLU M 95 7.73 -15.70 32.95
N ALA M 96 8.32 -15.17 31.87
CA ALA M 96 7.85 -13.92 31.30
C ALA M 96 6.47 -14.08 30.72
N SER M 97 6.22 -15.18 30.02
CA SER M 97 4.93 -15.43 29.41
C SER M 97 3.86 -15.56 30.47
N GLU M 98 4.13 -16.34 31.53
CA GLU M 98 3.10 -16.50 32.55
C GLU M 98 2.86 -15.20 33.30
N ALA M 99 3.90 -14.40 33.55
CA ALA M 99 3.68 -13.15 34.27
C ALA M 99 2.95 -12.13 33.40
N TYR M 100 3.27 -12.10 32.12
CA TYR M 100 2.58 -11.20 31.19
C TYR M 100 1.10 -11.58 31.10
N LEU M 101 0.82 -12.88 31.04
CA LEU M 101 -0.56 -13.33 31.06
C LEU M 101 -1.25 -12.99 32.38
N VAL M 102 -0.51 -13.08 33.50
CA VAL M 102 -1.06 -12.65 34.78
C VAL M 102 -1.44 -11.18 34.75
N GLY M 103 -0.62 -10.35 34.10
CA GLY M 103 -0.96 -8.94 33.92
C GLY M 103 -2.23 -8.75 33.12
N LEU M 104 -2.34 -9.46 31.98
CA LEU M 104 -3.55 -9.39 31.17
C LEU M 104 -4.78 -9.88 31.93
N PHE M 105 -4.64 -10.93 32.72
CA PHE M 105 -5.81 -11.36 33.48
C PHE M 105 -6.13 -10.51 34.69
N GLU M 106 -5.18 -9.86 35.37
CA GLU M 106 -5.61 -8.96 36.44
C GLU M 106 -6.32 -7.75 35.86
N ASP M 107 -5.86 -7.29 34.70
CA ASP M 107 -6.65 -6.31 33.95
C ASP M 107 -8.02 -6.87 33.59
N THR M 108 -8.08 -8.17 33.30
CA THR M 108 -9.35 -8.79 32.95
C THR M 108 -10.31 -8.81 34.13
N ASN M 109 -9.83 -9.11 35.35
CA ASN M 109 -10.71 -8.98 36.51
C ASN M 109 -11.17 -7.55 36.71
N LEU M 110 -10.27 -6.58 36.56
CA LEU M 110 -10.68 -5.18 36.74
C LEU M 110 -11.76 -4.80 35.73
N ALA M 111 -11.58 -5.23 34.48
CA ALA M 111 -12.59 -4.99 33.45
C ALA M 111 -13.89 -5.72 33.74
N ALA M 112 -13.80 -6.96 34.23
CA ALA M 112 -14.99 -7.78 34.43
C ALA M 112 -15.82 -7.29 35.61
N ILE M 113 -15.16 -6.89 36.69
CA ILE M 113 -15.92 -6.33 37.81
C ILE M 113 -16.44 -4.96 37.42
N HIS M 114 -15.73 -4.26 36.52
CA HIS M 114 -16.31 -3.07 35.92
C HIS M 114 -17.49 -3.43 35.04
N ALA M 115 -17.47 -4.60 34.43
CA ALA M 115 -18.58 -5.08 33.64
C ALA M 115 -19.62 -5.83 34.46
N LYS M 116 -19.45 -5.85 35.78
CA LYS M 116 -20.38 -6.46 36.74
C LYS M 116 -20.58 -7.95 36.48
N ARG M 117 -19.54 -8.62 36.00
CA ARG M 117 -19.60 -10.05 35.71
C ARG M 117 -18.62 -10.81 36.58
N VAL M 118 -19.03 -11.98 37.06
CA VAL M 118 -18.09 -12.91 37.65
C VAL M 118 -17.56 -13.88 36.61
N THR M 119 -18.25 -14.02 35.48
CA THR M 119 -17.78 -14.81 34.35
C THR M 119 -17.22 -13.84 33.32
N ILE M 120 -15.93 -13.96 33.03
CA ILE M 120 -15.28 -13.09 32.06
C ILE M 120 -15.62 -13.53 30.65
N MET M 121 -15.46 -12.62 29.69
CA MET M 121 -15.60 -12.94 28.28
C MET M 121 -14.36 -12.47 27.52
N PRO M 122 -14.17 -12.92 26.28
CA PRO M 122 -13.02 -12.46 25.48
C PRO M 122 -12.95 -10.95 25.27
N LYS M 123 -14.08 -10.25 25.25
CA LYS M 123 -14.08 -8.80 25.05
C LYS M 123 -13.39 -8.07 26.18
N ASP M 124 -13.35 -8.67 27.38
CA ASP M 124 -12.60 -8.09 28.49
C ASP M 124 -11.11 -8.03 28.16
N ILE M 125 -10.57 -9.16 27.67
CA ILE M 125 -9.16 -9.23 27.30
C ILE M 125 -8.87 -8.34 26.11
N GLN M 126 -9.81 -8.30 25.15
CA GLN M 126 -9.62 -7.46 23.98
C GLN M 126 -9.56 -5.98 24.35
N LEU M 127 -10.46 -5.53 25.24
CA LEU M 127 -10.46 -4.14 25.66
C LEU M 127 -9.21 -3.83 26.47
N ALA M 128 -8.76 -4.79 27.29
CA ALA M 128 -7.53 -4.60 28.06
C ALA M 128 -6.32 -4.44 27.14
N ARG M 129 -6.26 -5.22 26.07
CA ARG M 129 -5.21 -5.05 25.09
C ARG M 129 -5.31 -3.69 24.39
N ARG M 130 -6.54 -3.23 24.14
CA ARG M 130 -6.72 -1.93 23.49
C ARG M 130 -6.25 -0.79 24.38
N ILE M 131 -6.57 -0.84 25.68
CA ILE M 131 -6.20 0.27 26.56
C ILE M 131 -4.71 0.22 26.92
N ARG M 132 -4.12 -0.97 27.01
CA ARG M 132 -2.75 -1.10 27.50
C ARG M 132 -1.72 -0.45 26.58
N GLY M 133 -2.09 -0.13 25.34
CA GLY M 133 -1.18 0.56 24.46
C GLY M 133 -0.51 -0.39 23.49
N GLU M 134 -1.29 -1.27 22.89
CA GLU M 134 -0.77 -2.15 21.86
C GLU M 134 -0.69 -1.42 20.54
N LYS N 21 9.97 -33.71 11.31
CA LYS N 21 10.89 -32.60 11.53
C LYS N 21 10.14 -31.36 12.02
N VAL N 22 9.36 -30.76 11.12
CA VAL N 22 8.62 -29.55 11.48
C VAL N 22 7.44 -29.91 12.36
N LEU N 23 6.95 -28.91 13.10
CA LEU N 23 5.84 -29.06 14.02
C LEU N 23 4.72 -28.12 13.61
N ARG N 24 3.48 -28.58 13.69
CA ARG N 24 2.33 -27.82 13.21
C ARG N 24 1.36 -27.37 14.29
N ASP N 25 1.37 -27.99 15.48
CA ASP N 25 0.52 -27.51 16.56
C ASP N 25 1.20 -27.90 17.88
N ASN N 26 1.87 -26.92 18.51
CA ASN N 26 2.21 -27.00 19.92
C ASN N 26 1.64 -25.81 20.69
N ILE N 27 0.80 -24.99 20.04
CA ILE N 27 0.08 -23.93 20.74
C ILE N 27 -0.85 -24.54 21.77
N GLN N 28 -1.49 -25.67 21.43
CA GLN N 28 -2.36 -26.38 22.34
C GLN N 28 -1.62 -27.07 23.47
N GLY N 29 -0.29 -27.18 23.39
CA GLY N 29 0.49 -27.68 24.51
C GLY N 29 0.46 -26.77 25.71
N ILE N 30 0.18 -25.49 25.51
CA ILE N 30 -0.19 -24.60 26.61
C ILE N 30 -1.67 -24.84 26.83
N THR N 31 -2.00 -25.83 27.65
CA THR N 31 -3.31 -26.45 27.57
C THR N 31 -4.39 -25.60 28.23
N LYS N 32 -5.64 -25.94 27.89
CA LYS N 32 -6.83 -25.45 28.58
C LYS N 32 -6.78 -25.53 30.11
N PRO N 33 -6.39 -26.65 30.75
CA PRO N 33 -6.22 -26.58 32.22
C PRO N 33 -5.05 -25.70 32.63
N ALA N 34 -4.00 -25.61 31.79
CA ALA N 34 -2.87 -24.75 32.11
C ALA N 34 -3.25 -23.28 32.07
N ILE N 35 -4.05 -22.89 31.07
CA ILE N 35 -4.62 -21.55 31.02
C ILE N 35 -5.54 -21.32 32.21
N ARG N 36 -6.23 -22.38 32.65
CA ARG N 36 -7.05 -22.25 33.85
C ARG N 36 -6.19 -21.96 35.08
N ARG N 37 -5.04 -22.64 35.25
CA ARG N 37 -4.20 -22.27 36.39
C ARG N 37 -3.66 -20.84 36.27
N LEU N 38 -3.29 -20.43 35.05
CA LEU N 38 -2.75 -19.08 34.86
C LEU N 38 -3.76 -18.02 35.25
N ALA N 39 -5.03 -18.21 34.88
CA ALA N 39 -6.05 -17.26 35.29
C ALA N 39 -6.41 -17.43 36.77
N ARG N 40 -6.18 -18.62 37.34
CA ARG N 40 -6.33 -18.76 38.78
C ARG N 40 -5.30 -17.92 39.53
N ARG N 41 -4.12 -17.71 38.94
CA ARG N 41 -3.18 -16.78 39.55
C ARG N 41 -3.70 -15.35 39.52
N GLY N 42 -4.30 -14.95 38.40
CA GLY N 42 -4.84 -13.62 38.29
C GLY N 42 -6.08 -13.34 39.10
N GLY N 43 -6.65 -14.36 39.75
CA GLY N 43 -7.85 -14.18 40.53
C GLY N 43 -9.14 -14.41 39.78
N VAL N 44 -9.08 -14.93 38.56
CA VAL N 44 -10.28 -15.09 37.76
C VAL N 44 -11.01 -16.33 38.25
N LYS N 45 -12.28 -16.17 38.61
CA LYS N 45 -13.02 -17.21 39.31
C LYS N 45 -13.94 -18.03 38.40
N ARG N 46 -14.40 -17.45 37.29
CA ARG N 46 -15.21 -18.18 36.32
C ARG N 46 -14.75 -17.82 34.92
N ILE N 47 -14.50 -18.83 34.09
CA ILE N 47 -13.90 -18.61 32.78
C ILE N 47 -14.77 -19.32 31.75
N SER N 48 -15.37 -18.56 30.84
CA SER N 48 -16.12 -19.18 29.78
C SER N 48 -15.18 -19.84 28.77
N GLY N 49 -15.74 -20.67 27.91
CA GLY N 49 -14.93 -21.42 26.96
C GLY N 49 -14.32 -20.57 25.87
N LEU N 50 -14.86 -19.37 25.64
CA LEU N 50 -14.41 -18.56 24.52
C LEU N 50 -13.09 -17.85 24.82
N ILE N 51 -12.73 -17.73 26.10
CA ILE N 51 -11.52 -16.98 26.47
C ILE N 51 -10.25 -17.71 26.02
N TYR N 52 -10.21 -19.04 26.19
CA TYR N 52 -8.95 -19.80 26.10
C TYR N 52 -8.29 -19.68 24.73
N GLU N 53 -9.08 -19.76 23.66
CA GLU N 53 -8.49 -19.70 22.32
C GLU N 53 -7.88 -18.32 22.05
N GLU N 54 -8.54 -17.27 22.50
CA GLU N 54 -7.97 -15.93 22.34
C GLU N 54 -6.76 -15.73 23.25
N THR N 55 -6.71 -16.41 24.40
CA THR N 55 -5.52 -16.30 25.24
C THR N 55 -4.31 -16.95 24.59
N ARG N 56 -4.49 -18.14 24.00
CA ARG N 56 -3.40 -18.70 23.20
C ARG N 56 -3.08 -17.84 21.99
N GLY N 57 -4.08 -17.17 21.43
CA GLY N 57 -3.81 -16.28 20.31
C GLY N 57 -2.94 -15.09 20.70
N VAL N 58 -3.27 -14.43 21.81
CA VAL N 58 -2.49 -13.28 22.25
C VAL N 58 -1.18 -13.73 22.86
N LEU N 59 -1.13 -14.96 23.37
CA LEU N 59 0.13 -15.58 23.73
C LEU N 59 1.03 -15.73 22.53
N LYS N 60 0.46 -16.18 21.41
CA LYS N 60 1.23 -16.27 20.17
C LYS N 60 1.67 -14.89 19.70
N VAL N 61 0.80 -13.89 19.83
CA VAL N 61 1.14 -12.54 19.39
C VAL N 61 2.30 -11.97 20.20
N PHE N 62 2.19 -12.03 21.53
CA PHE N 62 3.25 -11.50 22.38
C PHE N 62 4.55 -12.25 22.22
N LEU N 63 4.49 -13.58 22.26
CA LEU N 63 5.71 -14.35 22.15
C LEU N 63 6.30 -14.26 20.76
N GLU N 64 5.46 -14.04 19.74
CA GLU N 64 5.91 -13.76 18.40
C GLU N 64 6.69 -12.46 18.33
N ASN N 65 6.18 -11.41 18.99
CA ASN N 65 6.90 -10.15 19.04
C ASN N 65 8.23 -10.30 19.77
N VAL N 66 8.20 -10.99 20.91
CA VAL N 66 9.40 -11.18 21.73
C VAL N 66 10.43 -12.00 20.98
N ILE N 67 10.00 -13.06 20.30
CA ILE N 67 10.99 -13.92 19.64
C ILE N 67 11.45 -13.26 18.35
N ARG N 68 10.64 -12.37 17.75
CA ARG N 68 11.11 -11.59 16.62
C ARG N 68 12.26 -10.69 17.04
N ASP N 69 12.07 -10.00 18.16
CA ASP N 69 13.14 -9.20 18.72
C ASP N 69 14.34 -10.06 19.09
N ALA N 70 14.07 -11.25 19.63
CA ALA N 70 15.13 -12.12 20.12
C ALA N 70 15.96 -12.71 18.98
N VAL N 71 15.31 -13.16 17.92
CA VAL N 71 16.05 -13.70 16.80
C VAL N 71 16.73 -12.58 16.05
N THR N 72 16.20 -11.36 16.13
CA THR N 72 16.88 -10.24 15.49
C THR N 72 18.16 -9.90 16.24
N TYR N 73 18.10 -9.92 17.58
CA TYR N 73 19.29 -9.92 18.43
C TYR N 73 20.23 -11.05 18.05
N THR N 74 19.70 -12.27 17.95
CA THR N 74 20.50 -13.47 17.84
C THR N 74 21.23 -13.53 16.50
N GLU N 75 20.54 -13.15 15.43
CA GLU N 75 21.16 -13.02 14.13
C GLU N 75 22.15 -11.88 14.15
N HIS N 76 21.84 -10.81 14.89
CA HIS N 76 22.85 -9.76 15.06
C HIS N 76 24.00 -10.22 15.92
N ALA N 77 23.78 -11.18 16.81
CA ALA N 77 24.88 -11.74 17.57
C ALA N 77 25.73 -12.69 16.74
N LYS N 78 25.31 -13.01 15.51
CA LYS N 78 26.00 -13.93 14.59
C LYS N 78 26.17 -15.32 15.21
N ARG N 79 25.22 -15.69 16.05
CA ARG N 79 25.17 -16.99 16.67
C ARG N 79 23.92 -17.74 16.23
N LYS N 80 23.80 -18.99 16.67
CA LYS N 80 22.69 -19.83 16.27
C LYS N 80 21.91 -20.37 17.47
N THR N 81 22.33 -20.09 18.69
CA THR N 81 21.61 -20.53 19.87
C THR N 81 21.14 -19.34 20.69
N VAL N 82 19.84 -19.30 21.01
CA VAL N 82 19.29 -18.21 21.80
C VAL N 82 19.69 -18.38 23.26
N THR N 83 20.20 -17.31 23.85
CA THR N 83 20.45 -17.23 25.29
C THR N 83 19.34 -16.45 25.97
N ALA N 84 19.33 -16.54 27.30
CA ALA N 84 18.39 -15.76 28.07
C ALA N 84 18.77 -14.28 28.12
N MET N 85 20.03 -13.95 27.76
CA MET N 85 20.47 -12.57 27.80
C MET N 85 19.70 -11.70 26.80
N ASP N 86 19.60 -12.16 25.55
CA ASP N 86 18.84 -11.42 24.56
C ASP N 86 17.35 -11.53 24.83
N VAL N 87 16.91 -12.57 25.55
CA VAL N 87 15.53 -12.67 25.99
C VAL N 87 15.17 -11.52 26.92
N VAL N 88 16.00 -11.29 27.95
CA VAL N 88 15.67 -10.22 28.88
C VAL N 88 15.93 -8.86 28.24
N TYR N 89 16.83 -8.81 27.24
CA TYR N 89 16.99 -7.59 26.45
C TYR N 89 15.71 -7.27 25.67
N ALA N 90 15.10 -8.28 25.05
CA ALA N 90 13.88 -8.05 24.30
C ALA N 90 12.71 -7.72 25.21
N LEU N 91 12.68 -8.33 26.39
CA LEU N 91 11.66 -7.97 27.36
C LEU N 91 11.86 -6.55 27.88
N LYS N 92 13.12 -6.09 27.96
CA LYS N 92 13.39 -4.69 28.25
C LYS N 92 12.87 -3.78 27.15
N ARG N 93 13.08 -4.15 25.89
CA ARG N 93 12.65 -3.27 24.80
C ARG N 93 11.13 -3.21 24.72
N GLN N 94 10.46 -4.33 24.92
CA GLN N 94 9.01 -4.36 24.80
C GLN N 94 8.35 -3.68 26.01
N GLY N 95 9.05 -3.56 27.13
CA GLY N 95 8.52 -2.90 28.29
C GLY N 95 7.99 -3.80 29.39
N ARG N 96 8.43 -5.05 29.46
CA ARG N 96 8.06 -5.98 30.53
C ARG N 96 9.29 -6.57 31.16
N THR N 97 10.17 -5.68 31.64
CA THR N 97 11.49 -6.01 32.17
C THR N 97 11.44 -7.10 33.25
N LEU N 98 12.27 -8.11 33.06
CA LEU N 98 12.24 -9.32 33.88
C LEU N 98 13.41 -9.31 34.87
N TYR N 99 13.10 -9.54 36.13
CA TYR N 99 14.13 -9.73 37.14
C TYR N 99 14.52 -11.19 37.29
N GLY N 100 15.80 -11.41 37.54
CA GLY N 100 16.35 -12.70 37.87
C GLY N 100 17.45 -13.19 36.96
N PHE N 101 17.49 -12.75 35.71
CA PHE N 101 18.43 -13.28 34.73
C PHE N 101 19.33 -12.22 34.12
N GLY N 102 19.28 -10.98 34.60
CA GLY N 102 20.12 -9.93 34.05
C GLY N 102 21.57 -10.14 34.43
N GLY N 103 22.46 -10.20 33.45
CA GLY N 103 23.87 -10.37 33.73
C GLY N 103 24.30 -11.79 34.04
N ALA O 28 44.57 21.25 -6.55
CA ALA O 28 45.15 21.29 -5.21
C ALA O 28 44.18 20.76 -4.17
N ARG O 29 42.90 20.68 -4.55
CA ARG O 29 41.86 20.19 -3.65
C ARG O 29 40.72 19.62 -4.47
N ALA O 30 40.13 18.55 -3.96
CA ALA O 30 38.94 17.98 -4.57
C ALA O 30 37.74 18.88 -4.33
N LYS O 31 36.83 18.90 -5.30
CA LYS O 31 35.62 19.70 -5.18
C LYS O 31 34.68 19.06 -4.17
N ALA O 32 33.89 19.88 -3.49
CA ALA O 32 33.07 19.39 -2.39
C ALA O 32 31.83 18.66 -2.92
N LYS O 33 31.63 17.42 -2.44
CA LYS O 33 30.42 16.67 -2.71
C LYS O 33 29.87 16.20 -1.38
N THR O 34 28.60 16.47 -1.11
CA THR O 34 28.02 16.00 0.14
C THR O 34 27.75 14.50 0.06
N ARG O 35 27.76 13.87 1.23
CA ARG O 35 27.52 12.43 1.32
C ARG O 35 26.08 12.11 0.96
N SER O 36 25.17 13.07 1.15
CA SER O 36 23.79 12.89 0.74
C SER O 36 23.67 12.78 -0.78
N SER O 37 24.44 13.58 -1.51
CA SER O 37 24.46 13.46 -2.96
C SER O 37 25.15 12.17 -3.41
N ARG O 38 26.14 11.71 -2.63
CA ARG O 38 26.77 10.43 -2.93
C ARG O 38 25.80 9.27 -2.77
N ALA O 39 24.97 9.33 -1.73
CA ALA O 39 23.94 8.32 -1.53
C ALA O 39 22.66 8.63 -2.27
N GLY O 40 22.55 9.80 -2.90
CA GLY O 40 21.31 10.15 -3.54
C GLY O 40 20.19 10.43 -2.58
N LEU O 41 20.51 10.91 -1.38
CA LEU O 41 19.51 11.32 -0.41
C LEU O 41 19.54 12.82 -0.28
N GLN O 42 18.44 13.38 0.24
CA GLN O 42 18.35 14.80 0.47
C GLN O 42 18.11 15.16 1.93
N PHE O 43 17.92 14.17 2.80
CA PHE O 43 18.29 14.39 4.20
C PHE O 43 19.81 14.43 4.36
N PRO O 44 20.32 15.27 5.26
CA PRO O 44 21.77 15.45 5.40
C PRO O 44 22.39 14.27 6.13
N VAL O 45 23.32 13.60 5.45
CA VAL O 45 24.05 12.50 6.06
C VAL O 45 24.99 13.03 7.14
N GLY O 46 25.65 14.16 6.87
CA GLY O 46 26.59 14.71 7.83
C GLY O 46 25.95 15.22 9.10
N ARG O 47 24.76 15.80 8.99
CA ARG O 47 24.04 16.30 10.17
C ARG O 47 23.67 15.16 11.12
N VAL O 48 23.14 14.08 10.56
CA VAL O 48 22.75 12.92 11.37
C VAL O 48 23.98 12.24 11.94
N HIS O 49 25.07 12.20 11.17
CA HIS O 49 26.33 11.66 11.69
C HIS O 49 26.84 12.48 12.86
N ARG O 50 26.79 13.82 12.75
CA ARG O 50 27.17 14.68 13.87
C ARG O 50 26.27 14.42 15.07
N LEU O 51 24.97 14.33 14.84
CA LEU O 51 24.01 14.28 15.94
C LEU O 51 24.01 12.90 16.58
N LEU O 52 24.54 11.90 15.89
CA LEU O 52 24.80 10.61 16.51
C LEU O 52 26.13 10.59 17.25
N ARG O 53 27.14 11.31 16.75
CA ARG O 53 28.37 11.50 17.52
C ARG O 53 28.10 12.23 18.83
N LYS O 54 27.37 13.34 18.77
CA LYS O 54 27.09 14.18 19.94
C LYS O 54 25.77 13.85 20.60
N GLY O 55 25.03 12.88 20.08
CA GLY O 55 23.98 12.29 20.89
C GLY O 55 24.49 11.29 21.90
N ASN O 56 25.77 10.93 21.78
CA ASN O 56 26.53 10.14 22.74
C ASN O 56 25.90 8.76 22.94
N TYR O 57 25.88 8.01 21.84
CA TYR O 57 25.31 6.67 21.80
C TYR O 57 26.34 5.57 21.63
N SER O 58 27.47 5.86 20.99
CA SER O 58 28.62 4.97 21.03
C SER O 58 29.86 5.81 20.78
N GLU O 59 31.00 5.27 21.17
CA GLU O 59 32.26 5.97 20.89
C GLU O 59 32.75 5.76 19.47
N ARG O 60 32.22 4.76 18.76
CA ARG O 60 32.47 4.59 17.34
C ARG O 60 31.14 4.38 16.65
N VAL O 61 31.01 4.89 15.42
CA VAL O 61 29.80 4.69 14.62
C VAL O 61 30.22 4.28 13.22
N GLY O 62 29.66 3.17 12.74
CA GLY O 62 29.94 2.74 11.39
C GLY O 62 29.44 3.75 10.36
N ALA O 63 30.15 3.82 9.24
CA ALA O 63 29.87 4.86 8.26
C ALA O 63 28.53 4.68 7.59
N GLY O 64 28.06 3.44 7.45
CA GLY O 64 26.76 3.22 6.86
C GLY O 64 25.61 3.50 7.79
N ALA O 65 25.87 3.62 9.08
CA ALA O 65 24.79 3.84 10.05
C ALA O 65 24.05 5.16 9.86
N PRO O 66 24.68 6.34 9.75
CA PRO O 66 23.87 7.56 9.66
C PRO O 66 23.17 7.70 8.33
N VAL O 67 23.77 7.27 7.23
CA VAL O 67 23.09 7.31 5.95
C VAL O 67 21.95 6.30 5.92
N TYR O 68 22.11 5.17 6.60
CA TYR O 68 21.02 4.22 6.74
C TYR O 68 19.86 4.85 7.49
N LEU O 69 20.16 5.55 8.58
CA LEU O 69 19.12 6.17 9.38
C LEU O 69 18.45 7.32 8.62
N ALA O 70 19.24 8.09 7.87
CA ALA O 70 18.69 9.18 7.10
C ALA O 70 17.79 8.66 5.98
N ALA O 71 18.16 7.53 5.38
CA ALA O 71 17.30 6.91 4.39
C ALA O 71 16.01 6.40 5.02
N VAL O 72 16.10 5.88 6.24
CA VAL O 72 14.91 5.41 6.93
C VAL O 72 13.95 6.56 7.21
N LEU O 73 14.48 7.67 7.75
CA LEU O 73 13.65 8.85 7.95
C LEU O 73 13.16 9.43 6.63
N GLU O 74 13.94 9.27 5.56
CA GLU O 74 13.48 9.70 4.25
C GLU O 74 12.26 8.92 3.82
N TYR O 75 12.28 7.60 4.04
CA TYR O 75 11.12 6.79 3.72
C TYR O 75 9.93 7.16 4.60
N LEU O 76 10.19 7.43 5.89
CA LEU O 76 9.13 7.82 6.82
C LEU O 76 8.50 9.15 6.43
N THR O 77 9.33 10.16 6.19
CA THR O 77 8.84 11.48 5.84
C THR O 77 8.18 11.49 4.47
N ALA O 78 8.71 10.71 3.52
CA ALA O 78 8.08 10.62 2.22
C ALA O 78 6.72 9.94 2.33
N GLU O 79 6.63 8.88 3.13
CA GLU O 79 5.36 8.21 3.36
C GLU O 79 4.34 9.15 3.98
N ILE O 80 4.76 9.88 5.01
CA ILE O 80 3.81 10.72 5.71
C ILE O 80 3.50 11.98 4.90
N LEU O 81 4.39 12.42 4.03
CA LEU O 81 4.03 13.58 3.23
C LEU O 81 3.18 13.21 2.04
N GLU O 82 3.33 11.99 1.50
CA GLU O 82 2.29 11.44 0.62
C GLU O 82 0.94 11.46 1.30
N LEU O 83 0.87 10.92 2.53
CA LEU O 83 -0.41 10.85 3.24
C LEU O 83 -0.96 12.25 3.53
N ALA O 84 -0.12 13.17 3.96
CA ALA O 84 -0.58 14.51 4.33
C ALA O 84 -0.97 15.32 3.11
N GLY O 85 -0.21 15.22 2.01
CA GLY O 85 -0.60 15.90 0.80
C GLY O 85 -1.89 15.36 0.22
N ASN O 86 -2.06 14.03 0.27
CA ASN O 86 -3.30 13.43 -0.19
C ASN O 86 -4.48 13.87 0.67
N ALA O 87 -4.30 13.94 1.99
CA ALA O 87 -5.37 14.41 2.87
C ALA O 87 -5.70 15.88 2.62
N ALA O 88 -4.67 16.69 2.33
CA ALA O 88 -4.90 18.10 2.02
C ALA O 88 -5.66 18.28 0.72
N ARG O 89 -5.37 17.44 -0.27
CA ARG O 89 -6.20 17.43 -1.48
C ARG O 89 -7.62 16.95 -1.18
N ASP O 90 -7.77 16.01 -0.24
CA ASP O 90 -9.10 15.50 0.07
C ASP O 90 -9.95 16.52 0.79
N ASN O 91 -9.34 17.42 1.56
CA ASN O 91 -10.09 18.53 2.13
C ASN O 91 -9.84 19.79 1.29
N LYS O 92 -9.32 19.59 0.06
CA LYS O 92 -9.14 20.62 -0.98
C LYS O 92 -8.40 21.88 -0.51
N LYS O 93 -7.52 21.71 0.47
CA LYS O 93 -6.67 22.80 0.95
C LYS O 93 -5.26 22.65 0.40
N THR O 94 -4.66 23.77 0.02
CA THR O 94 -3.38 23.75 -0.66
C THR O 94 -2.22 23.50 0.30
N ARG O 95 -2.32 23.94 1.54
CA ARG O 95 -1.19 23.87 2.46
C ARG O 95 -1.42 22.81 3.53
N ILE O 96 -0.36 22.09 3.89
CA ILE O 96 -0.47 21.07 4.92
C ILE O 96 -0.64 21.75 6.28
N ILE O 97 -1.40 21.11 7.15
CA ILE O 97 -1.72 21.64 8.47
C ILE O 97 -1.57 20.47 9.42
N PRO O 98 -1.34 20.70 10.72
CA PRO O 98 -1.29 19.56 11.64
C PRO O 98 -2.57 18.74 11.72
N ARG O 99 -3.72 19.28 11.32
CA ARG O 99 -4.90 18.43 11.21
C ARG O 99 -4.72 17.40 10.11
N HIS O 100 -4.14 17.80 8.97
CA HIS O 100 -3.83 16.86 7.90
C HIS O 100 -2.85 15.80 8.37
N LEU O 101 -1.86 16.21 9.16
CA LEU O 101 -0.87 15.28 9.68
C LEU O 101 -1.51 14.28 10.63
N GLN O 102 -2.46 14.75 11.44
CA GLN O 102 -3.03 13.88 12.46
C GLN O 102 -4.00 12.89 11.84
N LEU O 103 -4.76 13.33 10.81
CA LEU O 103 -5.46 12.39 9.95
C LEU O 103 -4.52 11.41 9.25
N ALA O 104 -3.35 11.89 8.83
CA ALA O 104 -2.44 11.04 8.09
C ALA O 104 -1.89 9.91 8.96
N ILE O 105 -1.44 10.26 10.18
CA ILE O 105 -0.93 9.25 11.10
C ILE O 105 -2.05 8.32 11.56
N ARG O 106 -3.18 8.91 11.97
CA ARG O 106 -4.21 8.08 12.61
C ARG O 106 -5.00 7.23 11.62
N ASN O 107 -4.93 7.52 10.32
CA ASN O 107 -5.58 6.66 9.35
C ASN O 107 -4.69 5.52 8.88
N ASP O 108 -3.51 5.37 9.46
CA ASP O 108 -2.61 4.27 9.12
C ASP O 108 -2.39 3.41 10.36
N GLU O 109 -2.30 2.10 10.16
CA GLU O 109 -2.20 1.18 11.29
C GLU O 109 -0.78 1.14 11.85
N GLU O 110 0.21 0.98 10.97
CA GLU O 110 1.57 0.83 11.47
C GLU O 110 2.14 2.15 11.98
N LEU O 111 1.69 3.28 11.46
CA LEU O 111 2.06 4.55 12.06
C LEU O 111 1.35 4.75 13.39
N ASN O 112 0.16 4.19 13.54
CA ASN O 112 -0.49 4.18 14.85
C ASN O 112 0.31 3.41 15.87
N LYS O 113 0.88 2.26 15.49
CA LYS O 113 1.73 1.56 16.45
C LYS O 113 3.01 2.34 16.67
N LEU O 114 3.52 2.98 15.62
CA LEU O 114 4.76 3.73 15.74
C LEU O 114 4.57 4.96 16.63
N LEU O 115 3.40 5.62 16.54
CA LEU O 115 3.19 6.80 17.35
C LEU O 115 1.92 6.75 18.20
N GLY O 116 1.72 5.65 18.93
CA GLY O 116 0.58 5.59 19.84
C GLY O 116 0.65 6.60 20.97
N ARG O 117 1.86 6.86 21.48
CA ARG O 117 2.05 7.67 22.68
C ARG O 117 2.52 9.08 22.35
N VAL O 118 2.10 9.60 21.20
CA VAL O 118 2.60 10.87 20.67
C VAL O 118 1.45 11.86 20.67
N THR O 119 1.70 13.06 21.20
CA THR O 119 0.74 14.15 21.19
C THR O 119 1.03 15.07 20.01
N ILE O 120 -0.03 15.46 19.29
CA ILE O 120 0.07 16.33 18.13
C ILE O 120 -0.58 17.66 18.45
N ALA O 121 0.17 18.75 18.31
CA ALA O 121 -0.37 20.07 18.59
C ALA O 121 -1.32 20.51 17.49
N GLN O 122 -2.53 20.93 17.88
CA GLN O 122 -3.60 21.37 16.98
C GLN O 122 -4.00 20.32 15.94
N GLY O 123 -3.66 19.06 16.17
CA GLY O 123 -4.05 18.00 15.27
C GLY O 123 -5.40 17.44 15.66
N GLY O 124 -5.79 17.69 16.89
CA GLY O 124 -7.06 17.17 17.38
C GLY O 124 -7.03 15.65 17.47
N VAL O 125 -8.17 15.05 17.17
CA VAL O 125 -8.34 13.62 17.24
C VAL O 125 -8.92 13.16 15.90
N LEU O 126 -8.61 11.92 15.53
CA LEU O 126 -9.18 11.33 14.33
C LEU O 126 -10.70 11.26 14.48
N PRO O 127 -11.44 11.42 13.39
CA PRO O 127 -12.89 11.22 13.49
C PRO O 127 -13.21 9.77 13.78
N ASN O 128 -13.64 9.53 15.02
CA ASN O 128 -13.86 8.18 15.55
C ASN O 128 -15.14 8.23 16.36
N ILE O 129 -16.25 7.83 15.74
CA ILE O 129 -17.51 7.68 16.44
C ILE O 129 -17.81 6.20 16.59
N GLN O 130 -18.19 5.80 17.81
CA GLN O 130 -18.54 4.42 18.02
C GLN O 130 -19.93 4.13 17.45
N ALA O 131 -20.17 2.85 17.17
CA ALA O 131 -21.40 2.46 16.49
C ALA O 131 -22.64 2.69 17.36
N VAL O 132 -22.50 2.58 18.68
CA VAL O 132 -23.65 2.78 19.55
C VAL O 132 -23.98 4.25 19.72
N LEU O 133 -23.01 5.15 19.50
CA LEU O 133 -23.27 6.58 19.62
C LEU O 133 -24.18 7.10 18.52
N LEU O 134 -24.23 6.40 17.39
CA LEU O 134 -25.14 6.78 16.32
C LEU O 134 -26.59 6.54 16.75
N PRO O 135 -27.52 7.37 16.29
CA PRO O 135 -28.94 7.09 16.52
C PRO O 135 -29.41 5.90 15.69
N LYS O 136 -30.55 5.35 16.10
CA LYS O 136 -31.16 4.15 15.51
C LYS O 136 -30.20 2.97 15.48
N LYS P 31 21.32 41.24 17.68
CA LYS P 31 22.04 39.99 17.48
C LYS P 31 21.22 38.79 17.93
N ARG P 32 21.23 37.73 17.11
CA ARG P 32 20.48 36.52 17.36
C ARG P 32 21.38 35.30 17.16
N SER P 33 21.13 34.26 17.96
CA SER P 33 21.78 32.98 17.78
C SER P 33 20.89 32.08 16.92
N ARG P 34 21.50 31.40 15.96
CA ARG P 34 20.76 30.54 15.05
C ARG P 34 20.32 29.28 15.76
N LYS P 35 19.05 28.90 15.57
CA LYS P 35 18.51 27.67 16.11
C LYS P 35 18.32 26.69 14.96
N GLU P 36 18.95 25.52 15.07
CA GLU P 36 18.95 24.57 13.97
C GLU P 36 17.62 23.82 13.93
N SER P 37 17.19 23.48 12.72
CA SER P 37 15.96 22.72 12.52
C SER P 37 16.12 21.85 11.29
N TYR P 38 15.02 21.27 10.85
CA TYR P 38 14.96 20.41 9.69
C TYR P 38 14.15 21.06 8.58
N SER P 39 14.46 22.33 8.28
CA SER P 39 13.59 23.14 7.44
C SER P 39 13.63 22.70 5.98
N VAL P 40 14.77 22.93 5.32
CA VAL P 40 14.84 22.78 3.88
C VAL P 40 14.67 21.33 3.47
N TYR P 41 14.97 20.39 4.36
CA TYR P 41 14.89 18.99 3.98
C TYR P 41 13.44 18.54 3.87
N VAL P 42 12.61 18.94 4.85
CA VAL P 42 11.20 18.60 4.76
C VAL P 42 10.54 19.35 3.60
N TYR P 43 10.97 20.61 3.35
CA TYR P 43 10.38 21.32 2.20
C TYR P 43 10.72 20.63 0.88
N LYS P 44 11.99 20.24 0.70
CA LYS P 44 12.41 19.59 -0.54
C LYS P 44 11.73 18.23 -0.70
N VAL P 45 11.61 17.45 0.37
CA VAL P 45 11.01 16.15 0.19
C VAL P 45 9.51 16.27 -0.08
N LEU P 46 8.86 17.31 0.48
CA LEU P 46 7.45 17.52 0.13
C LEU P 46 7.30 17.90 -1.33
N LYS P 47 8.14 18.81 -1.82
CA LYS P 47 8.06 19.18 -3.24
C LYS P 47 8.45 18.03 -4.15
N GLN P 48 9.30 17.11 -3.68
CA GLN P 48 9.55 15.90 -4.45
C GLN P 48 8.36 14.95 -4.45
N VAL P 49 7.56 14.94 -3.38
CA VAL P 49 6.41 14.04 -3.39
C VAL P 49 5.13 14.75 -3.81
N HIS P 50 5.01 16.05 -3.52
CA HIS P 50 3.83 16.83 -3.89
C HIS P 50 4.30 18.23 -4.21
N PRO P 51 4.46 18.57 -5.50
CA PRO P 51 4.91 19.92 -5.83
C PRO P 51 3.86 20.99 -5.57
N ASP P 52 2.57 20.63 -5.63
CA ASP P 52 1.49 21.60 -5.59
C ASP P 52 0.83 21.69 -4.21
N THR P 53 1.44 21.11 -3.18
CA THR P 53 0.89 21.15 -1.83
C THR P 53 1.78 22.04 -0.96
N GLY P 54 1.16 22.95 -0.24
CA GLY P 54 1.90 23.94 0.54
C GLY P 54 2.17 23.48 1.96
N ILE P 55 2.72 24.42 2.75
CA ILE P 55 3.16 24.12 4.11
C ILE P 55 2.59 25.19 5.03
N SER P 56 2.16 24.77 6.22
CA SER P 56 1.99 25.68 7.34
C SER P 56 3.08 25.43 8.38
N SER P 57 3.41 26.48 9.14
CA SER P 57 4.57 26.44 10.02
C SER P 57 4.35 25.52 11.22
N LYS P 58 3.12 25.41 11.70
CA LYS P 58 2.87 24.51 12.82
C LYS P 58 3.02 23.05 12.37
N ALA P 59 2.57 22.74 11.15
CA ALA P 59 2.83 21.43 10.57
C ALA P 59 4.32 21.17 10.42
N MET P 60 5.07 22.24 10.15
CA MET P 60 6.51 22.12 10.00
C MET P 60 7.15 21.81 11.34
N GLY P 61 6.63 22.40 12.42
CA GLY P 61 7.08 22.03 13.75
C GLY P 61 6.73 20.58 14.10
N ILE P 62 5.57 20.11 13.64
CA ILE P 62 5.18 18.72 13.89
C ILE P 62 6.16 17.77 13.20
N MET P 63 6.54 18.06 11.96
CA MET P 63 7.55 17.24 11.27
C MET P 63 8.93 17.35 11.91
N ASN P 64 9.30 18.53 12.42
CA ASN P 64 10.55 18.65 13.16
C ASN P 64 10.55 17.73 14.37
N SER P 65 9.46 17.75 15.14
CA SER P 65 9.36 16.92 16.32
C SER P 65 9.26 15.45 15.98
N PHE P 66 8.63 15.10 14.86
CA PHE P 66 8.57 13.72 14.41
C PHE P 66 9.96 13.18 14.11
N VAL P 67 10.74 13.92 13.31
CA VAL P 67 12.02 13.38 12.89
C VAL P 67 12.97 13.32 14.08
N ASN P 68 12.88 14.31 14.98
CA ASN P 68 13.67 14.26 16.21
C ASN P 68 13.28 13.08 17.10
N ASP P 69 11.98 12.81 17.23
CA ASP P 69 11.50 11.72 18.08
C ASP P 69 11.95 10.36 17.55
N ILE P 70 11.74 10.11 16.26
CA ILE P 70 12.10 8.82 15.69
C ILE P 70 13.61 8.64 15.67
N PHE P 71 14.35 9.74 15.43
CA PHE P 71 15.80 9.69 15.49
C PHE P 71 16.30 9.29 16.87
N GLU P 72 15.74 9.89 17.93
CA GLU P 72 16.20 9.53 19.27
C GLU P 72 15.78 8.12 19.65
N ARG P 73 14.61 7.66 19.18
CA ARG P 73 14.23 6.26 19.40
C ARG P 73 15.25 5.30 18.81
N ILE P 74 15.59 5.49 17.54
CA ILE P 74 16.53 4.59 16.87
C ILE P 74 17.91 4.71 17.50
N ALA P 75 18.33 5.93 17.84
CA ALA P 75 19.64 6.16 18.41
C ALA P 75 19.80 5.50 19.78
N GLY P 76 18.79 5.64 20.64
CA GLY P 76 18.84 4.99 21.94
C GLY P 76 18.80 3.47 21.82
N GLU P 77 17.99 2.95 20.90
CA GLU P 77 17.97 1.50 20.70
C GLU P 77 19.31 1.01 20.17
N ALA P 78 19.94 1.77 19.26
CA ALA P 78 21.26 1.40 18.75
C ALA P 78 22.31 1.39 19.85
N SER P 79 22.30 2.41 20.71
CA SER P 79 23.23 2.45 21.84
C SER P 79 23.04 1.26 22.76
N ARG P 80 21.77 0.88 22.99
CA ARG P 80 21.50 -0.28 23.84
C ARG P 80 22.00 -1.56 23.19
N LEU P 81 21.81 -1.72 21.87
CA LEU P 81 22.41 -2.86 21.16
C LEU P 81 23.92 -2.88 21.25
N ALA P 82 24.58 -1.73 21.10
CA ALA P 82 26.04 -1.71 21.19
C ALA P 82 26.52 -2.12 22.57
N HIS P 83 25.82 -1.68 23.61
CA HIS P 83 26.07 -2.16 24.96
C HIS P 83 25.82 -3.67 25.05
N TYR P 84 24.79 -4.14 24.35
CA TYR P 84 24.22 -5.46 24.59
C TYR P 84 25.05 -6.57 23.96
N ASN P 85 25.53 -6.34 22.73
CA ASN P 85 26.43 -7.26 22.07
C ASN P 85 27.90 -6.92 22.32
N LYS P 86 28.16 -5.99 23.24
CA LYS P 86 29.47 -5.45 23.63
C LYS P 86 30.31 -4.98 22.44
N ARG P 87 29.68 -4.60 21.34
CA ARG P 87 30.38 -3.89 20.27
C ARG P 87 30.53 -2.43 20.63
N SER P 88 31.71 -1.88 20.40
CA SER P 88 31.94 -0.47 20.64
C SER P 88 31.50 0.41 19.47
N THR P 89 30.79 -0.14 18.51
CA THR P 89 30.44 0.58 17.28
C THR P 89 28.98 0.34 16.91
N ILE P 90 28.43 1.28 16.15
CA ILE P 90 27.11 1.16 15.53
C ILE P 90 27.31 1.17 14.02
N THR P 91 27.13 0.02 13.39
CA THR P 91 27.24 -0.07 11.94
C THR P 91 25.86 0.03 11.31
N SER P 92 25.81 -0.19 10.00
CA SER P 92 24.54 -0.35 9.32
C SER P 92 23.79 -1.58 9.81
N ARG P 93 24.52 -2.60 10.26
CA ARG P 93 23.87 -3.82 10.70
C ARG P 93 23.15 -3.62 12.03
N GLU P 94 23.68 -2.76 12.89
CA GLU P 94 23.00 -2.44 14.15
C GLU P 94 21.67 -1.76 13.90
N ILE P 95 21.63 -0.81 12.98
CA ILE P 95 20.35 -0.16 12.69
C ILE P 95 19.44 -1.11 11.90
N GLN P 96 20.01 -2.04 11.13
CA GLN P 96 19.23 -3.05 10.43
C GLN P 96 18.46 -3.91 11.44
N THR P 97 19.18 -4.36 12.46
CA THR P 97 18.59 -5.00 13.64
C THR P 97 17.57 -4.10 14.32
N ALA P 98 17.92 -2.83 14.52
CA ALA P 98 17.06 -1.92 15.29
C ALA P 98 15.80 -1.57 14.54
N VAL P 99 15.82 -1.60 13.21
CA VAL P 99 14.60 -1.23 12.51
C VAL P 99 13.67 -2.43 12.37
N ARG P 100 14.16 -3.68 12.38
CA ARG P 100 13.13 -4.68 12.71
C ARG P 100 12.75 -4.69 14.19
N LEU P 101 13.58 -4.12 15.05
CA LEU P 101 13.13 -3.98 16.44
C LEU P 101 11.98 -2.99 16.55
N LEU P 102 12.17 -1.73 16.14
CA LEU P 102 11.13 -0.73 16.39
C LEU P 102 10.15 -0.59 15.23
N LEU P 103 10.65 -0.43 14.01
CA LEU P 103 9.79 -0.19 12.87
C LEU P 103 9.08 -1.50 12.51
N PRO P 104 7.80 -1.45 12.21
CA PRO P 104 7.08 -2.67 11.86
C PRO P 104 7.18 -3.09 10.40
N GLY P 105 7.57 -4.36 10.22
CA GLY P 105 7.14 -5.16 9.08
C GLY P 105 7.47 -4.60 7.72
N GLU P 106 6.41 -4.33 6.95
CA GLU P 106 6.55 -3.77 5.60
C GLU P 106 7.22 -2.40 5.63
N LEU P 107 6.88 -1.58 6.61
CA LEU P 107 7.59 -0.32 6.80
C LEU P 107 9.06 -0.60 7.05
N ALA P 108 9.36 -1.58 7.90
CA ALA P 108 10.74 -1.93 8.21
C ALA P 108 11.44 -2.53 7.01
N LYS P 109 10.77 -3.40 6.26
CA LYS P 109 11.44 -4.05 5.13
C LYS P 109 11.66 -3.08 3.98
N HIS P 110 10.73 -2.16 3.76
CA HIS P 110 10.96 -1.09 2.80
C HIS P 110 12.09 -0.19 3.25
N ALA P 111 12.18 0.08 4.55
CA ALA P 111 13.29 0.89 5.06
C ALA P 111 14.62 0.17 4.91
N VAL P 112 14.64 -1.14 5.15
CA VAL P 112 15.86 -1.93 4.98
C VAL P 112 16.30 -1.90 3.53
N SER P 113 15.34 -2.05 2.60
CA SER P 113 15.65 -1.99 1.18
C SER P 113 16.17 -0.61 0.78
N GLU P 114 15.54 0.46 1.28
CA GLU P 114 15.97 1.81 0.98
C GLU P 114 17.39 2.05 1.48
N GLY P 115 17.67 1.63 2.72
CA GLY P 115 19.01 1.79 3.23
C GLY P 115 20.03 0.92 2.54
N THR P 116 19.62 -0.27 2.11
CA THR P 116 20.54 -1.17 1.41
C THR P 116 20.95 -0.57 0.07
N LYS P 117 19.98 -0.08 -0.70
CA LYS P 117 20.34 0.57 -1.94
C LYS P 117 21.10 1.87 -1.69
N ALA P 118 20.78 2.56 -0.59
CA ALA P 118 21.49 3.79 -0.25
C ALA P 118 22.96 3.52 0.08
N VAL P 119 23.23 2.45 0.84
CA VAL P 119 24.62 2.18 1.20
C VAL P 119 25.37 1.57 0.03
N THR P 120 24.69 0.88 -0.88
CA THR P 120 25.39 0.43 -2.07
C THR P 120 25.76 1.61 -2.97
N LYS P 121 24.86 2.61 -3.07
CA LYS P 121 25.23 3.82 -3.79
C LYS P 121 26.33 4.60 -3.07
N TYR P 122 26.34 4.57 -1.74
CA TYR P 122 27.39 5.28 -0.99
C TYR P 122 28.74 4.61 -1.16
N THR P 123 28.79 3.27 -1.10
CA THR P 123 30.05 2.57 -1.32
C THR P 123 30.48 2.65 -2.77
N SER P 124 29.53 2.80 -3.70
CA SER P 124 29.91 3.03 -5.09
C SER P 124 30.37 4.46 -5.35
N ALA P 125 30.21 5.36 -4.39
CA ALA P 125 30.64 6.75 -4.56
C ALA P 125 31.71 7.13 -3.54
N SER Q 35 -47.22 -10.81 62.87
CA SER Q 35 -48.18 -11.57 62.09
C SER Q 35 -48.96 -10.65 61.14
N GLY Q 36 -50.23 -10.43 61.45
CA GLY Q 36 -51.06 -9.56 60.66
C GLY Q 36 -51.60 -10.24 59.41
N PRO Q 37 -52.17 -9.46 58.50
CA PRO Q 37 -52.68 -10.02 57.23
C PRO Q 37 -51.54 -10.50 56.36
N PRO Q 38 -51.82 -11.41 55.42
CA PRO Q 38 -50.78 -11.85 54.48
C PRO Q 38 -50.33 -10.73 53.56
N VAL Q 39 -49.08 -10.85 53.09
CA VAL Q 39 -48.45 -9.78 52.33
C VAL Q 39 -48.98 -9.69 50.91
N SER Q 40 -49.64 -10.75 50.41
CA SER Q 40 -50.19 -10.73 49.06
C SER Q 40 -51.33 -9.71 48.94
N GLU Q 41 -52.10 -9.53 50.01
CA GLU Q 41 -53.10 -8.47 50.04
C GLU Q 41 -52.45 -7.09 49.91
N LEU Q 42 -51.30 -6.91 50.59
CA LEU Q 42 -50.54 -5.67 50.46
C LEU Q 42 -50.05 -5.47 49.02
N ILE Q 43 -49.64 -6.56 48.37
CA ILE Q 43 -49.22 -6.48 46.96
C ILE Q 43 -50.39 -6.06 46.08
N THR Q 44 -51.57 -6.63 46.31
CA THR Q 44 -52.74 -6.30 45.49
C THR Q 44 -53.18 -4.86 45.67
N LYS Q 45 -53.21 -4.38 46.92
CA LYS Q 45 -53.55 -2.97 47.12
C LYS Q 45 -52.46 -2.03 46.58
N ALA Q 46 -51.20 -2.43 46.65
CA ALA Q 46 -50.13 -1.59 46.12
C ALA Q 46 -50.20 -1.49 44.60
N VAL Q 47 -50.56 -2.59 43.93
CA VAL Q 47 -50.65 -2.53 42.47
C VAL Q 47 -51.96 -1.89 42.02
N ALA Q 48 -53.01 -1.96 42.84
CA ALA Q 48 -54.26 -1.31 42.50
C ALA Q 48 -54.30 0.17 42.87
N ALA Q 49 -53.36 0.64 43.69
CA ALA Q 49 -53.36 2.04 44.09
C ALA Q 49 -52.97 2.96 42.94
N SER Q 50 -52.09 2.50 42.05
CA SER Q 50 -51.51 3.37 41.03
C SER Q 50 -52.33 3.40 39.75
N LYS Q 51 -52.49 2.24 39.10
CA LYS Q 51 -53.23 2.09 37.84
C LYS Q 51 -52.68 2.99 36.73
N GLU Q 52 -51.44 2.74 36.37
CA GLU Q 52 -50.84 3.37 35.19
C GLU Q 52 -51.41 2.72 33.93
N ARG Q 53 -51.31 3.45 32.81
CA ARG Q 53 -51.74 2.90 31.52
C ARG Q 53 -50.94 1.66 31.13
N SER Q 54 -49.66 1.62 31.49
CA SER Q 54 -48.83 0.44 31.34
C SER Q 54 -48.69 -0.27 32.68
N GLY Q 55 -47.98 -1.39 32.67
CA GLY Q 55 -47.79 -2.15 33.88
C GLY Q 55 -46.86 -1.46 34.86
N VAL Q 56 -46.93 -1.92 36.12
CA VAL Q 56 -46.10 -1.40 37.20
C VAL Q 56 -44.92 -2.34 37.37
N SER Q 57 -43.71 -1.80 37.29
CA SER Q 57 -42.53 -2.61 37.50
C SER Q 57 -42.27 -2.78 38.99
N LEU Q 58 -41.17 -3.46 39.31
CA LEU Q 58 -40.89 -3.81 40.70
C LEU Q 58 -40.44 -2.61 41.53
N ALA Q 59 -39.93 -1.55 40.89
CA ALA Q 59 -39.46 -0.39 41.64
C ALA Q 59 -40.61 0.34 42.33
N ALA Q 60 -41.66 0.66 41.58
CA ALA Q 60 -42.81 1.33 42.15
C ALA Q 60 -43.55 0.44 43.12
N LEU Q 61 -43.59 -0.86 42.86
CA LEU Q 61 -44.22 -1.81 43.78
C LEU Q 61 -43.47 -1.86 45.11
N LYS Q 62 -42.15 -1.98 45.06
CA LYS Q 62 -41.38 -2.10 46.30
C LYS Q 62 -41.38 -0.79 47.07
N LYS Q 63 -41.45 0.36 46.39
CA LYS Q 63 -41.57 1.61 47.12
C LYS Q 63 -42.99 1.87 47.61
N ALA Q 64 -44.01 1.29 46.97
CA ALA Q 64 -45.34 1.31 47.55
C ALA Q 64 -45.41 0.49 48.83
N LEU Q 65 -44.74 -0.67 48.85
CA LEU Q 65 -44.65 -1.44 50.09
C LEU Q 65 -43.80 -0.73 51.14
N ALA Q 66 -42.76 -0.01 50.71
CA ALA Q 66 -41.97 0.78 51.65
C ALA Q 66 -42.81 1.91 52.25
N ALA Q 67 -43.64 2.56 51.44
CA ALA Q 67 -44.53 3.60 51.96
C ALA Q 67 -45.59 3.02 52.89
N ALA Q 68 -46.15 1.86 52.54
CA ALA Q 68 -47.11 1.20 53.42
C ALA Q 68 -46.42 0.63 54.66
N GLY Q 69 -45.16 0.25 54.54
CA GLY Q 69 -44.40 -0.29 55.65
C GLY Q 69 -44.15 -1.78 55.51
N TYR Q 70 -42.97 -2.14 55.03
CA TYR Q 70 -42.61 -3.53 54.83
C TYR Q 70 -41.09 -3.66 54.75
N ASP Q 71 -40.57 -4.77 55.25
CA ASP Q 71 -39.15 -5.08 55.18
C ASP Q 71 -38.88 -5.66 53.79
N VAL Q 72 -38.73 -4.76 52.82
CA VAL Q 72 -38.53 -5.17 51.43
C VAL Q 72 -37.14 -5.73 51.21
N GLU Q 73 -36.18 -5.42 52.08
CA GLU Q 73 -34.82 -5.91 51.91
C GLU Q 73 -34.69 -7.37 52.32
N LYS Q 74 -35.42 -7.79 53.35
CA LYS Q 74 -35.30 -9.14 53.91
C LYS Q 74 -36.32 -10.11 53.32
N ASN Q 75 -37.27 -9.63 52.52
CA ASN Q 75 -38.34 -10.47 52.02
C ASN Q 75 -38.38 -10.46 50.49
N ASN Q 76 -37.20 -10.49 49.87
CA ASN Q 76 -37.14 -10.61 48.41
C ASN Q 76 -37.69 -11.95 47.95
N SER Q 77 -37.34 -13.04 48.65
CA SER Q 77 -37.87 -14.35 48.29
C SER Q 77 -39.37 -14.44 48.58
N ARG Q 78 -39.82 -13.79 49.64
CA ARG Q 78 -41.25 -13.82 49.97
C ARG Q 78 -42.07 -13.07 48.94
N ILE Q 79 -41.60 -11.90 48.47
CA ILE Q 79 -42.34 -11.21 47.43
C ILE Q 79 -42.16 -11.90 46.08
N LYS Q 80 -41.07 -12.64 45.89
CA LYS Q 80 -40.92 -13.44 44.67
C LYS Q 80 -41.94 -14.58 44.61
N LEU Q 81 -42.11 -15.29 45.74
CA LEU Q 81 -43.11 -16.35 45.77
C LEU Q 81 -44.52 -15.77 45.74
N GLY Q 82 -44.72 -14.58 46.29
CA GLY Q 82 -46.00 -13.91 46.13
C GLY Q 82 -46.31 -13.54 44.69
N LEU Q 83 -45.30 -13.04 43.96
CA LEU Q 83 -45.47 -12.75 42.54
C LEU Q 83 -45.76 -14.02 41.75
N LYS Q 84 -45.05 -15.11 42.05
CA LYS Q 84 -45.30 -16.37 41.37
C LYS Q 84 -46.71 -16.89 41.66
N SER Q 85 -47.16 -16.76 42.90
CA SER Q 85 -48.50 -17.18 43.26
C SER Q 85 -49.57 -16.36 42.56
N LEU Q 86 -49.38 -15.03 42.48
CA LEU Q 86 -50.42 -14.19 41.89
C LEU Q 86 -50.44 -14.30 40.36
N VAL Q 87 -49.28 -14.46 39.73
CA VAL Q 87 -49.26 -14.66 38.28
C VAL Q 87 -49.80 -16.04 37.93
N SER Q 88 -49.43 -17.07 38.71
CA SER Q 88 -49.78 -18.44 38.35
C SER Q 88 -51.27 -18.73 38.56
N LYS Q 89 -51.86 -18.18 39.62
CA LYS Q 89 -53.25 -18.51 39.94
C LYS Q 89 -54.23 -17.80 39.01
N GLY Q 90 -53.84 -16.68 38.42
CA GLY Q 90 -54.62 -16.05 37.38
C GLY Q 90 -55.48 -14.87 37.81
N THR Q 91 -55.40 -14.45 39.06
CA THR Q 91 -56.16 -13.26 39.48
C THR Q 91 -55.57 -11.99 38.89
N LEU Q 92 -54.27 -12.00 38.60
CA LEU Q 92 -53.58 -10.86 38.03
C LEU Q 92 -52.90 -11.27 36.74
N VAL Q 93 -52.82 -10.34 35.79
CA VAL Q 93 -52.24 -10.60 34.48
C VAL Q 93 -50.96 -9.77 34.33
N GLN Q 94 -49.96 -10.36 33.69
CA GLN Q 94 -48.72 -9.66 33.42
C GLN Q 94 -48.89 -8.80 32.17
N THR Q 95 -48.38 -7.58 32.23
CA THR Q 95 -48.57 -6.62 31.15
C THR Q 95 -47.74 -6.98 29.92
N LYS Q 96 -46.42 -7.03 30.07
CA LYS Q 96 -45.54 -7.27 28.92
C LYS Q 96 -44.37 -8.21 29.25
N GLY Q 97 -43.94 -8.30 30.49
CA GLY Q 97 -42.79 -9.11 30.85
C GLY Q 97 -43.08 -10.60 30.85
N THR Q 98 -42.11 -11.36 31.34
CA THR Q 98 -42.19 -12.81 31.42
C THR Q 98 -41.94 -13.27 32.84
N GLY Q 99 -42.87 -14.02 33.41
CA GLY Q 99 -42.72 -14.51 34.77
C GLY Q 99 -42.84 -13.39 35.77
N ALA Q 100 -41.99 -13.43 36.81
CA ALA Q 100 -41.90 -12.33 37.74
C ALA Q 100 -41.12 -11.15 37.17
N SER Q 101 -40.41 -11.36 36.06
CA SER Q 101 -39.73 -10.27 35.39
C SER Q 101 -40.71 -9.45 34.56
N GLY Q 102 -40.50 -8.13 34.55
CA GLY Q 102 -41.36 -7.26 33.79
C GLY Q 102 -42.28 -6.42 34.63
N SER Q 103 -43.48 -6.14 34.11
CA SER Q 103 -44.43 -5.28 34.78
C SER Q 103 -45.82 -5.89 34.71
N PHE Q 104 -46.67 -5.48 35.66
CA PHE Q 104 -47.94 -6.16 35.92
C PHE Q 104 -49.08 -5.15 35.98
N LYS Q 105 -50.25 -5.57 35.49
CA LYS Q 105 -51.48 -4.78 35.57
C LYS Q 105 -52.60 -5.68 36.11
N LEU Q 106 -53.77 -5.09 36.31
CA LEU Q 106 -54.92 -5.86 36.76
C LEU Q 106 -55.57 -6.58 35.58
N ASN Q 107 -56.30 -7.64 35.89
CA ASN Q 107 -57.00 -8.42 34.89
C ASN Q 107 -58.23 -7.66 34.36
N LYS Q 108 -58.95 -8.31 33.44
CA LYS Q 108 -60.10 -7.68 32.80
C LYS Q 108 -61.26 -7.49 33.78
N LYS Q 109 -61.52 -8.47 34.64
CA LYS Q 109 -62.52 -8.33 35.70
C LYS Q 109 -61.95 -8.76 37.04
#